data_1OEJ
# 
_entry.id   1OEJ 
# 
_audit_conform.dict_name       mmcif_pdbx.dic 
_audit_conform.dict_version    5.398 
_audit_conform.dict_location   http://mmcif.pdb.org/dictionaries/ascii/mmcif_pdbx.dic 
# 
loop_
_database_2.database_id 
_database_2.database_code 
_database_2.pdbx_database_accession 
_database_2.pdbx_DOI 
PDB   1OEJ         pdb_00001oej 10.2210/pdb1oej/pdb 
PDBE  EBI-12470    ?            ?                   
WWPDB D_1290012470 ?            ?                   
# 
loop_
_pdbx_audit_revision_history.ordinal 
_pdbx_audit_revision_history.data_content_type 
_pdbx_audit_revision_history.major_revision 
_pdbx_audit_revision_history.minor_revision 
_pdbx_audit_revision_history.revision_date 
1 'Structure model' 1 0 2003-08-15 
2 'Structure model' 1 1 2011-05-08 
3 'Structure model' 1 2 2011-07-13 
4 'Structure model' 1 3 2023-12-13 
5 'Structure model' 1 4 2024-11-06 
# 
_pdbx_audit_revision_details.ordinal             1 
_pdbx_audit_revision_details.revision_ordinal    1 
_pdbx_audit_revision_details.data_content_type   'Structure model' 
_pdbx_audit_revision_details.provider            repository 
_pdbx_audit_revision_details.type                'Initial release' 
_pdbx_audit_revision_details.description         ? 
_pdbx_audit_revision_details.details             ? 
# 
loop_
_pdbx_audit_revision_group.ordinal 
_pdbx_audit_revision_group.revision_ordinal 
_pdbx_audit_revision_group.data_content_type 
_pdbx_audit_revision_group.group 
1 2 'Structure model' 'Version format compliance' 
2 3 'Structure model' 'Version format compliance' 
3 4 'Structure model' 'Data collection'           
4 4 'Structure model' 'Database references'       
5 4 'Structure model' 'Derived calculations'      
6 4 'Structure model' Other                       
7 4 'Structure model' 'Refinement description'    
8 5 'Structure model' 'Structure summary'         
# 
loop_
_pdbx_audit_revision_category.ordinal 
_pdbx_audit_revision_category.revision_ordinal 
_pdbx_audit_revision_category.data_content_type 
_pdbx_audit_revision_category.category 
1 4 'Structure model' chem_comp_atom                
2 4 'Structure model' chem_comp_bond                
3 4 'Structure model' database_2                    
4 4 'Structure model' pdbx_database_status          
5 4 'Structure model' pdbx_initial_refinement_model 
6 4 'Structure model' struct_conn                   
7 5 'Structure model' pdbx_entry_details            
8 5 'Structure model' pdbx_modification_feature     
# 
loop_
_pdbx_audit_revision_item.ordinal 
_pdbx_audit_revision_item.revision_ordinal 
_pdbx_audit_revision_item.data_content_type 
_pdbx_audit_revision_item.item 
1  4 'Structure model' '_database_2.pdbx_DOI'                         
2  4 'Structure model' '_database_2.pdbx_database_accession'          
3  4 'Structure model' '_pdbx_database_status.status_code_sf'         
4  4 'Structure model' '_struct_conn.ptnr1_auth_comp_id'              
5  4 'Structure model' '_struct_conn.ptnr1_auth_seq_id'               
6  4 'Structure model' '_struct_conn.ptnr1_label_asym_id'             
7  4 'Structure model' '_struct_conn.ptnr1_label_atom_id'             
8  4 'Structure model' '_struct_conn.ptnr1_label_comp_id'             
9  4 'Structure model' '_struct_conn.ptnr1_label_seq_id'              
10 4 'Structure model' '_struct_conn.ptnr2_auth_comp_id'              
11 4 'Structure model' '_struct_conn.ptnr2_auth_seq_id'               
12 4 'Structure model' '_struct_conn.ptnr2_label_asym_id'             
13 4 'Structure model' '_struct_conn.ptnr2_label_atom_id'             
14 4 'Structure model' '_struct_conn.ptnr2_label_comp_id'             
15 4 'Structure model' '_struct_conn.ptnr2_label_seq_id'              
16 5 'Structure model' '_pdbx_entry_details.has_protein_modification' 
# 
_pdbx_database_status.status_code                     REL 
_pdbx_database_status.entry_id                        1OEJ 
_pdbx_database_status.deposit_site                    PDBE 
_pdbx_database_status.process_site                    PDBE 
_pdbx_database_status.SG_entry                        . 
_pdbx_database_status.recvd_initial_deposition_date   2003-03-27 
_pdbx_database_status.pdb_format_compatible           Y 
_pdbx_database_status.status_code_sf                  REL 
_pdbx_database_status.status_code_mr                  ? 
_pdbx_database_status.status_code_cs                  ? 
_pdbx_database_status.methods_development_category    ? 
_pdbx_database_status.status_code_nmr_data            ? 
# 
loop_
_pdbx_database_related.db_name 
_pdbx_database_related.db_id 
_pdbx_database_related.content_type 
_pdbx_database_related.details 
PDB 1OEE unspecified 'YODA FROM ESCHERICHIA COLI CRYSTALLISED WITH CADMIUM IONS' 
PDB 1OEK unspecified 'YODA FROM ESCHERICHIA COLI CRYSTALLISED WITH ZINC IONS'    
# 
loop_
_audit_author.name 
_audit_author.pdbx_ordinal 
'David, G.'         1 
'Blondeau, K.'      2 
'Renouard, M.'      3 
'Penel, S.'         4 
'Lewit-Bentley, A.' 5 
# 
_citation.id                        primary 
_citation.title                     'Yoda from Escherichia Coli is a Metal-Binding, Lipocalin-Like Protein' 
_citation.journal_abbrev            J.Biol.Chem. 
_citation.journal_volume            278 
_citation.page_first                43728 
_citation.page_last                 ? 
_citation.year                      2003 
_citation.journal_id_ASTM           JBCHA3 
_citation.country                   US 
_citation.journal_id_ISSN           0021-9258 
_citation.journal_id_CSD            0071 
_citation.book_publisher            ? 
_citation.pdbx_database_id_PubMed   12909634 
_citation.pdbx_database_id_DOI      10.1074/JBC.M304484200 
# 
loop_
_citation_author.citation_id 
_citation_author.name 
_citation_author.ordinal 
_citation_author.identifier_ORCID 
primary 'David, G.'         1 ? 
primary 'Blondeau, K.'      2 ? 
primary 'Schiltz, M.'       3 ? 
primary 'Penel, S.'         4 ? 
primary 'Lewit-Bentley, A.' 5 ? 
# 
loop_
_entity.id 
_entity.type 
_entity.src_method 
_entity.pdbx_description 
_entity.formula_weight 
_entity.pdbx_number_of_molecules 
_entity.pdbx_ec 
_entity.pdbx_mutation 
_entity.pdbx_fragment 
_entity.details 
1 polymer     nat 'HYPOTHETICAL PROTEIN YODA' 22373.879 1   ? ? ? ? 
2 non-polymer syn 'NICKEL (II) ION'           58.693    1   ? ? ? ? 
3 water       nat water                       18.015    101 ? ? ? ? 
# 
_entity_poly.entity_id                      1 
_entity_poly.type                           'polypeptide(L)' 
_entity_poly.nstd_linkage                   no 
_entity_poly.nstd_monomer                   no 
_entity_poly.pdbx_seq_one_letter_code       
;HGHHSHGKPLTEVEQKAANGVFDDANVQNRTLSDWDGVWQSVYPLLQSGKLDPVFQKKADADKTKTFAEIKDYYHKGYAT
DIEMIGIEDGIVEFHRNNETTSCKYDYDGYKILTYKSGKKGVRYLFECKDPESKAPKYIQFSDHIIAPRKSSHFHIFMGN
DSQQSLLNEMENWPTYYPYQLSSEEVVEEMMSH
;
_entity_poly.pdbx_seq_one_letter_code_can   
;HGHHSHGKPLTEVEQKAANGVFDDANVQNRTLSDWDGVWQSVYPLLQSGKLDPVFQKKADADKTKTFAEIKDYYHKGYAT
DIEMIGIEDGIVEFHRNNETTSCKYDYDGYKILTYKSGKKGVRYLFECKDPESKAPKYIQFSDHIIAPRKSSHFHIFMGN
DSQQSLLNEMENWPTYYPYQLSSEEVVEEMMSH
;
_entity_poly.pdbx_strand_id                 A 
_entity_poly.pdbx_target_identifier         ? 
# 
loop_
_pdbx_entity_nonpoly.entity_id 
_pdbx_entity_nonpoly.name 
_pdbx_entity_nonpoly.comp_id 
2 'NICKEL (II) ION' NI  
3 water             HOH 
# 
loop_
_entity_poly_seq.entity_id 
_entity_poly_seq.num 
_entity_poly_seq.mon_id 
_entity_poly_seq.hetero 
1 1   HIS n 
1 2   GLY n 
1 3   HIS n 
1 4   HIS n 
1 5   SER n 
1 6   HIS n 
1 7   GLY n 
1 8   LYS n 
1 9   PRO n 
1 10  LEU n 
1 11  THR n 
1 12  GLU n 
1 13  VAL n 
1 14  GLU n 
1 15  GLN n 
1 16  LYS n 
1 17  ALA n 
1 18  ALA n 
1 19  ASN n 
1 20  GLY n 
1 21  VAL n 
1 22  PHE n 
1 23  ASP n 
1 24  ASP n 
1 25  ALA n 
1 26  ASN n 
1 27  VAL n 
1 28  GLN n 
1 29  ASN n 
1 30  ARG n 
1 31  THR n 
1 32  LEU n 
1 33  SER n 
1 34  ASP n 
1 35  TRP n 
1 36  ASP n 
1 37  GLY n 
1 38  VAL n 
1 39  TRP n 
1 40  GLN n 
1 41  SER n 
1 42  VAL n 
1 43  TYR n 
1 44  PRO n 
1 45  LEU n 
1 46  LEU n 
1 47  GLN n 
1 48  SER n 
1 49  GLY n 
1 50  LYS n 
1 51  LEU n 
1 52  ASP n 
1 53  PRO n 
1 54  VAL n 
1 55  PHE n 
1 56  GLN n 
1 57  LYS n 
1 58  LYS n 
1 59  ALA n 
1 60  ASP n 
1 61  ALA n 
1 62  ASP n 
1 63  LYS n 
1 64  THR n 
1 65  LYS n 
1 66  THR n 
1 67  PHE n 
1 68  ALA n 
1 69  GLU n 
1 70  ILE n 
1 71  LYS n 
1 72  ASP n 
1 73  TYR n 
1 74  TYR n 
1 75  HIS n 
1 76  LYS n 
1 77  GLY n 
1 78  TYR n 
1 79  ALA n 
1 80  THR n 
1 81  ASP n 
1 82  ILE n 
1 83  GLU n 
1 84  MET n 
1 85  ILE n 
1 86  GLY n 
1 87  ILE n 
1 88  GLU n 
1 89  ASP n 
1 90  GLY n 
1 91  ILE n 
1 92  VAL n 
1 93  GLU n 
1 94  PHE n 
1 95  HIS n 
1 96  ARG n 
1 97  ASN n 
1 98  ASN n 
1 99  GLU n 
1 100 THR n 
1 101 THR n 
1 102 SER n 
1 103 CYS n 
1 104 LYS n 
1 105 TYR n 
1 106 ASP n 
1 107 TYR n 
1 108 ASP n 
1 109 GLY n 
1 110 TYR n 
1 111 LYS n 
1 112 ILE n 
1 113 LEU n 
1 114 THR n 
1 115 TYR n 
1 116 LYS n 
1 117 SER n 
1 118 GLY n 
1 119 LYS n 
1 120 LYS n 
1 121 GLY n 
1 122 VAL n 
1 123 ARG n 
1 124 TYR n 
1 125 LEU n 
1 126 PHE n 
1 127 GLU n 
1 128 CYS n 
1 129 LYS n 
1 130 ASP n 
1 131 PRO n 
1 132 GLU n 
1 133 SER n 
1 134 LYS n 
1 135 ALA n 
1 136 PRO n 
1 137 LYS n 
1 138 TYR n 
1 139 ILE n 
1 140 GLN n 
1 141 PHE n 
1 142 SER n 
1 143 ASP n 
1 144 HIS n 
1 145 ILE n 
1 146 ILE n 
1 147 ALA n 
1 148 PRO n 
1 149 ARG n 
1 150 LYS n 
1 151 SER n 
1 152 SER n 
1 153 HIS n 
1 154 PHE n 
1 155 HIS n 
1 156 ILE n 
1 157 PHE n 
1 158 MET n 
1 159 GLY n 
1 160 ASN n 
1 161 ASP n 
1 162 SER n 
1 163 GLN n 
1 164 GLN n 
1 165 SER n 
1 166 LEU n 
1 167 LEU n 
1 168 ASN n 
1 169 GLU n 
1 170 MET n 
1 171 GLU n 
1 172 ASN n 
1 173 TRP n 
1 174 PRO n 
1 175 THR n 
1 176 TYR n 
1 177 TYR n 
1 178 PRO n 
1 179 TYR n 
1 180 GLN n 
1 181 LEU n 
1 182 SER n 
1 183 SER n 
1 184 GLU n 
1 185 GLU n 
1 186 VAL n 
1 187 VAL n 
1 188 GLU n 
1 189 GLU n 
1 190 MET n 
1 191 MET n 
1 192 SER n 
1 193 HIS n 
# 
_entity_src_nat.entity_id                  1 
_entity_src_nat.pdbx_src_id                1 
_entity_src_nat.pdbx_alt_source_flag       sample 
_entity_src_nat.pdbx_beg_seq_num           ? 
_entity_src_nat.pdbx_end_seq_num           ? 
_entity_src_nat.common_name                ? 
_entity_src_nat.pdbx_organism_scientific   'ESCHERICHIA COLI' 
_entity_src_nat.pdbx_ncbi_taxonomy_id      562 
_entity_src_nat.genus                      ? 
_entity_src_nat.species                    ? 
_entity_src_nat.strain                     ? 
_entity_src_nat.tissue                     ? 
_entity_src_nat.tissue_fraction            ? 
_entity_src_nat.pdbx_secretion             ? 
_entity_src_nat.pdbx_fragment              ? 
_entity_src_nat.pdbx_variant               ? 
_entity_src_nat.pdbx_cell_line             ? 
_entity_src_nat.pdbx_atcc                  ? 
_entity_src_nat.pdbx_cellular_location     ? 
_entity_src_nat.pdbx_organ                 ? 
_entity_src_nat.pdbx_organelle             ? 
_entity_src_nat.pdbx_cell                  ? 
_entity_src_nat.pdbx_plasmid_name          ? 
_entity_src_nat.pdbx_plasmid_details       ? 
_entity_src_nat.details                    ? 
# 
loop_
_chem_comp.id 
_chem_comp.type 
_chem_comp.mon_nstd_flag 
_chem_comp.name 
_chem_comp.pdbx_synonyms 
_chem_comp.formula 
_chem_comp.formula_weight 
ALA 'L-peptide linking' y ALANINE           ? 'C3 H7 N O2'     89.093  
ARG 'L-peptide linking' y ARGININE          ? 'C6 H15 N4 O2 1' 175.209 
ASN 'L-peptide linking' y ASPARAGINE        ? 'C4 H8 N2 O3'    132.118 
ASP 'L-peptide linking' y 'ASPARTIC ACID'   ? 'C4 H7 N O4'     133.103 
CYS 'L-peptide linking' y CYSTEINE          ? 'C3 H7 N O2 S'   121.158 
GLN 'L-peptide linking' y GLUTAMINE         ? 'C5 H10 N2 O3'   146.144 
GLU 'L-peptide linking' y 'GLUTAMIC ACID'   ? 'C5 H9 N O4'     147.129 
GLY 'peptide linking'   y GLYCINE           ? 'C2 H5 N O2'     75.067  
HIS 'L-peptide linking' y HISTIDINE         ? 'C6 H10 N3 O2 1' 156.162 
HOH non-polymer         . WATER             ? 'H2 O'           18.015  
ILE 'L-peptide linking' y ISOLEUCINE        ? 'C6 H13 N O2'    131.173 
LEU 'L-peptide linking' y LEUCINE           ? 'C6 H13 N O2'    131.173 
LYS 'L-peptide linking' y LYSINE            ? 'C6 H15 N2 O2 1' 147.195 
MET 'L-peptide linking' y METHIONINE        ? 'C5 H11 N O2 S'  149.211 
NI  non-polymer         . 'NICKEL (II) ION' ? 'Ni 2'           58.693  
PHE 'L-peptide linking' y PHENYLALANINE     ? 'C9 H11 N O2'    165.189 
PRO 'L-peptide linking' y PROLINE           ? 'C5 H9 N O2'     115.130 
SER 'L-peptide linking' y SERINE            ? 'C3 H7 N O3'     105.093 
THR 'L-peptide linking' y THREONINE         ? 'C4 H9 N O3'     119.119 
TRP 'L-peptide linking' y TRYPTOPHAN        ? 'C11 H12 N2 O2'  204.225 
TYR 'L-peptide linking' y TYROSINE          ? 'C9 H11 N O3'    181.189 
VAL 'L-peptide linking' y VALINE            ? 'C5 H11 N O2'    117.146 
# 
loop_
_pdbx_poly_seq_scheme.asym_id 
_pdbx_poly_seq_scheme.entity_id 
_pdbx_poly_seq_scheme.seq_id 
_pdbx_poly_seq_scheme.mon_id 
_pdbx_poly_seq_scheme.ndb_seq_num 
_pdbx_poly_seq_scheme.pdb_seq_num 
_pdbx_poly_seq_scheme.auth_seq_num 
_pdbx_poly_seq_scheme.pdb_mon_id 
_pdbx_poly_seq_scheme.auth_mon_id 
_pdbx_poly_seq_scheme.pdb_strand_id 
_pdbx_poly_seq_scheme.pdb_ins_code 
_pdbx_poly_seq_scheme.hetero 
A 1 1   HIS 1   1   ?   ?   ?   A . n 
A 1 2   GLY 2   2   ?   ?   ?   A . n 
A 1 3   HIS 3   3   ?   ?   ?   A . n 
A 1 4   HIS 4   4   ?   ?   ?   A . n 
A 1 5   SER 5   5   ?   ?   ?   A . n 
A 1 6   HIS 6   6   ?   ?   ?   A . n 
A 1 7   GLY 7   7   7   GLY GLY A . n 
A 1 8   LYS 8   8   8   LYS LYS A . n 
A 1 9   PRO 9   9   9   PRO PRO A . n 
A 1 10  LEU 10  10  10  LEU LEU A . n 
A 1 11  THR 11  11  11  THR THR A . n 
A 1 12  GLU 12  12  12  GLU GLU A . n 
A 1 13  VAL 13  13  13  VAL VAL A . n 
A 1 14  GLU 14  14  14  GLU GLU A . n 
A 1 15  GLN 15  15  15  GLN GLN A . n 
A 1 16  LYS 16  16  16  LYS LYS A . n 
A 1 17  ALA 17  17  17  ALA ALA A . n 
A 1 18  ALA 18  18  18  ALA ALA A . n 
A 1 19  ASN 19  19  19  ASN ASN A . n 
A 1 20  GLY 20  20  20  GLY GLY A . n 
A 1 21  VAL 21  21  21  VAL VAL A . n 
A 1 22  PHE 22  22  22  PHE PHE A . n 
A 1 23  ASP 23  23  23  ASP ASP A . n 
A 1 24  ASP 24  24  24  ASP ASP A . n 
A 1 25  ALA 25  25  25  ALA ALA A . n 
A 1 26  ASN 26  26  26  ASN ASN A . n 
A 1 27  VAL 27  27  27  VAL VAL A . n 
A 1 28  GLN 28  28  28  GLN GLN A . n 
A 1 29  ASN 29  29  29  ASN ASN A . n 
A 1 30  ARG 30  30  30  ARG ARG A . n 
A 1 31  THR 31  31  31  THR THR A . n 
A 1 32  LEU 32  32  32  LEU LEU A . n 
A 1 33  SER 33  33  33  SER SER A . n 
A 1 34  ASP 34  34  34  ASP ASP A . n 
A 1 35  TRP 35  35  35  TRP TRP A . n 
A 1 36  ASP 36  36  36  ASP ASP A . n 
A 1 37  GLY 37  37  37  GLY GLY A . n 
A 1 38  VAL 38  38  38  VAL VAL A . n 
A 1 39  TRP 39  39  39  TRP TRP A . n 
A 1 40  GLN 40  40  40  GLN GLN A . n 
A 1 41  SER 41  41  41  SER SER A . n 
A 1 42  VAL 42  42  42  VAL VAL A . n 
A 1 43  TYR 43  43  43  TYR TYR A . n 
A 1 44  PRO 44  44  44  PRO PRO A . n 
A 1 45  LEU 45  45  45  LEU LEU A . n 
A 1 46  LEU 46  46  46  LEU LEU A . n 
A 1 47  GLN 47  47  47  GLN GLN A . n 
A 1 48  SER 48  48  48  SER SER A . n 
A 1 49  GLY 49  49  49  GLY GLY A . n 
A 1 50  LYS 50  50  50  LYS LYS A . n 
A 1 51  LEU 51  51  51  LEU LEU A . n 
A 1 52  ASP 52  52  52  ASP ASP A . n 
A 1 53  PRO 53  53  53  PRO PRO A . n 
A 1 54  VAL 54  54  54  VAL VAL A . n 
A 1 55  PHE 55  55  55  PHE PHE A . n 
A 1 56  GLN 56  56  56  GLN GLN A . n 
A 1 57  LYS 57  57  57  LYS LYS A . n 
A 1 58  LYS 58  58  58  LYS LYS A . n 
A 1 59  ALA 59  59  59  ALA ALA A . n 
A 1 60  ASP 60  60  60  ASP ASP A . n 
A 1 61  ALA 61  61  61  ALA ALA A . n 
A 1 62  ASP 62  62  62  ASP ASP A . n 
A 1 63  LYS 63  63  63  LYS LYS A . n 
A 1 64  THR 64  64  64  THR THR A . n 
A 1 65  LYS 65  65  65  LYS LYS A . n 
A 1 66  THR 66  66  66  THR THR A . n 
A 1 67  PHE 67  67  67  PHE PHE A . n 
A 1 68  ALA 68  68  68  ALA ALA A . n 
A 1 69  GLU 69  69  69  GLU GLU A . n 
A 1 70  ILE 70  70  70  ILE ILE A . n 
A 1 71  LYS 71  71  71  LYS LYS A . n 
A 1 72  ASP 72  72  72  ASP ASP A . n 
A 1 73  TYR 73  73  73  TYR TYR A . n 
A 1 74  TYR 74  74  74  TYR TYR A . n 
A 1 75  HIS 75  75  75  HIS HIS A . n 
A 1 76  LYS 76  76  76  LYS LYS A . n 
A 1 77  GLY 77  77  77  GLY GLY A . n 
A 1 78  TYR 78  78  78  TYR TYR A . n 
A 1 79  ALA 79  79  79  ALA ALA A . n 
A 1 80  THR 80  80  80  THR THR A . n 
A 1 81  ASP 81  81  81  ASP ASP A . n 
A 1 82  ILE 82  82  82  ILE ILE A . n 
A 1 83  GLU 83  83  83  GLU GLU A . n 
A 1 84  MET 84  84  84  MET MET A . n 
A 1 85  ILE 85  85  85  ILE ILE A . n 
A 1 86  GLY 86  86  86  GLY GLY A . n 
A 1 87  ILE 87  87  87  ILE ILE A . n 
A 1 88  GLU 88  88  88  GLU GLU A . n 
A 1 89  ASP 89  89  89  ASP ASP A . n 
A 1 90  GLY 90  90  90  GLY GLY A . n 
A 1 91  ILE 91  91  91  ILE ILE A . n 
A 1 92  VAL 92  92  92  VAL VAL A . n 
A 1 93  GLU 93  93  93  GLU GLU A . n 
A 1 94  PHE 94  94  94  PHE PHE A . n 
A 1 95  HIS 95  95  95  HIS HIS A . n 
A 1 96  ARG 96  96  96  ARG ARG A . n 
A 1 97  ASN 97  97  97  ASN ASN A . n 
A 1 98  ASN 98  98  98  ASN ASN A . n 
A 1 99  GLU 99  99  99  GLU GLU A . n 
A 1 100 THR 100 100 100 THR THR A . n 
A 1 101 THR 101 101 101 THR THR A . n 
A 1 102 SER 102 102 102 SER SER A . n 
A 1 103 CYS 103 103 103 CYS CYS A . n 
A 1 104 LYS 104 104 104 LYS LYS A . n 
A 1 105 TYR 105 105 105 TYR TYR A . n 
A 1 106 ASP 106 106 106 ASP ASP A . n 
A 1 107 TYR 107 107 107 TYR TYR A . n 
A 1 108 ASP 108 108 108 ASP ASP A . n 
A 1 109 GLY 109 109 109 GLY GLY A . n 
A 1 110 TYR 110 110 110 TYR TYR A . n 
A 1 111 LYS 111 111 111 LYS LYS A . n 
A 1 112 ILE 112 112 112 ILE ILE A . n 
A 1 113 LEU 113 113 113 LEU LEU A . n 
A 1 114 THR 114 114 114 THR THR A . n 
A 1 115 TYR 115 115 115 TYR TYR A . n 
A 1 116 LYS 116 116 116 LYS LYS A . n 
A 1 117 SER 117 117 117 SER SER A . n 
A 1 118 GLY 118 118 118 GLY GLY A . n 
A 1 119 LYS 119 119 119 LYS LYS A . n 
A 1 120 LYS 120 120 120 LYS LYS A . n 
A 1 121 GLY 121 121 121 GLY GLY A . n 
A 1 122 VAL 122 122 122 VAL VAL A . n 
A 1 123 ARG 123 123 123 ARG ARG A . n 
A 1 124 TYR 124 124 124 TYR TYR A . n 
A 1 125 LEU 125 125 125 LEU LEU A . n 
A 1 126 PHE 126 126 126 PHE PHE A . n 
A 1 127 GLU 127 127 127 GLU GLU A . n 
A 1 128 CYS 128 128 128 CYS CYS A . n 
A 1 129 LYS 129 129 129 LYS LYS A . n 
A 1 130 ASP 130 130 130 ASP ASP A . n 
A 1 131 PRO 131 131 131 PRO PRO A . n 
A 1 132 GLU 132 132 132 GLU GLU A . n 
A 1 133 SER 133 133 133 SER SER A . n 
A 1 134 LYS 134 134 134 LYS LYS A . n 
A 1 135 ALA 135 135 135 ALA ALA A . n 
A 1 136 PRO 136 136 136 PRO PRO A . n 
A 1 137 LYS 137 137 137 LYS LYS A . n 
A 1 138 TYR 138 138 138 TYR TYR A . n 
A 1 139 ILE 139 139 139 ILE ILE A . n 
A 1 140 GLN 140 140 140 GLN GLN A . n 
A 1 141 PHE 141 141 141 PHE PHE A . n 
A 1 142 SER 142 142 142 SER SER A . n 
A 1 143 ASP 143 143 143 ASP ASP A . n 
A 1 144 HIS 144 144 144 HIS HIS A . n 
A 1 145 ILE 145 145 145 ILE ILE A . n 
A 1 146 ILE 146 146 146 ILE ILE A . n 
A 1 147 ALA 147 147 147 ALA ALA A . n 
A 1 148 PRO 148 148 148 PRO PRO A . n 
A 1 149 ARG 149 149 149 ARG ARG A . n 
A 1 150 LYS 150 150 150 LYS LYS A . n 
A 1 151 SER 151 151 151 SER SER A . n 
A 1 152 SER 152 152 152 SER SER A . n 
A 1 153 HIS 153 153 153 HIS HIS A . n 
A 1 154 PHE 154 154 154 PHE PHE A . n 
A 1 155 HIS 155 155 155 HIS HIS A . n 
A 1 156 ILE 156 156 156 ILE ILE A . n 
A 1 157 PHE 157 157 157 PHE PHE A . n 
A 1 158 MET 158 158 158 MET MET A . n 
A 1 159 GLY 159 159 159 GLY GLY A . n 
A 1 160 ASN 160 160 160 ASN ASN A . n 
A 1 161 ASP 161 161 161 ASP ASP A . n 
A 1 162 SER 162 162 162 SER SER A . n 
A 1 163 GLN 163 163 163 GLN GLN A . n 
A 1 164 GLN 164 164 164 GLN GLN A . n 
A 1 165 SER 165 165 165 SER SER A . n 
A 1 166 LEU 166 166 166 LEU LEU A . n 
A 1 167 LEU 167 167 167 LEU LEU A . n 
A 1 168 ASN 168 168 168 ASN ASN A . n 
A 1 169 GLU 169 169 169 GLU GLU A . n 
A 1 170 MET 170 170 170 MET MET A . n 
A 1 171 GLU 171 171 171 GLU GLU A . n 
A 1 172 ASN 172 172 172 ASN ASN A . n 
A 1 173 TRP 173 173 173 TRP TRP A . n 
A 1 174 PRO 174 174 174 PRO PRO A . n 
A 1 175 THR 175 175 175 THR THR A . n 
A 1 176 TYR 176 176 176 TYR TYR A . n 
A 1 177 TYR 177 177 177 TYR TYR A . n 
A 1 178 PRO 178 178 178 PRO PRO A . n 
A 1 179 TYR 179 179 179 TYR TYR A . n 
A 1 180 GLN 180 180 180 GLN GLN A . n 
A 1 181 LEU 181 181 181 LEU LEU A . n 
A 1 182 SER 182 182 182 SER SER A . n 
A 1 183 SER 183 183 183 SER SER A . n 
A 1 184 GLU 184 184 184 GLU GLU A . n 
A 1 185 GLU 185 185 185 GLU GLU A . n 
A 1 186 VAL 186 186 186 VAL VAL A . n 
A 1 187 VAL 187 187 187 VAL VAL A . n 
A 1 188 GLU 188 188 188 GLU GLU A . n 
A 1 189 GLU 189 189 189 GLU GLU A . n 
A 1 190 MET 190 190 190 MET MET A . n 
A 1 191 MET 191 191 191 MET MET A . n 
A 1 192 SER 192 192 192 SER SER A . n 
A 1 193 HIS 193 193 193 HIS HIS A . n 
# 
loop_
_pdbx_nonpoly_scheme.asym_id 
_pdbx_nonpoly_scheme.entity_id 
_pdbx_nonpoly_scheme.mon_id 
_pdbx_nonpoly_scheme.ndb_seq_num 
_pdbx_nonpoly_scheme.pdb_seq_num 
_pdbx_nonpoly_scheme.auth_seq_num 
_pdbx_nonpoly_scheme.pdb_mon_id 
_pdbx_nonpoly_scheme.auth_mon_id 
_pdbx_nonpoly_scheme.pdb_strand_id 
_pdbx_nonpoly_scheme.pdb_ins_code 
B 2 NI  1   1194 1194 NI  NI  A . 
C 3 HOH 1   2001 2001 HOH HOH A . 
C 3 HOH 2   2002 2002 HOH HOH A . 
C 3 HOH 3   2003 2003 HOH HOH A . 
C 3 HOH 4   2004 2004 HOH HOH A . 
C 3 HOH 5   2005 2005 HOH HOH A . 
C 3 HOH 6   2006 2006 HOH HOH A . 
C 3 HOH 7   2007 2007 HOH HOH A . 
C 3 HOH 8   2008 2008 HOH HOH A . 
C 3 HOH 9   2009 2009 HOH HOH A . 
C 3 HOH 10  2010 2010 HOH HOH A . 
C 3 HOH 11  2011 2011 HOH HOH A . 
C 3 HOH 12  2012 2012 HOH HOH A . 
C 3 HOH 13  2013 2013 HOH HOH A . 
C 3 HOH 14  2014 2014 HOH HOH A . 
C 3 HOH 15  2015 2015 HOH HOH A . 
C 3 HOH 16  2016 2016 HOH HOH A . 
C 3 HOH 17  2017 2017 HOH HOH A . 
C 3 HOH 18  2018 2018 HOH HOH A . 
C 3 HOH 19  2019 2019 HOH HOH A . 
C 3 HOH 20  2020 2020 HOH HOH A . 
C 3 HOH 21  2021 2021 HOH HOH A . 
C 3 HOH 22  2022 2022 HOH HOH A . 
C 3 HOH 23  2023 2023 HOH HOH A . 
C 3 HOH 24  2024 2024 HOH HOH A . 
C 3 HOH 25  2025 2025 HOH HOH A . 
C 3 HOH 26  2026 2026 HOH HOH A . 
C 3 HOH 27  2027 2027 HOH HOH A . 
C 3 HOH 28  2028 2028 HOH HOH A . 
C 3 HOH 29  2029 2029 HOH HOH A . 
C 3 HOH 30  2030 2030 HOH HOH A . 
C 3 HOH 31  2031 2031 HOH HOH A . 
C 3 HOH 32  2032 2032 HOH HOH A . 
C 3 HOH 33  2033 2033 HOH HOH A . 
C 3 HOH 34  2034 2034 HOH HOH A . 
C 3 HOH 35  2035 2035 HOH HOH A . 
C 3 HOH 36  2036 2036 HOH HOH A . 
C 3 HOH 37  2037 2037 HOH HOH A . 
C 3 HOH 38  2038 2038 HOH HOH A . 
C 3 HOH 39  2039 2039 HOH HOH A . 
C 3 HOH 40  2040 2040 HOH HOH A . 
C 3 HOH 41  2041 2041 HOH HOH A . 
C 3 HOH 42  2042 2042 HOH HOH A . 
C 3 HOH 43  2043 2043 HOH HOH A . 
C 3 HOH 44  2044 2044 HOH HOH A . 
C 3 HOH 45  2045 2045 HOH HOH A . 
C 3 HOH 46  2046 2046 HOH HOH A . 
C 3 HOH 47  2047 2047 HOH HOH A . 
C 3 HOH 48  2048 2048 HOH HOH A . 
C 3 HOH 49  2049 2049 HOH HOH A . 
C 3 HOH 50  2050 2050 HOH HOH A . 
C 3 HOH 51  2051 2051 HOH HOH A . 
C 3 HOH 52  2052 2052 HOH HOH A . 
C 3 HOH 53  2053 2053 HOH HOH A . 
C 3 HOH 54  2054 2054 HOH HOH A . 
C 3 HOH 55  2055 2055 HOH HOH A . 
C 3 HOH 56  2056 2056 HOH HOH A . 
C 3 HOH 57  2057 2057 HOH HOH A . 
C 3 HOH 58  2058 2058 HOH HOH A . 
C 3 HOH 59  2059 2059 HOH HOH A . 
C 3 HOH 60  2060 2060 HOH HOH A . 
C 3 HOH 61  2061 2061 HOH HOH A . 
C 3 HOH 62  2062 2062 HOH HOH A . 
C 3 HOH 63  2063 2063 HOH HOH A . 
C 3 HOH 64  2064 2064 HOH HOH A . 
C 3 HOH 65  2065 2065 HOH HOH A . 
C 3 HOH 66  2066 2066 HOH HOH A . 
C 3 HOH 67  2067 2067 HOH HOH A . 
C 3 HOH 68  2068 2068 HOH HOH A . 
C 3 HOH 69  2069 2069 HOH HOH A . 
C 3 HOH 70  2070 2070 HOH HOH A . 
C 3 HOH 71  2071 2071 HOH HOH A . 
C 3 HOH 72  2072 2072 HOH HOH A . 
C 3 HOH 73  2073 2073 HOH HOH A . 
C 3 HOH 74  2074 2074 HOH HOH A . 
C 3 HOH 75  2075 2075 HOH HOH A . 
C 3 HOH 76  2076 2076 HOH HOH A . 
C 3 HOH 77  2077 2077 HOH HOH A . 
C 3 HOH 78  2078 2078 HOH HOH A . 
C 3 HOH 79  2079 2079 HOH HOH A . 
C 3 HOH 80  2080 2080 HOH HOH A . 
C 3 HOH 81  2081 2081 HOH HOH A . 
C 3 HOH 82  2082 2082 HOH HOH A . 
C 3 HOH 83  2083 2083 HOH HOH A . 
C 3 HOH 84  2084 2084 HOH HOH A . 
C 3 HOH 85  2085 2085 HOH HOH A . 
C 3 HOH 86  2086 2086 HOH HOH A . 
C 3 HOH 87  2087 2087 HOH HOH A . 
C 3 HOH 88  2088 2088 HOH HOH A . 
C 3 HOH 89  2089 2089 HOH HOH A . 
C 3 HOH 90  2090 2090 HOH HOH A . 
C 3 HOH 91  2091 2091 HOH HOH A . 
C 3 HOH 92  2092 2092 HOH HOH A . 
C 3 HOH 93  2093 2093 HOH HOH A . 
C 3 HOH 94  2094 2094 HOH HOH A . 
C 3 HOH 95  2095 2095 HOH HOH A . 
C 3 HOH 96  2096 2096 HOH HOH A . 
C 3 HOH 97  2097 2097 HOH HOH A . 
C 3 HOH 98  2098 2098 HOH HOH A . 
C 3 HOH 99  2099 2099 HOH HOH A . 
C 3 HOH 100 2100 2100 HOH HOH A . 
C 3 HOH 101 2101 2101 HOH HOH A . 
# 
loop_
_software.name 
_software.classification 
_software.version 
_software.citation_id 
_software.pdbx_ordinal 
MOSFLM 'data reduction' . ? 1 
SCALA  'data scaling'   . ? 2 
AMoRE  phasing          . ? 3 
CCP4   phasing          . ? 4 
REFMAC refinement       . ? 5 
# 
_cell.entry_id           1OEJ 
_cell.length_a           40.348 
_cell.length_b           64.558 
_cell.length_c           41.499 
_cell.angle_alpha        90.00 
_cell.angle_beta         117.83 
_cell.angle_gamma        90.00 
_cell.Z_PDB              2 
_cell.pdbx_unique_axis   ? 
# 
_symmetry.entry_id                         1OEJ 
_symmetry.space_group_name_H-M             'P 1 21 1' 
_symmetry.pdbx_full_space_group_name_H-M   ? 
_symmetry.cell_setting                     ? 
_symmetry.Int_Tables_number                4 
# 
_exptl.entry_id          1OEJ 
_exptl.method            'X-RAY DIFFRACTION' 
_exptl.crystals_number   1 
# 
_exptl_crystal.id                    1 
_exptl_crystal.density_meas          ? 
_exptl_crystal.density_Matthews      2.17 
_exptl_crystal.density_percent_sol   43 
_exptl_crystal.description           ? 
# 
_exptl_crystal_grow.crystal_id      1 
_exptl_crystal_grow.method          ? 
_exptl_crystal_grow.temp            ? 
_exptl_crystal_grow.temp_details    ? 
_exptl_crystal_grow.pH              6.50 
_exptl_crystal_grow.pdbx_pH_range   ? 
_exptl_crystal_grow.pdbx_details    '10 MG/ML PROTEIN, 30% PEG 10000, 100 MM SODIUM CACODYLATE, PH = 6.5 200 MM SODIUM ACETATE' 
# 
_diffrn.id                     1 
_diffrn.ambient_temp           100.0 
_diffrn.ambient_temp_details   ? 
_diffrn.crystal_id             1 
# 
_diffrn_detector.diffrn_id              1 
_diffrn_detector.detector               CCD 
_diffrn_detector.type                   MARRESEARCH 
_diffrn_detector.pdbx_collection_date   2001-02-15 
_diffrn_detector.details                MIRRORS 
# 
_diffrn_radiation.diffrn_id                        1 
_diffrn_radiation.wavelength_id                    1 
_diffrn_radiation.pdbx_monochromatic_or_laue_m_l   M 
_diffrn_radiation.monochromator                    'SI 111' 
_diffrn_radiation.pdbx_diffrn_protocol             'SINGLE WAVELENGTH' 
_diffrn_radiation.pdbx_scattering_type             x-ray 
# 
_diffrn_radiation_wavelength.id           1 
_diffrn_radiation_wavelength.wavelength   1.3 
_diffrn_radiation_wavelength.wt           1.0 
# 
_diffrn_source.diffrn_id                   1 
_diffrn_source.source                      SYNCHROTRON 
_diffrn_source.type                        'SRS BEAMLINE PX9.5' 
_diffrn_source.pdbx_synchrotron_site       SRS 
_diffrn_source.pdbx_synchrotron_beamline   PX9.5 
_diffrn_source.pdbx_wavelength             1.3 
_diffrn_source.pdbx_wavelength_list        ? 
# 
_reflns.pdbx_diffrn_id               1 
_reflns.pdbx_ordinal                 1 
_reflns.entry_id                     1OEJ 
_reflns.observed_criterion_sigma_I   ? 
_reflns.observed_criterion_sigma_F   ? 
_reflns.d_resolution_low             14.920 
_reflns.d_resolution_high            1.810 
_reflns.number_obs                   6027 
_reflns.number_all                   ? 
_reflns.percent_possible_obs         74.5 
_reflns.pdbx_Rmerge_I_obs            0.06000 
_reflns.pdbx_Rsym_value              ? 
_reflns.pdbx_netI_over_sigmaI        10.5000 
_reflns.B_iso_Wilson_estimate        20.107 
_reflns.pdbx_redundancy              1.600 
# 
_reflns_shell.pdbx_diffrn_id         1 
_reflns_shell.pdbx_ordinal           1 
_reflns_shell.d_res_high             1.81 
_reflns_shell.d_res_low              1.91 
_reflns_shell.percent_possible_all   69.7 
_reflns_shell.Rmerge_I_obs           0.58800 
_reflns_shell.pdbx_Rsym_value        ? 
_reflns_shell.meanI_over_sigI_obs    1.600 
_reflns_shell.pdbx_redundancy        1.60 
# 
_refine.pdbx_refine_id                           'X-RAY DIFFRACTION' 
_refine.entry_id                                 1OEJ 
_refine.pdbx_diffrn_id                           1 
_refine.pdbx_TLS_residual_ADP_flag               ? 
_refine.ls_number_reflns_obs                     12128 
_refine.ls_number_reflns_all                     ? 
_refine.pdbx_ls_sigma_I                          ? 
_refine.pdbx_ls_sigma_F                          ? 
_refine.pdbx_data_cutoff_high_absF               ? 
_refine.pdbx_data_cutoff_low_absF                ? 
_refine.pdbx_data_cutoff_high_rms_absF           ? 
_refine.ls_d_res_low                             36.76 
_refine.ls_d_res_high                            1.81 
_refine.ls_percent_reflns_obs                    74.27 
_refine.ls_R_factor_obs                          0.18371 
_refine.ls_R_factor_all                          ? 
_refine.ls_R_factor_R_work                       0.180 
_refine.ls_R_factor_R_free                       0.25226 
_refine.ls_R_factor_R_free_error                 ? 
_refine.ls_R_factor_R_free_error_details         ? 
_refine.ls_percent_reflns_R_free                 5.1 
_refine.ls_number_reflns_R_free                  653 
_refine.ls_number_parameters                     ? 
_refine.ls_number_restraints                     ? 
_refine.occupancy_min                            ? 
_refine.occupancy_max                            ? 
_refine.correlation_coeff_Fo_to_Fc               ? 
_refine.correlation_coeff_Fo_to_Fc_free          ? 
_refine.B_iso_mean                               27.508 
_refine.aniso_B[1][1]                            -0.45 
_refine.aniso_B[2][2]                            0.83 
_refine.aniso_B[3][3]                            -0.87 
_refine.aniso_B[1][2]                            0.00 
_refine.aniso_B[1][3]                            -0.52 
_refine.aniso_B[2][3]                            0.00 
_refine.solvent_model_details                    ? 
_refine.solvent_model_param_ksol                 ? 
_refine.solvent_model_param_bsol                 ? 
_refine.pdbx_solvent_vdw_probe_radii             ? 
_refine.pdbx_solvent_ion_probe_radii             ? 
_refine.pdbx_solvent_shrinkage_radii             ? 
_refine.pdbx_ls_cross_valid_method               THROUGHOUT 
_refine.details                                  
'HYDROGENS HAVE BEEN ADDED IN THE RIDING POSITIONS. THE FIRST 6 RESIDUES AT THE N-TERMINUS ARE DISORDERED' 
_refine.pdbx_starting_model                      'PDB ENTRY 1OEE' 
_refine.pdbx_method_to_determine_struct          'MOLECULAR REPLACEMENT' 
_refine.pdbx_isotropic_thermal_model             ? 
_refine.pdbx_stereochemistry_target_values       ? 
_refine.pdbx_stereochem_target_val_spec_case     ? 
_refine.pdbx_R_Free_selection_details            RANDOM 
_refine.pdbx_overall_ESU_R                       0.199 
_refine.pdbx_overall_ESU_R_Free                  0.189 
_refine.overall_SU_ML                            0.138 
_refine.pdbx_overall_phase_error                 ? 
_refine.overall_SU_B                             4.702 
_refine.overall_SU_R_Cruickshank_DPI             ? 
_refine.pdbx_overall_SU_R_free_Cruickshank_DPI   ? 
_refine.pdbx_overall_SU_R_Blow_DPI               ? 
_refine.pdbx_overall_SU_R_free_Blow_DPI          ? 
# 
_refine_hist.pdbx_refine_id                   'X-RAY DIFFRACTION' 
_refine_hist.cycle_id                         LAST 
_refine_hist.pdbx_number_atoms_protein        1526 
_refine_hist.pdbx_number_atoms_nucleic_acid   0 
_refine_hist.pdbx_number_atoms_ligand         1 
_refine_hist.number_atoms_solvent             101 
_refine_hist.number_atoms_total               1628 
_refine_hist.d_res_high                       1.81 
_refine_hist.d_res_low                        36.76 
# 
_struct.entry_id                  1OEJ 
_struct.title                     'YodA from Escherichia coli crystallised with no added ions' 
_struct.pdbx_model_details        ? 
_struct.pdbx_CASP_flag            ? 
_struct.pdbx_model_type_details   ? 
# 
_struct_keywords.entry_id        1OEJ 
_struct_keywords.pdbx_keywords   'STRESS PROTEIN/LIPOCALIN' 
_struct_keywords.text            'STRESS PROTEIN/LIPOCALIN, STRESS PROTEIN, LIPOCALIN, YODA, STRESS PROTEIN-LIPOCALIN complex' 
# 
loop_
_struct_asym.id 
_struct_asym.pdbx_blank_PDB_chainid_flag 
_struct_asym.pdbx_modified 
_struct_asym.entity_id 
_struct_asym.details 
A N N 1 ? 
B N N 2 ? 
C N N 3 ? 
# 
_struct_ref.id                         1 
_struct_ref.db_name                    UNP 
_struct_ref.db_code                    YODA_ECOLI 
_struct_ref.entity_id                  1 
_struct_ref.pdbx_seq_one_letter_code   ? 
_struct_ref.pdbx_align_begin           ? 
_struct_ref.pdbx_db_accession          P76344 
_struct_ref.pdbx_db_isoform            ? 
# 
_struct_ref_seq.align_id                      1 
_struct_ref_seq.ref_id                        1 
_struct_ref_seq.pdbx_PDB_id_code              1OEJ 
_struct_ref_seq.pdbx_strand_id                A 
_struct_ref_seq.seq_align_beg                 1 
_struct_ref_seq.pdbx_seq_align_beg_ins_code   ? 
_struct_ref_seq.seq_align_end                 193 
_struct_ref_seq.pdbx_seq_align_end_ins_code   ? 
_struct_ref_seq.pdbx_db_accession             P76344 
_struct_ref_seq.db_align_beg                  24 
_struct_ref_seq.pdbx_db_align_beg_ins_code    ? 
_struct_ref_seq.db_align_end                  216 
_struct_ref_seq.pdbx_db_align_end_ins_code    ? 
_struct_ref_seq.pdbx_auth_seq_align_beg       1 
_struct_ref_seq.pdbx_auth_seq_align_end       193 
# 
_pdbx_struct_assembly.id                   1 
_pdbx_struct_assembly.details              author_and_software_defined_assembly 
_pdbx_struct_assembly.method_details       PQS 
_pdbx_struct_assembly.oligomeric_details   monomeric 
_pdbx_struct_assembly.oligomeric_count     1 
# 
_pdbx_struct_assembly_gen.assembly_id       1 
_pdbx_struct_assembly_gen.oper_expression   1 
_pdbx_struct_assembly_gen.asym_id_list      A,B,C 
# 
_pdbx_struct_oper_list.id                   1 
_pdbx_struct_oper_list.type                 'identity operation' 
_pdbx_struct_oper_list.name                 1_555 
_pdbx_struct_oper_list.symmetry_operation   x,y,z 
_pdbx_struct_oper_list.matrix[1][1]         1.0000000000 
_pdbx_struct_oper_list.matrix[1][2]         0.0000000000 
_pdbx_struct_oper_list.matrix[1][3]         0.0000000000 
_pdbx_struct_oper_list.vector[1]            0.0000000000 
_pdbx_struct_oper_list.matrix[2][1]         0.0000000000 
_pdbx_struct_oper_list.matrix[2][2]         1.0000000000 
_pdbx_struct_oper_list.matrix[2][3]         0.0000000000 
_pdbx_struct_oper_list.vector[2]            0.0000000000 
_pdbx_struct_oper_list.matrix[3][1]         0.0000000000 
_pdbx_struct_oper_list.matrix[3][2]         0.0000000000 
_pdbx_struct_oper_list.matrix[3][3]         1.0000000000 
_pdbx_struct_oper_list.vector[3]            0.0000000000 
# 
_struct_biol.id   1 
# 
loop_
_struct_conf.conf_type_id 
_struct_conf.id 
_struct_conf.pdbx_PDB_helix_id 
_struct_conf.beg_label_comp_id 
_struct_conf.beg_label_asym_id 
_struct_conf.beg_label_seq_id 
_struct_conf.pdbx_beg_PDB_ins_code 
_struct_conf.end_label_comp_id 
_struct_conf.end_label_asym_id 
_struct_conf.end_label_seq_id 
_struct_conf.pdbx_end_PDB_ins_code 
_struct_conf.beg_auth_comp_id 
_struct_conf.beg_auth_asym_id 
_struct_conf.beg_auth_seq_id 
_struct_conf.end_auth_comp_id 
_struct_conf.end_auth_asym_id 
_struct_conf.end_auth_seq_id 
_struct_conf.pdbx_PDB_helix_class 
_struct_conf.details 
_struct_conf.pdbx_PDB_helix_length 
HELX_P HELX_P1 1 THR A 11  ? ASN A 19  ? THR A 11  ASN A 19  1 ? 9  
HELX_P HELX_P2 2 ASP A 23  ? VAL A 27  ? ASP A 23  VAL A 27  5 ? 5  
HELX_P HELX_P3 3 THR A 31  ? ASP A 36  ? THR A 31  ASP A 36  5 ? 6  
HELX_P HELX_P4 4 VAL A 42  ? SER A 48  ? VAL A 42  SER A 48  1 ? 7  
HELX_P HELX_P5 5 LEU A 51  ? ASP A 62  ? LEU A 51  ASP A 62  1 ? 12 
HELX_P HELX_P6 6 THR A 66  ? ALA A 79  ? THR A 66  ALA A 79  1 ? 14 
HELX_P HELX_P7 7 SER A 162 ? GLU A 169 ? SER A 162 GLU A 169 1 ? 8  
HELX_P HELX_P8 8 SER A 182 ? SER A 192 ? SER A 182 SER A 192 1 ? 11 
# 
_struct_conf_type.id          HELX_P 
_struct_conf_type.criteria    ? 
_struct_conf_type.reference   ? 
# 
loop_
_struct_conn.id 
_struct_conn.conn_type_id 
_struct_conn.pdbx_leaving_atom_flag 
_struct_conn.pdbx_PDB_id 
_struct_conn.ptnr1_label_asym_id 
_struct_conn.ptnr1_label_comp_id 
_struct_conn.ptnr1_label_seq_id 
_struct_conn.ptnr1_label_atom_id 
_struct_conn.pdbx_ptnr1_label_alt_id 
_struct_conn.pdbx_ptnr1_PDB_ins_code 
_struct_conn.pdbx_ptnr1_standard_comp_id 
_struct_conn.ptnr1_symmetry 
_struct_conn.ptnr2_label_asym_id 
_struct_conn.ptnr2_label_comp_id 
_struct_conn.ptnr2_label_seq_id 
_struct_conn.ptnr2_label_atom_id 
_struct_conn.pdbx_ptnr2_label_alt_id 
_struct_conn.pdbx_ptnr2_PDB_ins_code 
_struct_conn.ptnr1_auth_asym_id 
_struct_conn.ptnr1_auth_comp_id 
_struct_conn.ptnr1_auth_seq_id 
_struct_conn.ptnr2_auth_asym_id 
_struct_conn.ptnr2_auth_comp_id 
_struct_conn.ptnr2_auth_seq_id 
_struct_conn.ptnr2_symmetry 
_struct_conn.pdbx_ptnr3_label_atom_id 
_struct_conn.pdbx_ptnr3_label_seq_id 
_struct_conn.pdbx_ptnr3_label_comp_id 
_struct_conn.pdbx_ptnr3_label_asym_id 
_struct_conn.pdbx_ptnr3_label_alt_id 
_struct_conn.pdbx_ptnr3_PDB_ins_code 
_struct_conn.details 
_struct_conn.pdbx_dist_value 
_struct_conn.pdbx_value_order 
_struct_conn.pdbx_role 
disulf1 disulf ? ? A CYS 103 SG  ? ? ? 1_555 A CYS 128 SG ? ? A CYS 103  A CYS 128  1_555 ? ? ? ? ? ? ? 2.002 ? ? 
metalc1 metalc ? ? A HIS 144 NE2 ? ? ? 1_555 B NI  .   NI ? ? A HIS 144  A NI  1194 1_555 ? ? ? ? ? ? ? 2.256 ? ? 
metalc2 metalc ? ? A HIS 153 NE2 ? ? ? 1_555 B NI  .   NI ? ? A HIS 153  A NI  1194 1_555 ? ? ? ? ? ? ? 2.256 ? ? 
metalc3 metalc ? ? A HIS 155 NE2 ? ? ? 1_555 B NI  .   NI ? ? A HIS 155  A NI  1194 1_555 ? ? ? ? ? ? ? 2.160 ? ? 
metalc4 metalc ? ? B NI  .   NI  ? ? ? 1_555 C HOH .   O  ? ? A NI  1194 A HOH 2091 1_555 ? ? ? ? ? ? ? 2.501 ? ? 
# 
loop_
_struct_conn_type.id 
_struct_conn_type.criteria 
_struct_conn_type.reference 
disulf ? ? 
metalc ? ? 
# 
loop_
_pdbx_struct_conn_angle.id 
_pdbx_struct_conn_angle.ptnr1_label_atom_id 
_pdbx_struct_conn_angle.ptnr1_label_alt_id 
_pdbx_struct_conn_angle.ptnr1_label_asym_id 
_pdbx_struct_conn_angle.ptnr1_label_comp_id 
_pdbx_struct_conn_angle.ptnr1_label_seq_id 
_pdbx_struct_conn_angle.ptnr1_auth_atom_id 
_pdbx_struct_conn_angle.ptnr1_auth_asym_id 
_pdbx_struct_conn_angle.ptnr1_auth_comp_id 
_pdbx_struct_conn_angle.ptnr1_auth_seq_id 
_pdbx_struct_conn_angle.ptnr1_PDB_ins_code 
_pdbx_struct_conn_angle.ptnr1_symmetry 
_pdbx_struct_conn_angle.ptnr2_label_atom_id 
_pdbx_struct_conn_angle.ptnr2_label_alt_id 
_pdbx_struct_conn_angle.ptnr2_label_asym_id 
_pdbx_struct_conn_angle.ptnr2_label_comp_id 
_pdbx_struct_conn_angle.ptnr2_label_seq_id 
_pdbx_struct_conn_angle.ptnr2_auth_atom_id 
_pdbx_struct_conn_angle.ptnr2_auth_asym_id 
_pdbx_struct_conn_angle.ptnr2_auth_comp_id 
_pdbx_struct_conn_angle.ptnr2_auth_seq_id 
_pdbx_struct_conn_angle.ptnr2_PDB_ins_code 
_pdbx_struct_conn_angle.ptnr2_symmetry 
_pdbx_struct_conn_angle.ptnr3_label_atom_id 
_pdbx_struct_conn_angle.ptnr3_label_alt_id 
_pdbx_struct_conn_angle.ptnr3_label_asym_id 
_pdbx_struct_conn_angle.ptnr3_label_comp_id 
_pdbx_struct_conn_angle.ptnr3_label_seq_id 
_pdbx_struct_conn_angle.ptnr3_auth_atom_id 
_pdbx_struct_conn_angle.ptnr3_auth_asym_id 
_pdbx_struct_conn_angle.ptnr3_auth_comp_id 
_pdbx_struct_conn_angle.ptnr3_auth_seq_id 
_pdbx_struct_conn_angle.ptnr3_PDB_ins_code 
_pdbx_struct_conn_angle.ptnr3_symmetry 
_pdbx_struct_conn_angle.value 
_pdbx_struct_conn_angle.value_esd 
1 NE2 ? A HIS 144 ? A HIS 144 ? 1_555 NI ? B NI . ? A NI 1194 ? 1_555 NE2 ? A HIS 153 ? A HIS 153  ? 1_555 99.9  ? 
2 NE2 ? A HIS 144 ? A HIS 144 ? 1_555 NI ? B NI . ? A NI 1194 ? 1_555 NE2 ? A HIS 155 ? A HIS 155  ? 1_555 102.2 ? 
3 NE2 ? A HIS 153 ? A HIS 153 ? 1_555 NI ? B NI . ? A NI 1194 ? 1_555 NE2 ? A HIS 155 ? A HIS 155  ? 1_555 109.8 ? 
4 NE2 ? A HIS 144 ? A HIS 144 ? 1_555 NI ? B NI . ? A NI 1194 ? 1_555 O   ? C HOH .   ? A HOH 2091 ? 1_555 127.1 ? 
5 NE2 ? A HIS 153 ? A HIS 153 ? 1_555 NI ? B NI . ? A NI 1194 ? 1_555 O   ? C HOH .   ? A HOH 2091 ? 1_555 118.8 ? 
6 NE2 ? A HIS 155 ? A HIS 155 ? 1_555 NI ? B NI . ? A NI 1194 ? 1_555 O   ? C HOH .   ? A HOH 2091 ? 1_555 97.1  ? 
# 
_pdbx_modification_feature.ordinal                            1 
_pdbx_modification_feature.label_comp_id                      CYS 
_pdbx_modification_feature.label_asym_id                      A 
_pdbx_modification_feature.label_seq_id                       103 
_pdbx_modification_feature.label_alt_id                       ? 
_pdbx_modification_feature.modified_residue_label_comp_id     CYS 
_pdbx_modification_feature.modified_residue_label_asym_id     A 
_pdbx_modification_feature.modified_residue_label_seq_id      128 
_pdbx_modification_feature.modified_residue_label_alt_id      ? 
_pdbx_modification_feature.auth_comp_id                       CYS 
_pdbx_modification_feature.auth_asym_id                       A 
_pdbx_modification_feature.auth_seq_id                        103 
_pdbx_modification_feature.PDB_ins_code                       ? 
_pdbx_modification_feature.symmetry                           1_555 
_pdbx_modification_feature.modified_residue_auth_comp_id      CYS 
_pdbx_modification_feature.modified_residue_auth_asym_id      A 
_pdbx_modification_feature.modified_residue_auth_seq_id       128 
_pdbx_modification_feature.modified_residue_PDB_ins_code      ? 
_pdbx_modification_feature.modified_residue_symmetry          1_555 
_pdbx_modification_feature.comp_id_linking_atom               SG 
_pdbx_modification_feature.modified_residue_id_linking_atom   SG 
_pdbx_modification_feature.modified_residue_id                . 
_pdbx_modification_feature.ref_pcm_id                         . 
_pdbx_modification_feature.ref_comp_id                        . 
_pdbx_modification_feature.type                               None 
_pdbx_modification_feature.category                           'Disulfide bridge' 
# 
_struct_sheet.id               AA 
_struct_sheet.type             ? 
_struct_sheet.number_strands   9 
_struct_sheet.details          ? 
# 
loop_
_struct_sheet_order.sheet_id 
_struct_sheet_order.range_id_1 
_struct_sheet_order.range_id_2 
_struct_sheet_order.offset 
_struct_sheet_order.sense 
AA 1 2 ? anti-parallel 
AA 2 3 ? anti-parallel 
AA 3 4 ? anti-parallel 
AA 4 5 ? anti-parallel 
AA 5 6 ? anti-parallel 
AA 6 7 ? anti-parallel 
AA 7 8 ? anti-parallel 
AA 8 9 ? anti-parallel 
# 
loop_
_struct_sheet_range.sheet_id 
_struct_sheet_range.id 
_struct_sheet_range.beg_label_comp_id 
_struct_sheet_range.beg_label_asym_id 
_struct_sheet_range.beg_label_seq_id 
_struct_sheet_range.pdbx_beg_PDB_ins_code 
_struct_sheet_range.end_label_comp_id 
_struct_sheet_range.end_label_asym_id 
_struct_sheet_range.end_label_seq_id 
_struct_sheet_range.pdbx_end_PDB_ins_code 
_struct_sheet_range.beg_auth_comp_id 
_struct_sheet_range.beg_auth_asym_id 
_struct_sheet_range.beg_auth_seq_id 
_struct_sheet_range.end_auth_comp_id 
_struct_sheet_range.end_auth_asym_id 
_struct_sheet_range.end_auth_seq_id 
AA 1 GLU A 99  ? LYS A 104 ? GLU A 99  LYS A 104 
AA 2 ILE A 91  ? ARG A 96  ? ILE A 91  ARG A 96  
AA 3 MET A 84  ? GLU A 88  ? MET A 84  GLU A 88  
AA 4 GLY A 37  ? SER A 41  ? GLY A 37  SER A 41  
AA 5 THR A 175 ? PRO A 178 ? THR A 175 PRO A 178 
AA 6 PHE A 154 ? GLY A 159 ? PHE A 154 GLY A 159 
AA 7 TYR A 138 ? SER A 142 ? TYR A 138 SER A 142 
AA 8 LYS A 120 ? GLU A 127 ? LYS A 120 GLU A 127 
AA 9 ASP A 106 ? THR A 114 ? ASP A 106 THR A 114 
# 
loop_
_pdbx_struct_sheet_hbond.sheet_id 
_pdbx_struct_sheet_hbond.range_id_1 
_pdbx_struct_sheet_hbond.range_id_2 
_pdbx_struct_sheet_hbond.range_1_label_atom_id 
_pdbx_struct_sheet_hbond.range_1_label_comp_id 
_pdbx_struct_sheet_hbond.range_1_label_asym_id 
_pdbx_struct_sheet_hbond.range_1_label_seq_id 
_pdbx_struct_sheet_hbond.range_1_PDB_ins_code 
_pdbx_struct_sheet_hbond.range_1_auth_atom_id 
_pdbx_struct_sheet_hbond.range_1_auth_comp_id 
_pdbx_struct_sheet_hbond.range_1_auth_asym_id 
_pdbx_struct_sheet_hbond.range_1_auth_seq_id 
_pdbx_struct_sheet_hbond.range_2_label_atom_id 
_pdbx_struct_sheet_hbond.range_2_label_comp_id 
_pdbx_struct_sheet_hbond.range_2_label_asym_id 
_pdbx_struct_sheet_hbond.range_2_label_seq_id 
_pdbx_struct_sheet_hbond.range_2_PDB_ins_code 
_pdbx_struct_sheet_hbond.range_2_auth_atom_id 
_pdbx_struct_sheet_hbond.range_2_auth_comp_id 
_pdbx_struct_sheet_hbond.range_2_auth_asym_id 
_pdbx_struct_sheet_hbond.range_2_auth_seq_id 
AA 1 2 N CYS A 103 ? N CYS A 103 O VAL A 92  ? O VAL A 92  
AA 2 3 N HIS A 95  ? N HIS A 95  O MET A 84  ? O MET A 84  
AA 3 4 N ILE A 87  ? N ILE A 87  O GLY A 37  ? O GLY A 37  
AA 4 5 N GLN A 40  ? N GLN A 40  O TYR A 177 ? O TYR A 177 
AA 5 6 N TYR A 176 ? N TYR A 176 O PHE A 154 ? O PHE A 154 
AA 6 7 N GLY A 159 ? N GLY A 159 O TYR A 138 ? O TYR A 138 
AA 7 8 N PHE A 141 ? N PHE A 141 O TYR A 124 ? O TYR A 124 
AA 8 9 N GLU A 127 ? N GLU A 127 O ASP A 106 ? O ASP A 106 
# 
_struct_site.id                   AC1 
_struct_site.pdbx_evidence_code   Software 
_struct_site.pdbx_auth_asym_id    ? 
_struct_site.pdbx_auth_comp_id    ? 
_struct_site.pdbx_auth_seq_id     ? 
_struct_site.pdbx_auth_ins_code   ? 
_struct_site.pdbx_num_residues    4 
_struct_site.details              'BINDING SITE FOR RESIDUE NI A1194' 
# 
loop_
_struct_site_gen.id 
_struct_site_gen.site_id 
_struct_site_gen.pdbx_num_res 
_struct_site_gen.label_comp_id 
_struct_site_gen.label_asym_id 
_struct_site_gen.label_seq_id 
_struct_site_gen.pdbx_auth_ins_code 
_struct_site_gen.auth_comp_id 
_struct_site_gen.auth_asym_id 
_struct_site_gen.auth_seq_id 
_struct_site_gen.label_atom_id 
_struct_site_gen.label_alt_id 
_struct_site_gen.symmetry 
_struct_site_gen.details 
1 AC1 4 HIS A 144 ? HIS A 144  . ? 1_555 ? 
2 AC1 4 HIS A 153 ? HIS A 153  . ? 1_555 ? 
3 AC1 4 HIS A 155 ? HIS A 155  . ? 1_555 ? 
4 AC1 4 HOH C .   ? HOH A 2091 . ? 1_555 ? 
# 
_pdbx_entry_details.entry_id                   1OEJ 
_pdbx_entry_details.compound_details           ? 
_pdbx_entry_details.source_details             ? 
_pdbx_entry_details.nonpolymer_details         ? 
_pdbx_entry_details.sequence_details           
;THE SEQUENCE: MAIRLYKLAVALGVFIVSAPAFS
THAT IS INCLUDED THE SWISPROT RECORD
UPSTREAM OF THE SEQUENCE CRYSTALLISED,
CORRESPONDS TO A SIGNAL SEQUENCE THAT
IS CLEAVED IN THE MATURE PROTEIN.
;
_pdbx_entry_details.has_ligand_of_interest     ? 
_pdbx_entry_details.has_protein_modification   Y 
# 
loop_
_pdbx_validate_rmsd_angle.id 
_pdbx_validate_rmsd_angle.PDB_model_num 
_pdbx_validate_rmsd_angle.auth_atom_id_1 
_pdbx_validate_rmsd_angle.auth_asym_id_1 
_pdbx_validate_rmsd_angle.auth_comp_id_1 
_pdbx_validate_rmsd_angle.auth_seq_id_1 
_pdbx_validate_rmsd_angle.PDB_ins_code_1 
_pdbx_validate_rmsd_angle.label_alt_id_1 
_pdbx_validate_rmsd_angle.auth_atom_id_2 
_pdbx_validate_rmsd_angle.auth_asym_id_2 
_pdbx_validate_rmsd_angle.auth_comp_id_2 
_pdbx_validate_rmsd_angle.auth_seq_id_2 
_pdbx_validate_rmsd_angle.PDB_ins_code_2 
_pdbx_validate_rmsd_angle.label_alt_id_2 
_pdbx_validate_rmsd_angle.auth_atom_id_3 
_pdbx_validate_rmsd_angle.auth_asym_id_3 
_pdbx_validate_rmsd_angle.auth_comp_id_3 
_pdbx_validate_rmsd_angle.auth_seq_id_3 
_pdbx_validate_rmsd_angle.PDB_ins_code_3 
_pdbx_validate_rmsd_angle.label_alt_id_3 
_pdbx_validate_rmsd_angle.angle_value 
_pdbx_validate_rmsd_angle.angle_target_value 
_pdbx_validate_rmsd_angle.angle_deviation 
_pdbx_validate_rmsd_angle.angle_standard_deviation 
_pdbx_validate_rmsd_angle.linker_flag 
1 1 CB A ASP 34  ? ? CG A ASP 34  ? ? OD2 A ASP 34  ? ? 125.34 118.30 7.04 0.90 N 
2 1 CB A ASP 161 ? ? CG A ASP 161 ? ? OD2 A ASP 161 ? ? 124.51 118.30 6.21 0.90 N 
# 
loop_
_pdbx_validate_torsion.id 
_pdbx_validate_torsion.PDB_model_num 
_pdbx_validate_torsion.auth_comp_id 
_pdbx_validate_torsion.auth_asym_id 
_pdbx_validate_torsion.auth_seq_id 
_pdbx_validate_torsion.PDB_ins_code 
_pdbx_validate_torsion.label_alt_id 
_pdbx_validate_torsion.phi 
_pdbx_validate_torsion.psi 
1 1 ASN A 97  ? ? -39.92  92.65   
2 1 ASN A 98  ? ? 73.11   -12.17  
3 1 ASP A 143 ? ? -150.85 30.96   
4 1 HIS A 144 ? ? 59.69   19.89   
5 1 ARG A 149 ? ? 179.56  135.47  
6 1 ASP A 161 ? ? -91.12  -64.93  
7 1 SER A 192 ? ? -110.94 -103.77 
# 
loop_
_pdbx_unobs_or_zero_occ_residues.id 
_pdbx_unobs_or_zero_occ_residues.PDB_model_num 
_pdbx_unobs_or_zero_occ_residues.polymer_flag 
_pdbx_unobs_or_zero_occ_residues.occupancy_flag 
_pdbx_unobs_or_zero_occ_residues.auth_asym_id 
_pdbx_unobs_or_zero_occ_residues.auth_comp_id 
_pdbx_unobs_or_zero_occ_residues.auth_seq_id 
_pdbx_unobs_or_zero_occ_residues.PDB_ins_code 
_pdbx_unobs_or_zero_occ_residues.label_asym_id 
_pdbx_unobs_or_zero_occ_residues.label_comp_id 
_pdbx_unobs_or_zero_occ_residues.label_seq_id 
1 1 Y 1 A HIS 1 ? A HIS 1 
2 1 Y 1 A GLY 2 ? A GLY 2 
3 1 Y 1 A HIS 3 ? A HIS 3 
4 1 Y 1 A HIS 4 ? A HIS 4 
5 1 Y 1 A SER 5 ? A SER 5 
6 1 Y 1 A HIS 6 ? A HIS 6 
# 
loop_
_chem_comp_atom.comp_id 
_chem_comp_atom.atom_id 
_chem_comp_atom.type_symbol 
_chem_comp_atom.pdbx_aromatic_flag 
_chem_comp_atom.pdbx_stereo_config 
_chem_comp_atom.pdbx_ordinal 
ALA N    N  N N 1   
ALA CA   C  N S 2   
ALA C    C  N N 3   
ALA O    O  N N 4   
ALA CB   C  N N 5   
ALA OXT  O  N N 6   
ALA H    H  N N 7   
ALA H2   H  N N 8   
ALA HA   H  N N 9   
ALA HB1  H  N N 10  
ALA HB2  H  N N 11  
ALA HB3  H  N N 12  
ALA HXT  H  N N 13  
ARG N    N  N N 14  
ARG CA   C  N S 15  
ARG C    C  N N 16  
ARG O    O  N N 17  
ARG CB   C  N N 18  
ARG CG   C  N N 19  
ARG CD   C  N N 20  
ARG NE   N  N N 21  
ARG CZ   C  N N 22  
ARG NH1  N  N N 23  
ARG NH2  N  N N 24  
ARG OXT  O  N N 25  
ARG H    H  N N 26  
ARG H2   H  N N 27  
ARG HA   H  N N 28  
ARG HB2  H  N N 29  
ARG HB3  H  N N 30  
ARG HG2  H  N N 31  
ARG HG3  H  N N 32  
ARG HD2  H  N N 33  
ARG HD3  H  N N 34  
ARG HE   H  N N 35  
ARG HH11 H  N N 36  
ARG HH12 H  N N 37  
ARG HH21 H  N N 38  
ARG HH22 H  N N 39  
ARG HXT  H  N N 40  
ASN N    N  N N 41  
ASN CA   C  N S 42  
ASN C    C  N N 43  
ASN O    O  N N 44  
ASN CB   C  N N 45  
ASN CG   C  N N 46  
ASN OD1  O  N N 47  
ASN ND2  N  N N 48  
ASN OXT  O  N N 49  
ASN H    H  N N 50  
ASN H2   H  N N 51  
ASN HA   H  N N 52  
ASN HB2  H  N N 53  
ASN HB3  H  N N 54  
ASN HD21 H  N N 55  
ASN HD22 H  N N 56  
ASN HXT  H  N N 57  
ASP N    N  N N 58  
ASP CA   C  N S 59  
ASP C    C  N N 60  
ASP O    O  N N 61  
ASP CB   C  N N 62  
ASP CG   C  N N 63  
ASP OD1  O  N N 64  
ASP OD2  O  N N 65  
ASP OXT  O  N N 66  
ASP H    H  N N 67  
ASP H2   H  N N 68  
ASP HA   H  N N 69  
ASP HB2  H  N N 70  
ASP HB3  H  N N 71  
ASP HD2  H  N N 72  
ASP HXT  H  N N 73  
CYS N    N  N N 74  
CYS CA   C  N R 75  
CYS C    C  N N 76  
CYS O    O  N N 77  
CYS CB   C  N N 78  
CYS SG   S  N N 79  
CYS OXT  O  N N 80  
CYS H    H  N N 81  
CYS H2   H  N N 82  
CYS HA   H  N N 83  
CYS HB2  H  N N 84  
CYS HB3  H  N N 85  
CYS HG   H  N N 86  
CYS HXT  H  N N 87  
GLN N    N  N N 88  
GLN CA   C  N S 89  
GLN C    C  N N 90  
GLN O    O  N N 91  
GLN CB   C  N N 92  
GLN CG   C  N N 93  
GLN CD   C  N N 94  
GLN OE1  O  N N 95  
GLN NE2  N  N N 96  
GLN OXT  O  N N 97  
GLN H    H  N N 98  
GLN H2   H  N N 99  
GLN HA   H  N N 100 
GLN HB2  H  N N 101 
GLN HB3  H  N N 102 
GLN HG2  H  N N 103 
GLN HG3  H  N N 104 
GLN HE21 H  N N 105 
GLN HE22 H  N N 106 
GLN HXT  H  N N 107 
GLU N    N  N N 108 
GLU CA   C  N S 109 
GLU C    C  N N 110 
GLU O    O  N N 111 
GLU CB   C  N N 112 
GLU CG   C  N N 113 
GLU CD   C  N N 114 
GLU OE1  O  N N 115 
GLU OE2  O  N N 116 
GLU OXT  O  N N 117 
GLU H    H  N N 118 
GLU H2   H  N N 119 
GLU HA   H  N N 120 
GLU HB2  H  N N 121 
GLU HB3  H  N N 122 
GLU HG2  H  N N 123 
GLU HG3  H  N N 124 
GLU HE2  H  N N 125 
GLU HXT  H  N N 126 
GLY N    N  N N 127 
GLY CA   C  N N 128 
GLY C    C  N N 129 
GLY O    O  N N 130 
GLY OXT  O  N N 131 
GLY H    H  N N 132 
GLY H2   H  N N 133 
GLY HA2  H  N N 134 
GLY HA3  H  N N 135 
GLY HXT  H  N N 136 
HIS N    N  N N 137 
HIS CA   C  N S 138 
HIS C    C  N N 139 
HIS O    O  N N 140 
HIS CB   C  N N 141 
HIS CG   C  Y N 142 
HIS ND1  N  Y N 143 
HIS CD2  C  Y N 144 
HIS CE1  C  Y N 145 
HIS NE2  N  Y N 146 
HIS OXT  O  N N 147 
HIS H    H  N N 148 
HIS H2   H  N N 149 
HIS HA   H  N N 150 
HIS HB2  H  N N 151 
HIS HB3  H  N N 152 
HIS HD1  H  N N 153 
HIS HD2  H  N N 154 
HIS HE1  H  N N 155 
HIS HE2  H  N N 156 
HIS HXT  H  N N 157 
HOH O    O  N N 158 
HOH H1   H  N N 159 
HOH H2   H  N N 160 
ILE N    N  N N 161 
ILE CA   C  N S 162 
ILE C    C  N N 163 
ILE O    O  N N 164 
ILE CB   C  N S 165 
ILE CG1  C  N N 166 
ILE CG2  C  N N 167 
ILE CD1  C  N N 168 
ILE OXT  O  N N 169 
ILE H    H  N N 170 
ILE H2   H  N N 171 
ILE HA   H  N N 172 
ILE HB   H  N N 173 
ILE HG12 H  N N 174 
ILE HG13 H  N N 175 
ILE HG21 H  N N 176 
ILE HG22 H  N N 177 
ILE HG23 H  N N 178 
ILE HD11 H  N N 179 
ILE HD12 H  N N 180 
ILE HD13 H  N N 181 
ILE HXT  H  N N 182 
LEU N    N  N N 183 
LEU CA   C  N S 184 
LEU C    C  N N 185 
LEU O    O  N N 186 
LEU CB   C  N N 187 
LEU CG   C  N N 188 
LEU CD1  C  N N 189 
LEU CD2  C  N N 190 
LEU OXT  O  N N 191 
LEU H    H  N N 192 
LEU H2   H  N N 193 
LEU HA   H  N N 194 
LEU HB2  H  N N 195 
LEU HB3  H  N N 196 
LEU HG   H  N N 197 
LEU HD11 H  N N 198 
LEU HD12 H  N N 199 
LEU HD13 H  N N 200 
LEU HD21 H  N N 201 
LEU HD22 H  N N 202 
LEU HD23 H  N N 203 
LEU HXT  H  N N 204 
LYS N    N  N N 205 
LYS CA   C  N S 206 
LYS C    C  N N 207 
LYS O    O  N N 208 
LYS CB   C  N N 209 
LYS CG   C  N N 210 
LYS CD   C  N N 211 
LYS CE   C  N N 212 
LYS NZ   N  N N 213 
LYS OXT  O  N N 214 
LYS H    H  N N 215 
LYS H2   H  N N 216 
LYS HA   H  N N 217 
LYS HB2  H  N N 218 
LYS HB3  H  N N 219 
LYS HG2  H  N N 220 
LYS HG3  H  N N 221 
LYS HD2  H  N N 222 
LYS HD3  H  N N 223 
LYS HE2  H  N N 224 
LYS HE3  H  N N 225 
LYS HZ1  H  N N 226 
LYS HZ2  H  N N 227 
LYS HZ3  H  N N 228 
LYS HXT  H  N N 229 
MET N    N  N N 230 
MET CA   C  N S 231 
MET C    C  N N 232 
MET O    O  N N 233 
MET CB   C  N N 234 
MET CG   C  N N 235 
MET SD   S  N N 236 
MET CE   C  N N 237 
MET OXT  O  N N 238 
MET H    H  N N 239 
MET H2   H  N N 240 
MET HA   H  N N 241 
MET HB2  H  N N 242 
MET HB3  H  N N 243 
MET HG2  H  N N 244 
MET HG3  H  N N 245 
MET HE1  H  N N 246 
MET HE2  H  N N 247 
MET HE3  H  N N 248 
MET HXT  H  N N 249 
NI  NI   NI N N 250 
PHE N    N  N N 251 
PHE CA   C  N S 252 
PHE C    C  N N 253 
PHE O    O  N N 254 
PHE CB   C  N N 255 
PHE CG   C  Y N 256 
PHE CD1  C  Y N 257 
PHE CD2  C  Y N 258 
PHE CE1  C  Y N 259 
PHE CE2  C  Y N 260 
PHE CZ   C  Y N 261 
PHE OXT  O  N N 262 
PHE H    H  N N 263 
PHE H2   H  N N 264 
PHE HA   H  N N 265 
PHE HB2  H  N N 266 
PHE HB3  H  N N 267 
PHE HD1  H  N N 268 
PHE HD2  H  N N 269 
PHE HE1  H  N N 270 
PHE HE2  H  N N 271 
PHE HZ   H  N N 272 
PHE HXT  H  N N 273 
PRO N    N  N N 274 
PRO CA   C  N S 275 
PRO C    C  N N 276 
PRO O    O  N N 277 
PRO CB   C  N N 278 
PRO CG   C  N N 279 
PRO CD   C  N N 280 
PRO OXT  O  N N 281 
PRO H    H  N N 282 
PRO HA   H  N N 283 
PRO HB2  H  N N 284 
PRO HB3  H  N N 285 
PRO HG2  H  N N 286 
PRO HG3  H  N N 287 
PRO HD2  H  N N 288 
PRO HD3  H  N N 289 
PRO HXT  H  N N 290 
SER N    N  N N 291 
SER CA   C  N S 292 
SER C    C  N N 293 
SER O    O  N N 294 
SER CB   C  N N 295 
SER OG   O  N N 296 
SER OXT  O  N N 297 
SER H    H  N N 298 
SER H2   H  N N 299 
SER HA   H  N N 300 
SER HB2  H  N N 301 
SER HB3  H  N N 302 
SER HG   H  N N 303 
SER HXT  H  N N 304 
THR N    N  N N 305 
THR CA   C  N S 306 
THR C    C  N N 307 
THR O    O  N N 308 
THR CB   C  N R 309 
THR OG1  O  N N 310 
THR CG2  C  N N 311 
THR OXT  O  N N 312 
THR H    H  N N 313 
THR H2   H  N N 314 
THR HA   H  N N 315 
THR HB   H  N N 316 
THR HG1  H  N N 317 
THR HG21 H  N N 318 
THR HG22 H  N N 319 
THR HG23 H  N N 320 
THR HXT  H  N N 321 
TRP N    N  N N 322 
TRP CA   C  N S 323 
TRP C    C  N N 324 
TRP O    O  N N 325 
TRP CB   C  N N 326 
TRP CG   C  Y N 327 
TRP CD1  C  Y N 328 
TRP CD2  C  Y N 329 
TRP NE1  N  Y N 330 
TRP CE2  C  Y N 331 
TRP CE3  C  Y N 332 
TRP CZ2  C  Y N 333 
TRP CZ3  C  Y N 334 
TRP CH2  C  Y N 335 
TRP OXT  O  N N 336 
TRP H    H  N N 337 
TRP H2   H  N N 338 
TRP HA   H  N N 339 
TRP HB2  H  N N 340 
TRP HB3  H  N N 341 
TRP HD1  H  N N 342 
TRP HE1  H  N N 343 
TRP HE3  H  N N 344 
TRP HZ2  H  N N 345 
TRP HZ3  H  N N 346 
TRP HH2  H  N N 347 
TRP HXT  H  N N 348 
TYR N    N  N N 349 
TYR CA   C  N S 350 
TYR C    C  N N 351 
TYR O    O  N N 352 
TYR CB   C  N N 353 
TYR CG   C  Y N 354 
TYR CD1  C  Y N 355 
TYR CD2  C  Y N 356 
TYR CE1  C  Y N 357 
TYR CE2  C  Y N 358 
TYR CZ   C  Y N 359 
TYR OH   O  N N 360 
TYR OXT  O  N N 361 
TYR H    H  N N 362 
TYR H2   H  N N 363 
TYR HA   H  N N 364 
TYR HB2  H  N N 365 
TYR HB3  H  N N 366 
TYR HD1  H  N N 367 
TYR HD2  H  N N 368 
TYR HE1  H  N N 369 
TYR HE2  H  N N 370 
TYR HH   H  N N 371 
TYR HXT  H  N N 372 
VAL N    N  N N 373 
VAL CA   C  N S 374 
VAL C    C  N N 375 
VAL O    O  N N 376 
VAL CB   C  N N 377 
VAL CG1  C  N N 378 
VAL CG2  C  N N 379 
VAL OXT  O  N N 380 
VAL H    H  N N 381 
VAL H2   H  N N 382 
VAL HA   H  N N 383 
VAL HB   H  N N 384 
VAL HG11 H  N N 385 
VAL HG12 H  N N 386 
VAL HG13 H  N N 387 
VAL HG21 H  N N 388 
VAL HG22 H  N N 389 
VAL HG23 H  N N 390 
VAL HXT  H  N N 391 
# 
loop_
_chem_comp_bond.comp_id 
_chem_comp_bond.atom_id_1 
_chem_comp_bond.atom_id_2 
_chem_comp_bond.value_order 
_chem_comp_bond.pdbx_aromatic_flag 
_chem_comp_bond.pdbx_stereo_config 
_chem_comp_bond.pdbx_ordinal 
ALA N   CA   sing N N 1   
ALA N   H    sing N N 2   
ALA N   H2   sing N N 3   
ALA CA  C    sing N N 4   
ALA CA  CB   sing N N 5   
ALA CA  HA   sing N N 6   
ALA C   O    doub N N 7   
ALA C   OXT  sing N N 8   
ALA CB  HB1  sing N N 9   
ALA CB  HB2  sing N N 10  
ALA CB  HB3  sing N N 11  
ALA OXT HXT  sing N N 12  
ARG N   CA   sing N N 13  
ARG N   H    sing N N 14  
ARG N   H2   sing N N 15  
ARG CA  C    sing N N 16  
ARG CA  CB   sing N N 17  
ARG CA  HA   sing N N 18  
ARG C   O    doub N N 19  
ARG C   OXT  sing N N 20  
ARG CB  CG   sing N N 21  
ARG CB  HB2  sing N N 22  
ARG CB  HB3  sing N N 23  
ARG CG  CD   sing N N 24  
ARG CG  HG2  sing N N 25  
ARG CG  HG3  sing N N 26  
ARG CD  NE   sing N N 27  
ARG CD  HD2  sing N N 28  
ARG CD  HD3  sing N N 29  
ARG NE  CZ   sing N N 30  
ARG NE  HE   sing N N 31  
ARG CZ  NH1  sing N N 32  
ARG CZ  NH2  doub N N 33  
ARG NH1 HH11 sing N N 34  
ARG NH1 HH12 sing N N 35  
ARG NH2 HH21 sing N N 36  
ARG NH2 HH22 sing N N 37  
ARG OXT HXT  sing N N 38  
ASN N   CA   sing N N 39  
ASN N   H    sing N N 40  
ASN N   H2   sing N N 41  
ASN CA  C    sing N N 42  
ASN CA  CB   sing N N 43  
ASN CA  HA   sing N N 44  
ASN C   O    doub N N 45  
ASN C   OXT  sing N N 46  
ASN CB  CG   sing N N 47  
ASN CB  HB2  sing N N 48  
ASN CB  HB3  sing N N 49  
ASN CG  OD1  doub N N 50  
ASN CG  ND2  sing N N 51  
ASN ND2 HD21 sing N N 52  
ASN ND2 HD22 sing N N 53  
ASN OXT HXT  sing N N 54  
ASP N   CA   sing N N 55  
ASP N   H    sing N N 56  
ASP N   H2   sing N N 57  
ASP CA  C    sing N N 58  
ASP CA  CB   sing N N 59  
ASP CA  HA   sing N N 60  
ASP C   O    doub N N 61  
ASP C   OXT  sing N N 62  
ASP CB  CG   sing N N 63  
ASP CB  HB2  sing N N 64  
ASP CB  HB3  sing N N 65  
ASP CG  OD1  doub N N 66  
ASP CG  OD2  sing N N 67  
ASP OD2 HD2  sing N N 68  
ASP OXT HXT  sing N N 69  
CYS N   CA   sing N N 70  
CYS N   H    sing N N 71  
CYS N   H2   sing N N 72  
CYS CA  C    sing N N 73  
CYS CA  CB   sing N N 74  
CYS CA  HA   sing N N 75  
CYS C   O    doub N N 76  
CYS C   OXT  sing N N 77  
CYS CB  SG   sing N N 78  
CYS CB  HB2  sing N N 79  
CYS CB  HB3  sing N N 80  
CYS SG  HG   sing N N 81  
CYS OXT HXT  sing N N 82  
GLN N   CA   sing N N 83  
GLN N   H    sing N N 84  
GLN N   H2   sing N N 85  
GLN CA  C    sing N N 86  
GLN CA  CB   sing N N 87  
GLN CA  HA   sing N N 88  
GLN C   O    doub N N 89  
GLN C   OXT  sing N N 90  
GLN CB  CG   sing N N 91  
GLN CB  HB2  sing N N 92  
GLN CB  HB3  sing N N 93  
GLN CG  CD   sing N N 94  
GLN CG  HG2  sing N N 95  
GLN CG  HG3  sing N N 96  
GLN CD  OE1  doub N N 97  
GLN CD  NE2  sing N N 98  
GLN NE2 HE21 sing N N 99  
GLN NE2 HE22 sing N N 100 
GLN OXT HXT  sing N N 101 
GLU N   CA   sing N N 102 
GLU N   H    sing N N 103 
GLU N   H2   sing N N 104 
GLU CA  C    sing N N 105 
GLU CA  CB   sing N N 106 
GLU CA  HA   sing N N 107 
GLU C   O    doub N N 108 
GLU C   OXT  sing N N 109 
GLU CB  CG   sing N N 110 
GLU CB  HB2  sing N N 111 
GLU CB  HB3  sing N N 112 
GLU CG  CD   sing N N 113 
GLU CG  HG2  sing N N 114 
GLU CG  HG3  sing N N 115 
GLU CD  OE1  doub N N 116 
GLU CD  OE2  sing N N 117 
GLU OE2 HE2  sing N N 118 
GLU OXT HXT  sing N N 119 
GLY N   CA   sing N N 120 
GLY N   H    sing N N 121 
GLY N   H2   sing N N 122 
GLY CA  C    sing N N 123 
GLY CA  HA2  sing N N 124 
GLY CA  HA3  sing N N 125 
GLY C   O    doub N N 126 
GLY C   OXT  sing N N 127 
GLY OXT HXT  sing N N 128 
HIS N   CA   sing N N 129 
HIS N   H    sing N N 130 
HIS N   H2   sing N N 131 
HIS CA  C    sing N N 132 
HIS CA  CB   sing N N 133 
HIS CA  HA   sing N N 134 
HIS C   O    doub N N 135 
HIS C   OXT  sing N N 136 
HIS CB  CG   sing N N 137 
HIS CB  HB2  sing N N 138 
HIS CB  HB3  sing N N 139 
HIS CG  ND1  sing Y N 140 
HIS CG  CD2  doub Y N 141 
HIS ND1 CE1  doub Y N 142 
HIS ND1 HD1  sing N N 143 
HIS CD2 NE2  sing Y N 144 
HIS CD2 HD2  sing N N 145 
HIS CE1 NE2  sing Y N 146 
HIS CE1 HE1  sing N N 147 
HIS NE2 HE2  sing N N 148 
HIS OXT HXT  sing N N 149 
HOH O   H1   sing N N 150 
HOH O   H2   sing N N 151 
ILE N   CA   sing N N 152 
ILE N   H    sing N N 153 
ILE N   H2   sing N N 154 
ILE CA  C    sing N N 155 
ILE CA  CB   sing N N 156 
ILE CA  HA   sing N N 157 
ILE C   O    doub N N 158 
ILE C   OXT  sing N N 159 
ILE CB  CG1  sing N N 160 
ILE CB  CG2  sing N N 161 
ILE CB  HB   sing N N 162 
ILE CG1 CD1  sing N N 163 
ILE CG1 HG12 sing N N 164 
ILE CG1 HG13 sing N N 165 
ILE CG2 HG21 sing N N 166 
ILE CG2 HG22 sing N N 167 
ILE CG2 HG23 sing N N 168 
ILE CD1 HD11 sing N N 169 
ILE CD1 HD12 sing N N 170 
ILE CD1 HD13 sing N N 171 
ILE OXT HXT  sing N N 172 
LEU N   CA   sing N N 173 
LEU N   H    sing N N 174 
LEU N   H2   sing N N 175 
LEU CA  C    sing N N 176 
LEU CA  CB   sing N N 177 
LEU CA  HA   sing N N 178 
LEU C   O    doub N N 179 
LEU C   OXT  sing N N 180 
LEU CB  CG   sing N N 181 
LEU CB  HB2  sing N N 182 
LEU CB  HB3  sing N N 183 
LEU CG  CD1  sing N N 184 
LEU CG  CD2  sing N N 185 
LEU CG  HG   sing N N 186 
LEU CD1 HD11 sing N N 187 
LEU CD1 HD12 sing N N 188 
LEU CD1 HD13 sing N N 189 
LEU CD2 HD21 sing N N 190 
LEU CD2 HD22 sing N N 191 
LEU CD2 HD23 sing N N 192 
LEU OXT HXT  sing N N 193 
LYS N   CA   sing N N 194 
LYS N   H    sing N N 195 
LYS N   H2   sing N N 196 
LYS CA  C    sing N N 197 
LYS CA  CB   sing N N 198 
LYS CA  HA   sing N N 199 
LYS C   O    doub N N 200 
LYS C   OXT  sing N N 201 
LYS CB  CG   sing N N 202 
LYS CB  HB2  sing N N 203 
LYS CB  HB3  sing N N 204 
LYS CG  CD   sing N N 205 
LYS CG  HG2  sing N N 206 
LYS CG  HG3  sing N N 207 
LYS CD  CE   sing N N 208 
LYS CD  HD2  sing N N 209 
LYS CD  HD3  sing N N 210 
LYS CE  NZ   sing N N 211 
LYS CE  HE2  sing N N 212 
LYS CE  HE3  sing N N 213 
LYS NZ  HZ1  sing N N 214 
LYS NZ  HZ2  sing N N 215 
LYS NZ  HZ3  sing N N 216 
LYS OXT HXT  sing N N 217 
MET N   CA   sing N N 218 
MET N   H    sing N N 219 
MET N   H2   sing N N 220 
MET CA  C    sing N N 221 
MET CA  CB   sing N N 222 
MET CA  HA   sing N N 223 
MET C   O    doub N N 224 
MET C   OXT  sing N N 225 
MET CB  CG   sing N N 226 
MET CB  HB2  sing N N 227 
MET CB  HB3  sing N N 228 
MET CG  SD   sing N N 229 
MET CG  HG2  sing N N 230 
MET CG  HG3  sing N N 231 
MET SD  CE   sing N N 232 
MET CE  HE1  sing N N 233 
MET CE  HE2  sing N N 234 
MET CE  HE3  sing N N 235 
MET OXT HXT  sing N N 236 
PHE N   CA   sing N N 237 
PHE N   H    sing N N 238 
PHE N   H2   sing N N 239 
PHE CA  C    sing N N 240 
PHE CA  CB   sing N N 241 
PHE CA  HA   sing N N 242 
PHE C   O    doub N N 243 
PHE C   OXT  sing N N 244 
PHE CB  CG   sing N N 245 
PHE CB  HB2  sing N N 246 
PHE CB  HB3  sing N N 247 
PHE CG  CD1  doub Y N 248 
PHE CG  CD2  sing Y N 249 
PHE CD1 CE1  sing Y N 250 
PHE CD1 HD1  sing N N 251 
PHE CD2 CE2  doub Y N 252 
PHE CD2 HD2  sing N N 253 
PHE CE1 CZ   doub Y N 254 
PHE CE1 HE1  sing N N 255 
PHE CE2 CZ   sing Y N 256 
PHE CE2 HE2  sing N N 257 
PHE CZ  HZ   sing N N 258 
PHE OXT HXT  sing N N 259 
PRO N   CA   sing N N 260 
PRO N   CD   sing N N 261 
PRO N   H    sing N N 262 
PRO CA  C    sing N N 263 
PRO CA  CB   sing N N 264 
PRO CA  HA   sing N N 265 
PRO C   O    doub N N 266 
PRO C   OXT  sing N N 267 
PRO CB  CG   sing N N 268 
PRO CB  HB2  sing N N 269 
PRO CB  HB3  sing N N 270 
PRO CG  CD   sing N N 271 
PRO CG  HG2  sing N N 272 
PRO CG  HG3  sing N N 273 
PRO CD  HD2  sing N N 274 
PRO CD  HD3  sing N N 275 
PRO OXT HXT  sing N N 276 
SER N   CA   sing N N 277 
SER N   H    sing N N 278 
SER N   H2   sing N N 279 
SER CA  C    sing N N 280 
SER CA  CB   sing N N 281 
SER CA  HA   sing N N 282 
SER C   O    doub N N 283 
SER C   OXT  sing N N 284 
SER CB  OG   sing N N 285 
SER CB  HB2  sing N N 286 
SER CB  HB3  sing N N 287 
SER OG  HG   sing N N 288 
SER OXT HXT  sing N N 289 
THR N   CA   sing N N 290 
THR N   H    sing N N 291 
THR N   H2   sing N N 292 
THR CA  C    sing N N 293 
THR CA  CB   sing N N 294 
THR CA  HA   sing N N 295 
THR C   O    doub N N 296 
THR C   OXT  sing N N 297 
THR CB  OG1  sing N N 298 
THR CB  CG2  sing N N 299 
THR CB  HB   sing N N 300 
THR OG1 HG1  sing N N 301 
THR CG2 HG21 sing N N 302 
THR CG2 HG22 sing N N 303 
THR CG2 HG23 sing N N 304 
THR OXT HXT  sing N N 305 
TRP N   CA   sing N N 306 
TRP N   H    sing N N 307 
TRP N   H2   sing N N 308 
TRP CA  C    sing N N 309 
TRP CA  CB   sing N N 310 
TRP CA  HA   sing N N 311 
TRP C   O    doub N N 312 
TRP C   OXT  sing N N 313 
TRP CB  CG   sing N N 314 
TRP CB  HB2  sing N N 315 
TRP CB  HB3  sing N N 316 
TRP CG  CD1  doub Y N 317 
TRP CG  CD2  sing Y N 318 
TRP CD1 NE1  sing Y N 319 
TRP CD1 HD1  sing N N 320 
TRP CD2 CE2  doub Y N 321 
TRP CD2 CE3  sing Y N 322 
TRP NE1 CE2  sing Y N 323 
TRP NE1 HE1  sing N N 324 
TRP CE2 CZ2  sing Y N 325 
TRP CE3 CZ3  doub Y N 326 
TRP CE3 HE3  sing N N 327 
TRP CZ2 CH2  doub Y N 328 
TRP CZ2 HZ2  sing N N 329 
TRP CZ3 CH2  sing Y N 330 
TRP CZ3 HZ3  sing N N 331 
TRP CH2 HH2  sing N N 332 
TRP OXT HXT  sing N N 333 
TYR N   CA   sing N N 334 
TYR N   H    sing N N 335 
TYR N   H2   sing N N 336 
TYR CA  C    sing N N 337 
TYR CA  CB   sing N N 338 
TYR CA  HA   sing N N 339 
TYR C   O    doub N N 340 
TYR C   OXT  sing N N 341 
TYR CB  CG   sing N N 342 
TYR CB  HB2  sing N N 343 
TYR CB  HB3  sing N N 344 
TYR CG  CD1  doub Y N 345 
TYR CG  CD2  sing Y N 346 
TYR CD1 CE1  sing Y N 347 
TYR CD1 HD1  sing N N 348 
TYR CD2 CE2  doub Y N 349 
TYR CD2 HD2  sing N N 350 
TYR CE1 CZ   doub Y N 351 
TYR CE1 HE1  sing N N 352 
TYR CE2 CZ   sing Y N 353 
TYR CE2 HE2  sing N N 354 
TYR CZ  OH   sing N N 355 
TYR OH  HH   sing N N 356 
TYR OXT HXT  sing N N 357 
VAL N   CA   sing N N 358 
VAL N   H    sing N N 359 
VAL N   H2   sing N N 360 
VAL CA  C    sing N N 361 
VAL CA  CB   sing N N 362 
VAL CA  HA   sing N N 363 
VAL C   O    doub N N 364 
VAL C   OXT  sing N N 365 
VAL CB  CG1  sing N N 366 
VAL CB  CG2  sing N N 367 
VAL CB  HB   sing N N 368 
VAL CG1 HG11 sing N N 369 
VAL CG1 HG12 sing N N 370 
VAL CG1 HG13 sing N N 371 
VAL CG2 HG21 sing N N 372 
VAL CG2 HG22 sing N N 373 
VAL CG2 HG23 sing N N 374 
VAL OXT HXT  sing N N 375 
# 
_pdbx_initial_refinement_model.id               1 
_pdbx_initial_refinement_model.entity_id_list   ? 
_pdbx_initial_refinement_model.type             'experimental model' 
_pdbx_initial_refinement_model.source_name      PDB 
_pdbx_initial_refinement_model.accession_code   1OEE 
_pdbx_initial_refinement_model.details          'PDB ENTRY 1OEE' 
# 
_atom_sites.entry_id                    1OEJ 
_atom_sites.fract_transf_matrix[1][1]   0.00720891 
_atom_sites.fract_transf_matrix[1][2]   -0.02353327 
_atom_sites.fract_transf_matrix[1][3]   -0.01340352 
_atom_sites.fract_transf_matrix[2][1]   0.00243969 
_atom_sites.fract_transf_matrix[2][2]   0.00812797 
_atom_sites.fract_transf_matrix[2][3]   -0.01295855 
_atom_sites.fract_transf_matrix[3][1]   0.02624723 
_atom_sites.fract_transf_matrix[3][2]   -0.00731194 
_atom_sites.fract_transf_matrix[3][3]   0.00035527 
_atom_sites.fract_transf_vector[1]      0.390337 
_atom_sites.fract_transf_vector[2]      0.003308 
_atom_sites.fract_transf_vector[3]      0.332331 
# 
loop_
_atom_type.symbol 
C  
N  
NI 
O  
S  
# 
loop_
_atom_site.group_PDB 
_atom_site.id 
_atom_site.type_symbol 
_atom_site.label_atom_id 
_atom_site.label_alt_id 
_atom_site.label_comp_id 
_atom_site.label_asym_id 
_atom_site.label_entity_id 
_atom_site.label_seq_id 
_atom_site.pdbx_PDB_ins_code 
_atom_site.Cartn_x 
_atom_site.Cartn_y 
_atom_site.Cartn_z 
_atom_site.occupancy 
_atom_site.B_iso_or_equiv 
_atom_site.pdbx_formal_charge 
_atom_site.auth_seq_id 
_atom_site.auth_comp_id 
_atom_site.auth_asym_id 
_atom_site.auth_atom_id 
_atom_site.pdbx_PDB_model_num 
ATOM   1    N  N   . GLY A 1 7   ? -2.892  9.170   -14.849 1.00 39.57 ? 7    GLY A N   1 
ATOM   2    C  CA  . GLY A 1 7   ? -1.507  9.662   -14.571 1.00 39.13 ? 7    GLY A CA  1 
ATOM   3    C  C   . GLY A 1 7   ? -1.215  11.039  -15.159 1.00 38.91 ? 7    GLY A C   1 
ATOM   4    O  O   . GLY A 1 7   ? -0.604  11.158  -16.230 1.00 38.86 ? 7    GLY A O   1 
ATOM   5    N  N   . LYS A 1 8   ? -1.672  12.084  -14.472 1.00 37.79 ? 8    LYS A N   1 
ATOM   6    C  CA  . LYS A 1 8   ? -1.090  13.399  -14.642 1.00 36.79 ? 8    LYS A CA  1 
ATOM   7    C  C   . LYS A 1 8   ? 0.410   13.276  -14.326 1.00 35.31 ? 8    LYS A C   1 
ATOM   8    O  O   . LYS A 1 8   ? 0.824   12.400  -13.553 1.00 34.32 ? 8    LYS A O   1 
ATOM   9    C  CB  . LYS A 1 8   ? -1.726  14.393  -13.670 1.00 37.31 ? 8    LYS A CB  1 
ATOM   10   C  CG  . LYS A 1 8   ? -3.168  14.793  -14.000 1.00 40.77 ? 8    LYS A CG  1 
ATOM   11   C  CD  . LYS A 1 8   ? -3.268  15.683  -15.252 1.00 42.14 ? 8    LYS A CD  1 
ATOM   12   C  CE  . LYS A 1 8   ? -2.690  17.104  -15.020 1.00 41.73 ? 8    LYS A CE  1 
ATOM   13   N  NZ  . LYS A 1 8   ? -3.095  18.012  -16.116 1.00 41.56 ? 8    LYS A NZ  1 
ATOM   14   N  N   . PRO A 1 9   ? 1.244   14.129  -14.901 1.00 33.76 ? 9    PRO A N   1 
ATOM   15   C  CA  . PRO A 1 9   ? 2.647   14.125  -14.501 1.00 33.11 ? 9    PRO A CA  1 
ATOM   16   C  C   . PRO A 1 9   ? 2.724   14.589  -13.043 1.00 32.48 ? 9    PRO A C   1 
ATOM   17   O  O   . PRO A 1 9   ? 1.845   15.339  -12.601 1.00 31.94 ? 9    PRO A O   1 
ATOM   18   C  CB  . PRO A 1 9   ? 3.289   15.141  -15.453 1.00 33.21 ? 9    PRO A CB  1 
ATOM   19   C  CG  . PRO A 1 9   ? 2.301   15.347  -16.579 1.00 33.21 ? 9    PRO A CG  1 
ATOM   20   C  CD  . PRO A 1 9   ? 0.961   15.123  -15.943 1.00 33.97 ? 9    PRO A CD  1 
ATOM   21   N  N   . LEU A 1 10  ? 3.730   14.149  -12.296 1.00 32.14 ? 10   LEU A N   1 
ATOM   22   C  CA  . LEU A 1 10  ? 3.883   14.607  -10.920 1.00 32.35 ? 10   LEU A CA  1 
ATOM   23   C  C   . LEU A 1 10  ? 4.448   16.011  -10.905 1.00 32.90 ? 10   LEU A C   1 
ATOM   24   O  O   . LEU A 1 10  ? 5.371   16.290  -11.651 1.00 33.13 ? 10   LEU A O   1 
ATOM   25   C  CB  . LEU A 1 10  ? 4.839   13.692  -10.141 1.00 31.82 ? 10   LEU A CB  1 
ATOM   26   C  CG  . LEU A 1 10  ? 4.354   12.290  -9.776  1.00 31.66 ? 10   LEU A CG  1 
ATOM   27   C  CD1 . LEU A 1 10  ? 5.396   11.614  -8.943  1.00 31.09 ? 10   LEU A CD1 1 
ATOM   28   C  CD2 . LEU A 1 10  ? 3.061   12.316  -9.022  1.00 33.91 ? 10   LEU A CD2 1 
ATOM   29   N  N   . THR A 1 11  ? 3.897   16.886  -10.062 1.00 33.74 ? 11   THR A N   1 
ATOM   30   C  CA  . THR A 1 11  ? 4.528   18.197  -9.766  1.00 34.23 ? 11   THR A CA  1 
ATOM   31   C  C   . THR A 1 11  ? 5.797   18.028  -8.937  1.00 34.23 ? 11   THR A C   1 
ATOM   32   O  O   . THR A 1 11  ? 6.123   16.910  -8.534  1.00 34.18 ? 11   THR A O   1 
ATOM   33   C  CB  . THR A 1 11  ? 3.581   19.117  -8.988  1.00 34.77 ? 11   THR A CB  1 
ATOM   34   O  OG1 . THR A 1 11  ? 3.491   18.669  -7.621  1.00 34.96 ? 11   THR A OG1 1 
ATOM   35   C  CG2 . THR A 1 11  ? 2.186   19.031  -9.532  1.00 33.39 ? 11   THR A CG2 1 
ATOM   36   N  N   . GLU A 1 12  ? 6.496   19.146  -8.672  1.00 34.63 ? 12   GLU A N   1 
ATOM   37   C  CA  . GLU A 1 12  ? 7.752   19.132  -7.941  1.00 33.99 ? 12   GLU A CA  1 
ATOM   38   C  C   . GLU A 1 12  ? 7.501   18.635  -6.525  1.00 32.74 ? 12   GLU A C   1 
ATOM   39   O  O   . GLU A 1 12  ? 8.171   17.724  -6.060  1.00 32.19 ? 12   GLU A O   1 
ATOM   40   C  CB  . GLU A 1 12  ? 8.419   20.525  -7.944  1.00 34.17 ? 12   GLU A CB  1 
ATOM   41   C  CG  . GLU A 1 12  ? 9.931   20.497  -7.744  1.00 38.31 ? 12   GLU A CG  1 
ATOM   42   C  CD  . GLU A 1 12  ? 10.521  21.794  -7.160  1.00 41.66 ? 12   GLU A CD  1 
ATOM   43   O  OE1 . GLU A 1 12  ? 11.525  21.692  -6.426  1.00 41.23 ? 12   GLU A OE1 1 
ATOM   44   O  OE2 . GLU A 1 12  ? 9.995   22.913  -7.432  1.00 44.53 ? 12   GLU A OE2 1 
ATOM   45   N  N   . VAL A 1 13  ? 6.534   19.247  -5.845  1.00 32.08 ? 13   VAL A N   1 
ATOM   46   C  CA  . VAL A 1 13  ? 6.129   18.798  -4.521  1.00 30.91 ? 13   VAL A CA  1 
ATOM   47   C  C   . VAL A 1 13  ? 5.786   17.311  -4.551  1.00 29.92 ? 13   VAL A C   1 
ATOM   48   O  O   . VAL A 1 13  ? 6.204   16.571  -3.680  1.00 30.99 ? 13   VAL A O   1 
ATOM   49   C  CB  . VAL A 1 13  ? 4.964   19.672  -3.921  1.00 31.20 ? 13   VAL A CB  1 
ATOM   50   C  CG1 . VAL A 1 13  ? 4.099   18.880  -2.936  1.00 31.90 ? 13   VAL A CG1 1 
ATOM   51   C  CG2 . VAL A 1 13  ? 5.539   20.869  -3.174  1.00 31.92 ? 13   VAL A CG2 1 
ATOM   52   N  N   . GLU A 1 14  ? 5.059   16.867  -5.569  1.00 28.84 ? 14   GLU A N   1 
ATOM   53   C  CA  . GLU A 1 14  ? 4.567   15.493  -5.569  1.00 27.49 ? 14   GLU A CA  1 
ATOM   54   C  C   . GLU A 1 14  ? 5.712   14.493  -5.700  1.00 27.13 ? 14   GLU A C   1 
ATOM   55   O  O   . GLU A 1 14  ? 5.711   13.449  -5.068  1.00 25.67 ? 14   GLU A O   1 
ATOM   56   C  CB  . GLU A 1 14  ? 3.536   15.305  -6.672  1.00 27.32 ? 14   GLU A CB  1 
ATOM   57   C  CG  . GLU A 1 14  ? 2.135   15.825  -6.323  1.00 26.35 ? 14   GLU A CG  1 
ATOM   58   C  CD  . GLU A 1 14  ? 1.140   15.613  -7.457  1.00 29.24 ? 14   GLU A CD  1 
ATOM   59   O  OE1 . GLU A 1 14  ? 1.542   15.643  -8.631  1.00 26.74 ? 14   GLU A OE1 1 
ATOM   60   O  OE2 . GLU A 1 14  ? -0.062  15.419  -7.180  1.00 27.17 ? 14   GLU A OE2 1 
ATOM   61   N  N   . GLN A 1 15  ? 6.720   14.834  -6.490  1.00 27.66 ? 15   GLN A N   1 
ATOM   62   C  CA  . GLN A 1 15  ? 7.847   13.917  -6.646  1.00 28.34 ? 15   GLN A CA  1 
ATOM   63   C  C   . GLN A 1 15  ? 8.715   13.765  -5.409  1.00 27.85 ? 15   GLN A C   1 
ATOM   64   O  O   . GLN A 1 15  ? 9.143   12.660  -5.090  1.00 27.44 ? 15   GLN A O   1 
ATOM   65   C  CB  . GLN A 1 15  ? 8.698   14.329  -7.816  1.00 29.49 ? 15   GLN A CB  1 
ATOM   66   C  CG  . GLN A 1 15  ? 9.557   13.189  -8.344  1.00 34.15 ? 15   GLN A CG  1 
ATOM   67   C  CD  . GLN A 1 15  ? 9.910   13.435  -9.765  1.00 41.60 ? 15   GLN A CD  1 
ATOM   68   O  OE1 . GLN A 1 15  ? 10.155  14.585  -10.141 1.00 44.23 ? 15   GLN A OE1 1 
ATOM   69   N  NE2 . GLN A 1 15  ? 9.914   12.381  -10.577 1.00 44.85 ? 15   GLN A NE2 1 
ATOM   70   N  N   . LYS A 1 16  ? 8.996   14.882  -4.728  1.00 28.14 ? 16   LYS A N   1 
ATOM   71   C  CA  . LYS A 1 16  ? 9.741   14.842  -3.470  1.00 28.17 ? 16   LYS A CA  1 
ATOM   72   C  C   . LYS A 1 16  ? 8.920   14.084  -2.446  1.00 27.16 ? 16   LYS A C   1 
ATOM   73   O  O   . LYS A 1 16  ? 9.463   13.257  -1.733  1.00 26.79 ? 16   LYS A O   1 
ATOM   74   C  CB  . LYS A 1 16  ? 10.040  16.249  -2.958  1.00 29.07 ? 16   LYS A CB  1 
ATOM   75   C  CG  . LYS A 1 16  ? 11.154  16.976  -3.736  1.00 30.84 ? 16   LYS A CG  1 
ATOM   76   C  CD  . LYS A 1 16  ? 11.139  18.470  -3.436  1.00 36.23 ? 16   LYS A CD  1 
ATOM   77   C  CE  . LYS A 1 16  ? 12.568  19.054  -3.523  1.00 40.87 ? 16   LYS A CE  1 
ATOM   78   N  NZ  . LYS A 1 16  ? 12.664  20.159  -4.543  1.00 41.33 ? 16   LYS A NZ  1 
ATOM   79   N  N   . ALA A 1 17  ? 7.608   14.353  -2.394  1.00 27.58 ? 17   ALA A N   1 
ATOM   80   C  CA  . ALA A 1 17  ? 6.755   13.696  -1.409  1.00 27.43 ? 17   ALA A CA  1 
ATOM   81   C  C   . ALA A 1 17  ? 6.811   12.188  -1.610  1.00 27.00 ? 17   ALA A C   1 
ATOM   82   O  O   . ALA A 1 17  ? 6.838   11.449  -0.653  1.00 27.41 ? 17   ALA A O   1 
ATOM   83   C  CB  . ALA A 1 17  ? 5.319   14.209  -1.463  1.00 27.99 ? 17   ALA A CB  1 
ATOM   84   N  N   . ALA A 1 18  ? 6.836   11.744  -2.860  1.00 27.01 ? 18   ALA A N   1 
ATOM   85   C  CA  . ALA A 1 18  ? 6.920   10.309  -3.151  1.00 27.78 ? 18   ALA A CA  1 
ATOM   86   C  C   . ALA A 1 18  ? 8.223   9.696   -2.697  1.00 28.32 ? 18   ALA A C   1 
ATOM   87   O  O   . ALA A 1 18  ? 8.288   8.497   -2.505  1.00 28.64 ? 18   ALA A O   1 
ATOM   88   C  CB  . ALA A 1 18  ? 6.711   10.029  -4.625  1.00 27.67 ? 18   ALA A CB  1 
ATOM   89   N  N   . ASN A 1 19  ? 9.273   10.507  -2.570  1.00 29.26 ? 19   ASN A N   1 
ATOM   90   C  CA  . ASN A 1 19  ? 10.543  10.010  -2.023  1.00 30.20 ? 19   ASN A CA  1 
ATOM   91   C  C   . ASN A 1 19  ? 10.675  10.421  -0.563  1.00 29.59 ? 19   ASN A C   1 
ATOM   92   O  O   . ASN A 1 19  ? 11.766  10.485  -0.039  1.00 30.06 ? 19   ASN A O   1 
ATOM   93   C  CB  . ASN A 1 19  ? 11.744  10.464  -2.866  1.00 30.59 ? 19   ASN A CB  1 
ATOM   94   C  CG  . ASN A 1 19  ? 11.887  9.661   -4.160  1.00 33.27 ? 19   ASN A CG  1 
ATOM   95   O  OD1 . ASN A 1 19  ? 11.731  10.208  -5.261  1.00 37.61 ? 19   ASN A OD1 1 
ATOM   96   N  ND2 . ASN A 1 19  ? 12.166  8.355   -4.035  1.00 36.05 ? 19   ASN A ND2 1 
ATOM   97   N  N   . GLY A 1 20  ? 9.536   10.733  0.069   1.00 29.14 ? 20   GLY A N   1 
ATOM   98   C  CA  . GLY A 1 20  ? 9.470   10.940  1.512   1.00 28.26 ? 20   GLY A CA  1 
ATOM   99   C  C   . GLY A 1 20  ? 9.958   12.281  2.036   1.00 27.55 ? 20   GLY A C   1 
ATOM   100  O  O   . GLY A 1 20  ? 10.318  12.387  3.192   1.00 27.23 ? 20   GLY A O   1 
ATOM   101  N  N   . VAL A 1 21  ? 9.966   13.299  1.190   1.00 27.45 ? 21   VAL A N   1 
ATOM   102  C  CA  . VAL A 1 21  ? 10.418  14.626  1.581   1.00 27.89 ? 21   VAL A CA  1 
ATOM   103  C  C   . VAL A 1 21  ? 9.257   15.596  1.296   1.00 26.93 ? 21   VAL A C   1 
ATOM   104  O  O   . VAL A 1 21  ? 8.892   15.847  0.136   1.00 28.40 ? 21   VAL A O   1 
ATOM   105  C  CB  . VAL A 1 21  ? 11.684  15.046  0.804   1.00 28.34 ? 21   VAL A CB  1 
ATOM   106  C  CG1 . VAL A 1 21  ? 12.161  16.443  1.197   1.00 28.12 ? 21   VAL A CG1 1 
ATOM   107  C  CG2 . VAL A 1 21  ? 12.831  13.993  0.960   1.00 29.64 ? 21   VAL A CG2 1 
ATOM   108  N  N   . PHE A 1 22  ? 8.659   16.109  2.356   1.00 26.04 ? 22   PHE A N   1 
ATOM   109  C  CA  . PHE A 1 22  ? 7.529   17.031  2.232   1.00 25.48 ? 22   PHE A CA  1 
ATOM   110  C  C   . PHE A 1 22  ? 7.345   17.847  3.513   1.00 25.97 ? 22   PHE A C   1 
ATOM   111  O  O   . PHE A 1 22  ? 7.764   17.421  4.584   1.00 26.96 ? 22   PHE A O   1 
ATOM   112  C  CB  . PHE A 1 22  ? 6.195   16.290  1.863   1.00 24.71 ? 22   PHE A CB  1 
ATOM   113  C  CG  . PHE A 1 22  ? 5.765   15.205  2.848   1.00 23.61 ? 22   PHE A CG  1 
ATOM   114  C  CD1 . PHE A 1 22  ? 4.938   15.514  3.912   1.00 19.12 ? 22   PHE A CD1 1 
ATOM   115  C  CD2 . PHE A 1 22  ? 6.146   13.862  2.666   1.00 20.21 ? 22   PHE A CD2 1 
ATOM   116  C  CE1 . PHE A 1 22  ? 4.504   14.527  4.840   1.00 21.81 ? 22   PHE A CE1 1 
ATOM   117  C  CE2 . PHE A 1 22  ? 5.706   12.874  3.540   1.00 19.14 ? 22   PHE A CE2 1 
ATOM   118  C  CZ  . PHE A 1 22  ? 4.896   13.210  4.653   1.00 22.02 ? 22   PHE A CZ  1 
ATOM   119  N  N   . ASP A 1 23  ? 6.695   18.999  3.412   1.00 26.05 ? 23   ASP A N   1 
ATOM   120  C  CA  . ASP A 1 23  ? 6.240   19.699  4.616   1.00 26.94 ? 23   ASP A CA  1 
ATOM   121  C  C   . ASP A 1 23  ? 4.819   19.301  5.046   1.00 27.07 ? 23   ASP A C   1 
ATOM   122  O  O   . ASP A 1 23  ? 3.936   19.106  4.191   1.00 26.61 ? 23   ASP A O   1 
ATOM   123  C  CB  . ASP A 1 23  ? 6.274   21.211  4.425   1.00 27.48 ? 23   ASP A CB  1 
ATOM   124  C  CG  A ASP A 1 23  ? 6.112   21.941  5.728   0.60 26.42 ? 23   ASP A CG  1 
ATOM   125  C  CG  B ASP A 1 23  ? 7.423   21.685  3.548   0.40 28.42 ? 23   ASP A CG  1 
ATOM   126  O  OD1 A ASP A 1 23  ? 5.150   22.720  5.864   0.60 25.84 ? 23   ASP A OD1 1 
ATOM   127  O  OD1 B ASP A 1 23  ? 8.558   21.171  3.694   0.40 29.47 ? 23   ASP A OD1 1 
ATOM   128  O  OD2 A ASP A 1 23  ? 6.890   21.762  6.685   0.60 27.30 ? 23   ASP A OD2 1 
ATOM   129  O  OD2 B ASP A 1 23  ? 7.281   22.598  2.695   0.40 29.92 ? 23   ASP A OD2 1 
ATOM   130  N  N   . ASP A 1 24  ? 4.608   19.222  6.367   1.00 26.38 ? 24   ASP A N   1 
ATOM   131  C  CA  . ASP A 1 24  ? 3.319   18.853  6.936   1.00 27.04 ? 24   ASP A CA  1 
ATOM   132  C  C   . ASP A 1 24  ? 2.211   19.739  6.356   1.00 26.52 ? 24   ASP A C   1 
ATOM   133  O  O   . ASP A 1 24  ? 1.115   19.268  6.095   1.00 26.78 ? 24   ASP A O   1 
ATOM   134  C  CB  . ASP A 1 24  ? 3.334   18.987  8.458   1.00 26.82 ? 24   ASP A CB  1 
ATOM   135  C  CG  . ASP A 1 24  ? 4.142   17.898  9.147   1.00 28.70 ? 24   ASP A CG  1 
ATOM   136  O  OD1 . ASP A 1 24  ? 4.855   17.144  8.456   1.00 26.38 ? 24   ASP A OD1 1 
ATOM   137  O  OD2 . ASP A 1 24  ? 4.131   17.727  10.386  1.00 30.11 ? 24   ASP A OD2 1 
ATOM   138  N  N   . ALA A 1 25  ? 2.508   21.027  6.155   1.00 25.33 ? 25   ALA A N   1 
ATOM   139  C  CA  . ALA A 1 25  ? 1.477   21.969  5.674   1.00 24.85 ? 25   ALA A CA  1 
ATOM   140  C  C   . ALA A 1 25  ? 0.958   21.662  4.260   1.00 24.49 ? 25   ALA A C   1 
ATOM   141  O  O   . ALA A 1 25  ? -0.023  22.225  3.834   1.00 24.37 ? 25   ALA A O   1 
ATOM   142  C  CB  . ALA A 1 25  ? 1.990   23.402  5.762   1.00 24.12 ? 25   ALA A CB  1 
ATOM   143  N  N   . ASN A 1 26  ? 1.641   20.794  3.527   1.00 25.07 ? 26   ASN A N   1 
ATOM   144  C  CA  . ASN A 1 26  ? 1.262   20.521  2.159   1.00 25.36 ? 26   ASN A CA  1 
ATOM   145  C  C   . ASN A 1 26  ? 0.486   19.215  2.048   1.00 24.91 ? 26   ASN A C   1 
ATOM   146  O  O   . ASN A 1 26  ? -0.001  18.882  0.989   1.00 24.53 ? 26   ASN A O   1 
ATOM   147  C  CB  . ASN A 1 26  ? 2.461   20.495  1.219   1.00 25.59 ? 26   ASN A CB  1 
ATOM   148  C  CG  . ASN A 1 26  ? 3.102   21.880  1.016   1.00 28.36 ? 26   ASN A CG  1 
ATOM   149  O  OD1 . ASN A 1 26  ? 2.432   22.922  0.946   1.00 28.32 ? 26   ASN A OD1 1 
ATOM   150  N  ND2 . ASN A 1 26  ? 4.408   21.882  0.934   1.00 26.90 ? 26   ASN A ND2 1 
ATOM   151  N  N   . VAL A 1 27  ? 0.365   18.490  3.149   1.00 23.12 ? 27   VAL A N   1 
ATOM   152  C  CA  . VAL A 1 27  ? -0.424  17.271  3.190   1.00 22.22 ? 27   VAL A CA  1 
ATOM   153  C  C   . VAL A 1 27  ? -1.890  17.676  3.140   1.00 22.56 ? 27   VAL A C   1 
ATOM   154  O  O   . VAL A 1 27  ? -2.332  18.572  3.878   1.00 23.27 ? 27   VAL A O   1 
ATOM   155  C  CB  . VAL A 1 27  ? -0.112  16.428  4.472   1.00 22.01 ? 27   VAL A CB  1 
ATOM   156  C  CG1 . VAL A 1 27  ? -0.953  15.122  4.543   1.00 22.21 ? 27   VAL A CG1 1 
ATOM   157  C  CG2 . VAL A 1 27  ? 1.364   16.080  4.548   1.00 21.88 ? 27   VAL A CG2 1 
ATOM   158  N  N   . GLN A 1 28  ? -2.647  17.012  2.267   1.00 21.21 ? 28   GLN A N   1 
ATOM   159  C  CA  . GLN A 1 28  ? -4.063  17.287  2.176   1.00 21.81 ? 28   GLN A CA  1 
ATOM   160  C  C   . GLN A 1 28  ? -4.853  15.987  2.321   1.00 20.99 ? 28   GLN A C   1 
ATOM   161  O  O   . GLN A 1 28  ? -4.376  14.864  2.033   1.00 19.94 ? 28   GLN A O   1 
ATOM   162  C  CB  . GLN A 1 28  ? -4.439  17.914  0.816   1.00 21.95 ? 28   GLN A CB  1 
ATOM   163  C  CG  . GLN A 1 28  ? -3.895  19.371  0.532   1.00 26.91 ? 28   GLN A CG  1 
ATOM   164  C  CD  . GLN A 1 28  ? -4.292  19.865  -0.872  1.00 33.63 ? 28   GLN A CD  1 
ATOM   165  O  OE1 . GLN A 1 28  ? -3.562  19.659  -1.829  1.00 35.65 ? 28   GLN A OE1 1 
ATOM   166  N  NE2 . GLN A 1 28  ? -5.465  20.479  -0.992  1.00 36.85 ? 28   GLN A NE2 1 
ATOM   167  N  N   . ASN A 1 29  ? -6.097  16.163  2.721   1.00 20.96 ? 29   ASN A N   1 
ATOM   168  C  CA  . ASN A 1 29  ? -7.028  15.053  2.878   1.00 20.84 ? 29   ASN A CA  1 
ATOM   169  C  C   . ASN A 1 29  ? -7.315  14.419  1.526   1.00 20.89 ? 29   ASN A C   1 
ATOM   170  O  O   . ASN A 1 29  ? -7.126  15.051  0.476   1.00 20.12 ? 29   ASN A O   1 
ATOM   171  C  CB  . ASN A 1 29  ? -8.299  15.603  3.555   1.00 21.02 ? 29   ASN A CB  1 
ATOM   172  C  CG  . ASN A 1 29  ? -8.107  15.812  5.047   1.00 21.58 ? 29   ASN A CG  1 
ATOM   173  O  OD1 . ASN A 1 29  ? -8.001  14.831  5.824   1.00 18.67 ? 29   ASN A OD1 1 
ATOM   174  N  ND2 . ASN A 1 29  ? -8.026  17.091  5.465   1.00 21.61 ? 29   ASN A ND2 1 
ATOM   175  N  N   . ARG A 1 30  ? -7.717  13.158  1.544   1.00 20.76 ? 30   ARG A N   1 
ATOM   176  C  CA  . ARG A 1 30  ? -8.016  12.447  0.315   1.00 21.33 ? 30   ARG A CA  1 
ATOM   177  C  C   . ARG A 1 30  ? -9.331  11.672  0.501   1.00 21.81 ? 30   ARG A C   1 
ATOM   178  O  O   . ARG A 1 30  ? -9.758  11.451  1.636   1.00 22.60 ? 30   ARG A O   1 
ATOM   179  C  CB  . ARG A 1 30  ? -6.897  11.466  0.007   1.00 20.70 ? 30   ARG A CB  1 
ATOM   180  C  CG  . ARG A 1 30  ? -5.626  12.114  -0.527  1.00 18.59 ? 30   ARG A CG  1 
ATOM   181  C  CD  . ARG A 1 30  ? -4.492  11.132  -0.608  1.00 18.83 ? 30   ARG A CD  1 
ATOM   182  N  NE  . ARG A 1 30  ? -4.525  10.301  -1.813  1.00 18.20 ? 30   ARG A NE  1 
ATOM   183  C  CZ  . ARG A 1 30  ? -3.709  9.263   -2.043  1.00 19.64 ? 30   ARG A CZ  1 
ATOM   184  N  NH1 . ARG A 1 30  ? -2.785  8.917   -1.136  1.00 16.91 ? 30   ARG A NH1 1 
ATOM   185  N  NH2 . ARG A 1 30  ? -3.782  8.594   -3.206  1.00 20.59 ? 30   ARG A NH2 1 
ATOM   186  N  N   . THR A 1 31  ? -9.949  11.253  -0.602  1.00 21.63 ? 31   THR A N   1 
ATOM   187  C  CA  . THR A 1 31  ? -11.200 10.455  -0.556  1.00 22.36 ? 31   THR A CA  1 
ATOM   188  C  C   . THR A 1 31  ? -10.894 9.027   -0.950  1.00 21.65 ? 31   THR A C   1 
ATOM   189  O  O   . THR A 1 31  ? -9.951  8.786   -1.704  1.00 19.38 ? 31   THR A O   1 
ATOM   190  C  CB  . THR A 1 31  ? -12.316 10.981  -1.574  1.00 22.54 ? 31   THR A CB  1 
ATOM   191  O  OG1 . THR A 1 31  ? -11.841 10.858  -2.910  1.00 25.32 ? 31   THR A OG1 1 
ATOM   192  C  CG2 . THR A 1 31  ? -12.514 12.456  -1.467  1.00 24.07 ? 31   THR A CG2 1 
ATOM   193  N  N   . LEU A 1 32  ? -11.695 8.085   -0.451  1.00 20.43 ? 32   LEU A N   1 
ATOM   194  C  CA  . LEU A 1 32  ? -11.562 6.695   -0.850  1.00 20.30 ? 32   LEU A CA  1 
ATOM   195  C  C   . LEU A 1 32  ? -11.450 6.476   -2.366  1.00 20.11 ? 32   LEU A C   1 
ATOM   196  O  O   . LEU A 1 32  ? -10.740 5.552   -2.792  1.00 19.79 ? 32   LEU A O   1 
ATOM   197  C  CB  . LEU A 1 32  ? -12.724 5.856   -0.273  1.00 20.26 ? 32   LEU A CB  1 
ATOM   198  C  CG  . LEU A 1 32  ? -12.622 4.318   -0.322  1.00 20.71 ? 32   LEU A CG  1 
ATOM   199  C  CD1 . LEU A 1 32  ? -11.321 3.786   0.254   1.00 20.73 ? 32   LEU A CD1 1 
ATOM   200  C  CD2 . LEU A 1 32  ? -13.834 3.701   0.387   1.00 20.36 ? 32   LEU A CD2 1 
ATOM   201  N  N   . SER A 1 33  ? -12.123 7.289   -3.199  1.00 20.08 ? 33   SER A N   1 
ATOM   202  C  CA  . SER A 1 33  ? -12.113 7.031   -4.659  1.00 20.20 ? 33   SER A CA  1 
ATOM   203  C  C   . SER A 1 33  ? -10.700 7.191   -5.343  1.00 20.52 ? 33   SER A C   1 
ATOM   204  O  O   . SER A 1 33  ? -10.511 6.774   -6.491  1.00 18.19 ? 33   SER A O   1 
ATOM   205  C  CB  . SER A 1 33  ? -13.099 7.968   -5.362  1.00 21.27 ? 33   SER A CB  1 
ATOM   206  O  OG  . SER A 1 33  ? -12.706 9.290   -5.049  1.00 21.69 ? 33   SER A OG  1 
ATOM   207  N  N   . ASP A 1 34  ? -9.714  7.790   -4.646  1.00 19.68 ? 34   ASP A N   1 
ATOM   208  C  CA  . ASP A 1 34  ? -8.304  7.718   -5.094  1.00 19.12 ? 34   ASP A CA  1 
ATOM   209  C  C   . ASP A 1 34  ? -7.819  6.265   -5.276  1.00 19.24 ? 34   ASP A C   1 
ATOM   210  O  O   . ASP A 1 34  ? -6.890  5.989   -6.041  1.00 19.92 ? 34   ASP A O   1 
ATOM   211  C  CB  . ASP A 1 34  ? -7.375  8.470   -4.132  1.00 18.35 ? 34   ASP A CB  1 
ATOM   212  C  CG  . ASP A 1 34  ? -7.382  9.974   -4.390  1.00 20.47 ? 34   ASP A CG  1 
ATOM   213  O  OD1 . ASP A 1 34  ? -8.203  10.404  -5.230  1.00 15.89 ? 34   ASP A OD1 1 
ATOM   214  O  OD2 . ASP A 1 34  ? -6.632  10.814  -3.823  1.00 23.26 ? 34   ASP A OD2 1 
ATOM   215  N  N   . TRP A 1 35  ? -8.477  5.332   -4.596  1.00 19.09 ? 35   TRP A N   1 
ATOM   216  C  CA  . TRP A 1 35  ? -8.091  3.933   -4.657  1.00 19.46 ? 35   TRP A CA  1 
ATOM   217  C  C   . TRP A 1 35  ? -9.155  3.038   -5.344  1.00 20.46 ? 35   TRP A C   1 
ATOM   218  O  O   . TRP A 1 35  ? -9.074  1.799   -5.297  1.00 20.23 ? 35   TRP A O   1 
ATOM   219  C  CB  . TRP A 1 35  ? -7.737  3.424   -3.261  1.00 20.58 ? 35   TRP A CB  1 
ATOM   220  C  CG  . TRP A 1 35  ? -6.561  4.165   -2.620  1.00 19.35 ? 35   TRP A CG  1 
ATOM   221  C  CD1 . TRP A 1 35  ? -5.233  3.916   -2.815  1.00 17.80 ? 35   TRP A CD1 1 
ATOM   222  C  CD2 . TRP A 1 35  ? -6.635  5.284   -1.720  1.00 20.38 ? 35   TRP A CD2 1 
ATOM   223  N  NE1 . TRP A 1 35  ? -4.470  4.787   -2.076  1.00 21.14 ? 35   TRP A NE1 1 
ATOM   224  C  CE2 . TRP A 1 35  ? -5.307  5.627   -1.373  1.00 22.47 ? 35   TRP A CE2 1 
ATOM   225  C  CE3 . TRP A 1 35  ? -7.695  5.994   -1.113  1.00 21.59 ? 35   TRP A CE3 1 
ATOM   226  C  CZ2 . TRP A 1 35  ? -5.003  6.669   -0.470  1.00 21.46 ? 35   TRP A CZ2 1 
ATOM   227  C  CZ3 . TRP A 1 35  ? -7.386  7.051   -0.238  1.00 20.04 ? 35   TRP A CZ3 1 
ATOM   228  C  CH2 . TRP A 1 35  ? -6.054  7.375   0.065   1.00 19.99 ? 35   TRP A CH2 1 
ATOM   229  N  N   . ASP A 1 36  ? -10.133 3.660   -6.011  1.00 21.33 ? 36   ASP A N   1 
ATOM   230  C  CA  . ASP A 1 36  ? -11.105 2.893   -6.815  1.00 20.66 ? 36   ASP A CA  1 
ATOM   231  C  C   . ASP A 1 36  ? -10.383 1.992   -7.781  1.00 20.41 ? 36   ASP A C   1 
ATOM   232  O  O   . ASP A 1 36  ? -9.369  2.376   -8.363  1.00 19.61 ? 36   ASP A O   1 
ATOM   233  C  CB  . ASP A 1 36  ? -12.025 3.804   -7.625  1.00 21.36 ? 36   ASP A CB  1 
ATOM   234  C  CG  . ASP A 1 36  ? -13.170 4.367   -6.822  1.00 22.24 ? 36   ASP A CG  1 
ATOM   235  O  OD1 . ASP A 1 36  ? -13.339 4.005   -5.617  1.00 22.04 ? 36   ASP A OD1 1 
ATOM   236  O  OD2 . ASP A 1 36  ? -13.966 5.190   -7.325  1.00 20.80 ? 36   ASP A OD2 1 
ATOM   237  N  N   . GLY A 1 37  ? -10.940 0.807   -7.988  1.00 19.68 ? 37   GLY A N   1 
ATOM   238  C  CA  . GLY A 1 37  ? -10.389 -0.121  -8.941  1.00 19.96 ? 37   GLY A CA  1 
ATOM   239  C  C   . GLY A 1 37  ? -10.361 -1.540  -8.436  1.00 19.81 ? 37   GLY A C   1 
ATOM   240  O  O   . GLY A 1 37  ? -10.825 -1.829  -7.355  1.00 20.84 ? 37   GLY A O   1 
ATOM   241  N  N   . VAL A 1 38  ? -9.816  -2.435  -9.246  1.00 19.58 ? 38   VAL A N   1 
ATOM   242  C  CA  . VAL A 1 38  ? -9.596  -3.781  -8.828  1.00 19.21 ? 38   VAL A CA  1 
ATOM   243  C  C   . VAL A 1 38  ? -8.093  -4.004  -8.817  1.00 19.45 ? 38   VAL A C   1 
ATOM   244  O  O   . VAL A 1 38  ? -7.403  -3.740  -9.813  1.00 17.31 ? 38   VAL A O   1 
ATOM   245  C  CB  . VAL A 1 38  ? -10.324 -4.850  -9.696  1.00 19.41 ? 38   VAL A CB  1 
ATOM   246  C  CG1 . VAL A 1 38  ? -10.157 -6.216  -9.049  1.00 18.46 ? 38   VAL A CG1 1 
ATOM   247  C  CG2 . VAL A 1 38  ? -11.806 -4.543  -9.809  1.00 18.87 ? 38   VAL A CG2 1 
ATOM   248  N  N   . TRP A 1 39  ? -7.637  -4.547  -7.688  1.00 18.62 ? 39   TRP A N   1 
ATOM   249  C  CA  . TRP A 1 39  ? -6.220  -4.609  -7.312  1.00 19.62 ? 39   TRP A CA  1 
ATOM   250  C  C   . TRP A 1 39  ? -5.762  -6.064  -6.989  1.00 19.85 ? 39   TRP A C   1 
ATOM   251  O  O   . TRP A 1 39  ? -6.442  -6.760  -6.252  1.00 19.66 ? 39   TRP A O   1 
ATOM   252  C  CB  . TRP A 1 39  ? -6.044  -3.686  -6.085  1.00 20.18 ? 39   TRP A CB  1 
ATOM   253  C  CG  . TRP A 1 39  ? -6.506  -2.253  -6.315  1.00 19.91 ? 39   TRP A CG  1 
ATOM   254  C  CD1 . TRP A 1 39  ? -7.766  -1.744  -6.074  1.00 21.02 ? 39   TRP A CD1 1 
ATOM   255  C  CD2 . TRP A 1 39  ? -5.727  -1.161  -6.806  1.00 20.56 ? 39   TRP A CD2 1 
ATOM   256  N  NE1 . TRP A 1 39  ? -7.802  -0.408  -6.394  1.00 17.95 ? 39   TRP A NE1 1 
ATOM   257  C  CE2 . TRP A 1 39  ? -6.560  -0.017  -6.813  1.00 18.90 ? 39   TRP A CE2 1 
ATOM   258  C  CE3 . TRP A 1 39  ? -4.371  -1.002  -7.184  1.00 20.41 ? 39   TRP A CE3 1 
ATOM   259  C  CZ2 . TRP A 1 39  ? -6.107  1.245   -7.244  1.00 19.13 ? 39   TRP A CZ2 1 
ATOM   260  C  CZ3 . TRP A 1 39  ? -3.930  0.263   -7.601  1.00 20.46 ? 39   TRP A CZ3 1 
ATOM   261  C  CH2 . TRP A 1 39  ? -4.802  1.365   -7.624  1.00 17.81 ? 39   TRP A CH2 1 
ATOM   262  N  N   . GLN A 1 40  ? -4.607  -6.508  -7.519  1.00 19.42 ? 40   GLN A N   1 
ATOM   263  C  CA  . GLN A 1 40  ? -3.980  -7.785  -7.151  1.00 20.72 ? 40   GLN A CA  1 
ATOM   264  C  C   . GLN A 1 40  ? -2.926  -7.586  -6.059  1.00 20.23 ? 40   GLN A C   1 
ATOM   265  O  O   . GLN A 1 40  ? -2.102  -6.658  -6.129  1.00 20.94 ? 40   GLN A O   1 
ATOM   266  C  CB  . GLN A 1 40  ? -3.256  -8.430  -8.353  1.00 21.10 ? 40   GLN A CB  1 
ATOM   267  C  CG  . GLN A 1 40  ? -2.134  -7.563  -8.929  1.00 22.03 ? 40   GLN A CG  1 
ATOM   268  C  CD  . GLN A 1 40  ? -1.488  -8.133  -10.172 1.00 23.00 ? 40   GLN A CD  1 
ATOM   269  O  OE1 . GLN A 1 40  ? -0.894  -9.207  -10.132 1.00 24.62 ? 40   GLN A OE1 1 
ATOM   270  N  NE2 . GLN A 1 40  ? -1.623  -7.418  -11.289 1.00 22.13 ? 40   GLN A NE2 1 
ATOM   271  N  N   . SER A 1 41  ? -2.976  -8.434  -5.043  1.00 20.48 ? 41   SER A N   1 
ATOM   272  C  CA  . SER A 1 41  ? -1.858  -8.616  -4.126  1.00 20.96 ? 41   SER A CA  1 
ATOM   273  C  C   . SER A 1 41  ? -0.595  -9.020  -4.877  1.00 21.28 ? 41   SER A C   1 
ATOM   274  O  O   . SER A 1 41  ? -0.672  -9.876  -5.748  1.00 22.50 ? 41   SER A O   1 
ATOM   275  C  CB  . SER A 1 41  ? -2.201  -9.748  -3.171  1.00 20.68 ? 41   SER A CB  1 
ATOM   276  O  OG  . SER A 1 41  ? -1.088  -10.029 -2.339  1.00 19.33 ? 41   SER A OG  1 
ATOM   277  N  N   . VAL A 1 42  ? 0.559   -8.436  -4.541  1.00 20.84 ? 42   VAL A N   1 
ATOM   278  C  CA  . VAL A 1 42  ? 1.836   -8.850  -5.160  1.00 22.16 ? 42   VAL A CA  1 
ATOM   279  C  C   . VAL A 1 42  ? 2.498   -10.077 -4.522  1.00 21.86 ? 42   VAL A C   1 
ATOM   280  O  O   . VAL A 1 42  ? 3.476   -10.648 -5.041  1.00 21.47 ? 42   VAL A O   1 
ATOM   281  C  CB  . VAL A 1 42  ? 2.846   -7.686  -5.213  1.00 21.93 ? 42   VAL A CB  1 
ATOM   282  C  CG1 . VAL A 1 42  ? 2.215   -6.533  -5.987  1.00 24.37 ? 42   VAL A CG1 1 
ATOM   283  C  CG2 . VAL A 1 42  ? 3.267   -7.221  -3.781  1.00 19.99 ? 42   VAL A CG2 1 
ATOM   284  N  N   . TYR A 1 43  ? 1.978   -10.469 -3.371  1.00 21.49 ? 43   TYR A N   1 
ATOM   285  C  CA  . TYR A 1 43  ? 2.508   -11.630 -2.675  1.00 22.01 ? 43   TYR A CA  1 
ATOM   286  C  C   . TYR A 1 43  ? 2.686   -12.892 -3.531  1.00 21.80 ? 43   TYR A C   1 
ATOM   287  O  O   . TYR A 1 43  ? 3.777   -13.478 -3.487  1.00 22.42 ? 43   TYR A O   1 
ATOM   288  C  CB  . TYR A 1 43  ? 1.694   -11.897 -1.403  1.00 20.71 ? 43   TYR A CB  1 
ATOM   289  C  CG  . TYR A 1 43  ? 2.374   -12.864 -0.461  1.00 23.03 ? 43   TYR A CG  1 
ATOM   290  C  CD1 . TYR A 1 43  ? 3.734   -12.725 -0.145  1.00 22.94 ? 43   TYR A CD1 1 
ATOM   291  C  CD2 . TYR A 1 43  ? 1.660   -13.927 0.098   1.00 21.91 ? 43   TYR A CD2 1 
ATOM   292  C  CE1 . TYR A 1 43  ? 4.358   -13.612 0.707   1.00 25.03 ? 43   TYR A CE1 1 
ATOM   293  C  CE2 . TYR A 1 43  ? 2.270   -14.824 0.955   1.00 25.90 ? 43   TYR A CE2 1 
ATOM   294  C  CZ  . TYR A 1 43  ? 3.620   -14.658 1.259   1.00 25.43 ? 43   TYR A CZ  1 
ATOM   295  O  OH  . TYR A 1 43  ? 4.231   -15.554 2.109   1.00 26.52 ? 43   TYR A OH  1 
ATOM   296  N  N   . PRO A 1 44  ? 1.708   -13.314 -4.340  1.00 23.17 ? 44   PRO A N   1 
ATOM   297  C  CA  . PRO A 1 44  ? 1.933   -14.510 -5.180  1.00 24.29 ? 44   PRO A CA  1 
ATOM   298  C  C   . PRO A 1 44  ? 3.097   -14.337 -6.153  1.00 24.96 ? 44   PRO A C   1 
ATOM   299  O  O   . PRO A 1 44  ? 3.820   -15.321 -6.423  1.00 25.50 ? 44   PRO A O   1 
ATOM   300  C  CB  . PRO A 1 44  ? 0.603   -14.724 -5.951  1.00 23.89 ? 44   PRO A CB  1 
ATOM   301  C  CG  . PRO A 1 44  ? -0.373  -13.623 -5.545  1.00 24.82 ? 44   PRO A CG  1 
ATOM   302  C  CD  . PRO A 1 44  ? 0.347   -12.750 -4.523  1.00 24.10 ? 44   PRO A CD  1 
ATOM   303  N  N   . LEU A 1 45  ? 3.302   -13.112 -6.653  1.00 25.13 ? 45   LEU A N   1 
ATOM   304  C  CA  . LEU A 1 45  ? 4.457   -12.844 -7.506  1.00 25.26 ? 45   LEU A CA  1 
ATOM   305  C  C   . LEU A 1 45  ? 5.794   -13.070 -6.793  1.00 24.94 ? 45   LEU A C   1 
ATOM   306  O  O   . LEU A 1 45  ? 6.743   -13.576 -7.407  1.00 24.99 ? 45   LEU A O   1 
ATOM   307  C  CB  . LEU A 1 45  ? 4.406   -11.422 -8.086  1.00 25.51 ? 45   LEU A CB  1 
ATOM   308  C  CG  . LEU A 1 45  ? 3.124   -11.057 -8.843  1.00 27.62 ? 45   LEU A CG  1 
ATOM   309  C  CD1 . LEU A 1 45  ? 3.269   -9.648  -9.384  1.00 26.14 ? 45   LEU A CD1 1 
ATOM   310  C  CD2 . LEU A 1 45  ? 2.851   -12.048 -9.982  1.00 27.11 ? 45   LEU A CD2 1 
ATOM   311  N  N   . LEU A 1 46  ? 5.882   -12.698 -5.510  1.00 24.21 ? 46   LEU A N   1 
ATOM   312  C  CA  . LEU A 1 46  ? 7.093   -12.964 -4.730  1.00 23.47 ? 46   LEU A CA  1 
ATOM   313  C  C   . LEU A 1 46  ? 7.286   -14.452 -4.526  1.00 24.92 ? 46   LEU A C   1 
ATOM   314  O  O   . LEU A 1 46  ? 8.381   -14.992 -4.726  1.00 24.72 ? 46   LEU A O   1 
ATOM   315  C  CB  . LEU A 1 46  ? 6.991   -12.283 -3.357  1.00 22.31 ? 46   LEU A CB  1 
ATOM   316  C  CG  . LEU A 1 46  ? 8.214   -12.431 -2.454  1.00 21.52 ? 46   LEU A CG  1 
ATOM   317  C  CD1 . LEU A 1 46  ? 8.494   -11.124 -1.714  1.00 19.83 ? 46   LEU A CD1 1 
ATOM   318  C  CD2 . LEU A 1 46  ? 8.108   -13.611 -1.440  1.00 19.80 ? 46   LEU A CD2 1 
ATOM   319  N  N   . GLN A 1 47  ? 6.217   -15.115 -4.094  1.00 25.17 ? 47   GLN A N   1 
ATOM   320  C  CA  . GLN A 1 47  ? 6.248   -16.555 -3.801  1.00 27.39 ? 47   GLN A CA  1 
ATOM   321  C  C   . GLN A 1 47  ? 6.662   -17.415 -5.003  1.00 27.88 ? 47   GLN A C   1 
ATOM   322  O  O   . GLN A 1 47  ? 7.338   -18.430 -4.830  1.00 28.78 ? 47   GLN A O   1 
ATOM   323  C  CB  . GLN A 1 47  ? 4.885   -17.028 -3.275  1.00 27.61 ? 47   GLN A CB  1 
ATOM   324  C  CG  . GLN A 1 47  ? 4.540   -16.494 -1.886  1.00 30.72 ? 47   GLN A CG  1 
ATOM   325  C  CD  . GLN A 1 47  ? 3.314   -17.167 -1.283  1.00 35.59 ? 47   GLN A CD  1 
ATOM   326  O  OE1 . GLN A 1 47  ? 2.215   -17.093 -1.842  1.00 35.13 ? 47   GLN A OE1 1 
ATOM   327  N  NE2 . GLN A 1 47  ? 3.501   -17.818 -0.138  1.00 38.24 ? 47   GLN A NE2 1 
ATOM   328  N  N   . SER A 1 48  ? 6.266   -17.017 -6.207  1.00 27.63 ? 48   SER A N   1 
ATOM   329  C  CA  . SER A 1 48  ? 6.601   -17.783 -7.400  1.00 27.89 ? 48   SER A CA  1 
ATOM   330  C  C   . SER A 1 48  ? 8.004   -17.482 -7.951  1.00 27.87 ? 48   SER A C   1 
ATOM   331  O  O   . SER A 1 48  ? 8.481   -18.189 -8.848  1.00 29.09 ? 48   SER A O   1 
ATOM   332  C  CB  . SER A 1 48  ? 5.562   -17.584 -8.498  1.00 26.72 ? 48   SER A CB  1 
ATOM   333  O  OG  . SER A 1 48  ? 5.552   -16.238 -8.919  1.00 28.39 ? 48   SER A OG  1 
ATOM   334  N  N   . GLY A 1 49  ? 8.664   -16.456 -7.407  1.00 27.19 ? 49   GLY A N   1 
ATOM   335  C  CA  . GLY A 1 49  ? 10.004  -16.095 -7.845  1.00 25.97 ? 49   GLY A CA  1 
ATOM   336  C  C   . GLY A 1 49  ? 9.957   -15.038 -8.922  1.00 25.36 ? 49   GLY A C   1 
ATOM   337  O  O   . GLY A 1 49  ? 11.017  -14.576 -9.380  1.00 24.84 ? 49   GLY A O   1 
ATOM   338  N  N   . LYS A 1 50  ? 8.740   -14.633 -9.311  1.00 24.51 ? 50   LYS A N   1 
ATOM   339  C  CA  . LYS A 1 50  ? 8.556   -13.642 -10.355 1.00 25.05 ? 50   LYS A CA  1 
ATOM   340  C  C   . LYS A 1 50  ? 9.091   -12.233 -10.014 1.00 23.32 ? 50   LYS A C   1 
ATOM   341  O  O   . LYS A 1 50  ? 9.461   -11.495 -10.907 1.00 22.34 ? 50   LYS A O   1 
ATOM   342  C  CB  . LYS A 1 50  ? 7.100   -13.607 -10.823 1.00 25.61 ? 50   LYS A CB  1 
ATOM   343  C  CG  . LYS A 1 50  ? 6.988   -13.693 -12.327 1.00 32.07 ? 50   LYS A CG  1 
ATOM   344  C  CD  . LYS A 1 50  ? 7.027   -15.135 -12.812 1.00 36.91 ? 50   LYS A CD  1 
ATOM   345  C  CE  . LYS A 1 50  ? 6.378   -15.261 -14.200 1.00 39.09 ? 50   LYS A CE  1 
ATOM   346  N  NZ  . LYS A 1 50  ? 4.891   -15.457 -14.099 1.00 39.89 ? 50   LYS A NZ  1 
ATOM   347  N  N   . LEU A 1 51  ? 9.180   -11.898 -8.729  1.00 22.63 ? 51   LEU A N   1 
ATOM   348  C  CA  . LEU A 1 51  ? 9.812   -10.643 -8.301  1.00 23.10 ? 51   LEU A CA  1 
ATOM   349  C  C   . LEU A 1 51  ? 11.318  -10.698 -8.117  1.00 22.80 ? 51   LEU A C   1 
ATOM   350  O  O   . LEU A 1 51  ? 11.961  -9.664  -7.856  1.00 22.53 ? 51   LEU A O   1 
ATOM   351  C  CB  . LEU A 1 51  ? 9.167   -10.128 -7.015  1.00 22.39 ? 51   LEU A CB  1 
ATOM   352  C  CG  . LEU A 1 51  ? 7.667   -9.857  -6.999  1.00 24.06 ? 51   LEU A CG  1 
ATOM   353  C  CD1 . LEU A 1 51  ? 7.267   -9.274  -5.645  1.00 25.28 ? 51   LEU A CD1 1 
ATOM   354  C  CD2 . LEU A 1 51  ? 7.284   -8.934  -8.151  1.00 24.18 ? 51   LEU A CD2 1 
ATOM   355  N  N   . ASP A 1 52  ? 11.917  -11.881 -8.246  1.00 23.09 ? 52   ASP A N   1 
ATOM   356  C  CA  . ASP A 1 52  ? 13.356  -11.988 -7.994  1.00 22.63 ? 52   ASP A CA  1 
ATOM   357  C  C   . ASP A 1 52  ? 14.227  -10.963 -8.720  1.00 23.70 ? 52   ASP A C   1 
ATOM   358  O  O   . ASP A 1 52  ? 15.204  -10.509 -8.137  1.00 23.28 ? 52   ASP A O   1 
ATOM   359  C  CB  . ASP A 1 52  ? 13.877  -13.385 -8.321  1.00 22.92 ? 52   ASP A CB  1 
ATOM   360  C  CG  . ASP A 1 52  ? 13.583  -14.384 -7.243  1.00 22.65 ? 52   ASP A CG  1 
ATOM   361  O  OD1 . ASP A 1 52  ? 12.915  -14.046 -6.230  1.00 21.24 ? 52   ASP A OD1 1 
ATOM   362  O  OD2 . ASP A 1 52  ? 13.997  -15.553 -7.342  1.00 23.01 ? 52   ASP A OD2 1 
ATOM   363  N  N   . PRO A 1 53  ? 13.928  -10.621 -9.982  1.00 24.44 ? 53   PRO A N   1 
ATOM   364  C  CA  . PRO A 1 53  ? 14.754  -9.618  -10.672 1.00 25.32 ? 53   PRO A CA  1 
ATOM   365  C  C   . PRO A 1 53  ? 14.699  -8.275  -9.964  1.00 25.04 ? 53   PRO A C   1 
ATOM   366  O  O   . PRO A 1 53  ? 15.682  -7.525  -10.028 1.00 25.83 ? 53   PRO A O   1 
ATOM   367  C  CB  . PRO A 1 53  ? 14.125  -9.538  -12.062 1.00 25.49 ? 53   PRO A CB  1 
ATOM   368  C  CG  . PRO A 1 53  ? 13.470  -10.866 -12.259 1.00 26.18 ? 53   PRO A CG  1 
ATOM   369  C  CD  . PRO A 1 53  ? 12.903  -11.182 -10.900 1.00 24.70 ? 53   PRO A CD  1 
ATOM   370  N  N   . VAL A 1 54  ? 13.573  -7.968  -9.316  1.00 24.82 ? 54   VAL A N   1 
ATOM   371  C  CA  . VAL A 1 54  ? 13.490  -6.766  -8.477  1.00 24.34 ? 54   VAL A CA  1 
ATOM   372  C  C   . VAL A 1 54  ? 14.589  -6.829  -7.419  1.00 23.96 ? 54   VAL A C   1 
ATOM   373  O  O   . VAL A 1 54  ? 15.391  -5.886  -7.284  1.00 23.29 ? 54   VAL A O   1 
ATOM   374  C  CB  . VAL A 1 54  ? 12.061  -6.546  -7.861  1.00 24.01 ? 54   VAL A CB  1 
ATOM   375  C  CG1 . VAL A 1 54  ? 12.045  -5.354  -6.910  1.00 24.56 ? 54   VAL A CG1 1 
ATOM   376  C  CG2 . VAL A 1 54  ? 11.021  -6.344  -8.995  1.00 24.83 ? 54   VAL A CG2 1 
ATOM   377  N  N   . PHE A 1 55  ? 14.639  -7.948  -6.698  1.00 23.07 ? 55   PHE A N   1 
ATOM   378  C  CA  . PHE A 1 55  ? 15.526  -8.083  -5.559  1.00 23.18 ? 55   PHE A CA  1 
ATOM   379  C  C   . PHE A 1 55  ? 16.984  -8.260  -5.953  1.00 23.61 ? 55   PHE A C   1 
ATOM   380  O  O   . PHE A 1 55  ? 17.862  -7.739  -5.277  1.00 23.39 ? 55   PHE A O   1 
ATOM   381  C  CB  . PHE A 1 55  ? 15.064  -9.217  -4.664  1.00 22.62 ? 55   PHE A CB  1 
ATOM   382  C  CG  . PHE A 1 55  ? 13.592  -9.180  -4.393  1.00 23.25 ? 55   PHE A CG  1 
ATOM   383  C  CD1 . PHE A 1 55  ? 12.959  -7.966  -4.141  1.00 20.80 ? 55   PHE A CD1 1 
ATOM   384  C  CD2 . PHE A 1 55  ? 12.834  -10.354 -4.407  1.00 23.65 ? 55   PHE A CD2 1 
ATOM   385  C  CE1 . PHE A 1 55  ? 11.559  -7.917  -3.908  1.00 23.34 ? 55   PHE A CE1 1 
ATOM   386  C  CE2 . PHE A 1 55  ? 11.464  -10.315 -4.184  1.00 25.03 ? 55   PHE A CE2 1 
ATOM   387  C  CZ  . PHE A 1 55  ? 10.829  -9.093  -3.936  1.00 23.00 ? 55   PHE A CZ  1 
ATOM   388  N  N   . GLN A 1 56  ? 17.216  -8.975  -7.042  1.00 24.39 ? 56   GLN A N   1 
ATOM   389  C  CA  . GLN A 1 56  ? 18.528  -9.036  -7.706  1.00 26.92 ? 56   GLN A CA  1 
ATOM   390  C  C   . GLN A 1 56  ? 19.150  -7.652  -8.000  1.00 26.58 ? 56   GLN A C   1 
ATOM   391  O  O   . GLN A 1 56  ? 20.315  -7.401  -7.676  1.00 27.13 ? 56   GLN A O   1 
ATOM   392  C  CB  . GLN A 1 56  ? 18.347  -9.747  -9.035  1.00 27.79 ? 56   GLN A CB  1 
ATOM   393  C  CG  . GLN A 1 56  ? 19.425  -10.706 -9.381  1.00 33.95 ? 56   GLN A CG  1 
ATOM   394  C  CD  . GLN A 1 56  ? 19.204  -11.257 -10.759 1.00 39.54 ? 56   GLN A CD  1 
ATOM   395  O  OE1 . GLN A 1 56  ? 18.092  -11.725 -11.071 1.00 41.97 ? 56   GLN A OE1 1 
ATOM   396  N  NE2 . GLN A 1 56  ? 20.230  -11.148 -11.622 1.00 41.39 ? 56   GLN A NE2 1 
ATOM   397  N  N   . LYS A 1 57  ? 18.377  -6.790  -8.652  1.00 26.30 ? 57   LYS A N   1 
ATOM   398  C  CA  . LYS A 1 57  ? 18.777  -5.423  -8.960  1.00 26.00 ? 57   LYS A CA  1 
ATOM   399  C  C   . LYS A 1 57  ? 19.036  -4.638  -7.676  1.00 25.23 ? 57   LYS A C   1 
ATOM   400  O  O   . LYS A 1 57  ? 20.077  -3.976  -7.554  1.00 25.82 ? 57   LYS A O   1 
ATOM   401  C  CB  . LYS A 1 57  ? 17.703  -4.732  -9.819  1.00 26.81 ? 57   LYS A CB  1 
ATOM   402  C  CG  . LYS A 1 57  ? 17.852  -3.176  -9.948  1.00 30.04 ? 57   LYS A CG  1 
ATOM   403  C  CD  . LYS A 1 57  ? 16.520  -2.407  -10.085 1.00 30.96 ? 57   LYS A CD  1 
ATOM   404  C  CE  . LYS A 1 57  ? 16.700  -0.873  -10.063 1.00 35.64 ? 57   LYS A CE  1 
ATOM   405  N  NZ  . LYS A 1 57  ? 17.135  -0.294  -11.388 1.00 36.71 ? 57   LYS A NZ  1 
ATOM   406  N  N   . LYS A 1 58  ? 18.103  -4.692  -6.735  1.00 23.83 ? 58   LYS A N   1 
ATOM   407  C  CA  . LYS A 1 58  ? 18.245  -4.003  -5.459  1.00 23.89 ? 58   LYS A CA  1 
ATOM   408  C  C   . LYS A 1 58  ? 19.494  -4.429  -4.691  1.00 22.94 ? 58   LYS A C   1 
ATOM   409  O  O   . LYS A 1 58  ? 20.221  -3.582  -4.171  1.00 22.71 ? 58   LYS A O   1 
ATOM   410  C  CB  . LYS A 1 58  ? 17.012  -4.216  -4.576  1.00 24.72 ? 58   LYS A CB  1 
ATOM   411  C  CG  . LYS A 1 58  ? 15.850  -3.301  -4.921  1.00 25.54 ? 58   LYS A CG  1 
ATOM   412  C  CD  . LYS A 1 58  ? 14.730  -3.379  -3.871  1.00 32.19 ? 58   LYS A CD  1 
ATOM   413  C  CE  . LYS A 1 58  ? 13.708  -2.246  -4.092  1.00 37.07 ? 58   LYS A CE  1 
ATOM   414  N  NZ  . LYS A 1 58  ? 13.820  -1.216  -2.991  1.00 41.68 ? 58   LYS A NZ  1 
ATOM   415  N  N   . ALA A 1 59  ? 19.721  -5.743  -4.606  1.00 22.63 ? 59   ALA A N   1 
ATOM   416  C  CA  . ALA A 1 59  ? 20.864  -6.274  -3.857  1.00 23.18 ? 59   ALA A CA  1 
ATOM   417  C  C   . ALA A 1 59  ? 22.163  -5.903  -4.565  1.00 23.00 ? 59   ALA A C   1 
ATOM   418  O  O   . ALA A 1 59  ? 23.160  -5.559  -3.906  1.00 23.81 ? 59   ALA A O   1 
ATOM   419  C  CB  . ALA A 1 59  ? 20.761  -7.769  -3.622  1.00 22.87 ? 59   ALA A CB  1 
ATOM   420  N  N   . ASP A 1 60  ? 22.156  -5.919  -5.888  1.00 23.63 ? 60   ASP A N   1 
ATOM   421  C  CA  . ASP A 1 60  ? 23.334  -5.432  -6.631  1.00 24.60 ? 60   ASP A CA  1 
ATOM   422  C  C   . ASP A 1 60  ? 23.713  -3.981  -6.323  1.00 24.73 ? 60   ASP A C   1 
ATOM   423  O  O   . ASP A 1 60  ? 24.892  -3.673  -6.210  1.00 25.79 ? 60   ASP A O   1 
ATOM   424  C  CB  . ASP A 1 60  ? 23.127  -5.573  -8.135  1.00 23.89 ? 60   ASP A CB  1 
ATOM   425  C  CG  . ASP A 1 60  ? 23.311  -7.000  -8.627  1.00 25.73 ? 60   ASP A CG  1 
ATOM   426  O  OD1 . ASP A 1 60  ? 23.801  -7.882  -7.883  1.00 24.87 ? 60   ASP A OD1 1 
ATOM   427  O  OD2 . ASP A 1 60  ? 23.007  -7.313  -9.774  1.00 25.59 ? 60   ASP A OD2 1 
ATOM   428  N  N   . ALA A 1 61  ? 22.720  -3.103  -6.204  1.00 24.90 ? 61   ALA A N   1 
ATOM   429  C  CA  . ALA A 1 61  ? 22.935  -1.664  -6.044  1.00 25.26 ? 61   ALA A CA  1 
ATOM   430  C  C   . ALA A 1 61  ? 23.310  -1.326  -4.610  1.00 25.40 ? 61   ALA A C   1 
ATOM   431  O  O   . ALA A 1 61  ? 24.059  -0.369  -4.346  1.00 26.47 ? 61   ALA A O   1 
ATOM   432  C  CB  . ALA A 1 61  ? 21.686  -0.893  -6.451  1.00 24.89 ? 61   ALA A CB  1 
ATOM   433  N  N   . ASP A 1 62  ? 22.801  -2.129  -3.686  1.00 24.75 ? 62   ASP A N   1 
ATOM   434  C  CA  . ASP A 1 62  ? 23.033  -1.914  -2.267  1.00 24.72 ? 62   ASP A CA  1 
ATOM   435  C  C   . ASP A 1 62  ? 24.125  -2.847  -1.707  1.00 24.58 ? 62   ASP A C   1 
ATOM   436  O  O   . ASP A 1 62  ? 23.869  -3.980  -1.316  1.00 23.48 ? 62   ASP A O   1 
ATOM   437  C  CB  . ASP A 1 62  ? 21.737  -2.089  -1.490  1.00 24.55 ? 62   ASP A CB  1 
ATOM   438  C  CG  . ASP A 1 62  ? 21.857  -1.635  -0.049  1.00 27.05 ? 62   ASP A CG  1 
ATOM   439  O  OD1 . ASP A 1 62  ? 22.997  -1.422  0.441   1.00 25.54 ? 62   ASP A OD1 1 
ATOM   440  O  OD2 . ASP A 1 62  ? 20.853  -1.514  0.688   1.00 30.21 ? 62   ASP A OD2 1 
ATOM   441  N  N   . LYS A 1 63  ? 25.330  -2.314  -1.583  1.00 24.71 ? 63   LYS A N   1 
ATOM   442  C  CA  . LYS A 1 63  ? 26.444  -3.118  -1.108  1.00 24.27 ? 63   LYS A CA  1 
ATOM   443  C  C   . LYS A 1 63  ? 26.349  -3.478  0.363   1.00 23.48 ? 63   LYS A C   1 
ATOM   444  O  O   . LYS A 1 63  ? 27.144  -4.261  0.850   1.00 22.95 ? 63   LYS A O   1 
ATOM   445  C  CB  . LYS A 1 63  ? 27.760  -2.456  -1.479  1.00 25.01 ? 63   LYS A CB  1 
ATOM   446  C  CG  . LYS A 1 63  ? 28.255  -2.931  -2.858  1.00 25.79 ? 63   LYS A CG  1 
ATOM   447  C  CD  . LYS A 1 63  ? 27.565  -2.221  -3.971  1.00 28.52 ? 63   LYS A CD  1 
ATOM   448  C  CE  . LYS A 1 63  ? 28.253  -2.410  -5.311  1.00 28.29 ? 63   LYS A CE  1 
ATOM   449  N  NZ  . LYS A 1 63  ? 27.243  -2.165  -6.382  1.00 27.22 ? 63   LYS A NZ  1 
ATOM   450  N  N   . THR A 1 64  ? 25.351  -2.934  1.064   1.00 23.71 ? 64   THR A N   1 
ATOM   451  C  CA  . THR A 1 64  ? 25.115  -3.330  2.454   1.00 24.97 ? 64   THR A CA  1 
ATOM   452  C  C   . THR A 1 64  ? 24.032  -4.411  2.646   1.00 24.69 ? 64   THR A C   1 
ATOM   453  O  O   . THR A 1 64  ? 23.815  -4.860  3.768   1.00 25.30 ? 64   THR A O   1 
ATOM   454  C  CB  . THR A 1 64  ? 24.786  -2.118  3.375   1.00 24.92 ? 64   THR A CB  1 
ATOM   455  O  OG1 . THR A 1 64  ? 23.446  -1.686  3.113   1.00 24.56 ? 64   THR A OG1 1 
ATOM   456  C  CG2 . THR A 1 64  ? 25.689  -0.878  3.061   1.00 26.11 ? 64   THR A CG2 1 
ATOM   457  N  N   . LYS A 1 65  ? 23.373  -4.831  1.575   1.00 24.72 ? 65   LYS A N   1 
ATOM   458  C  CA  . LYS A 1 65  ? 22.332  -5.862  1.704   1.00 24.71 ? 65   LYS A CA  1 
ATOM   459  C  C   . LYS A 1 65  ? 22.493  -7.045  0.744   1.00 23.88 ? 65   LYS A C   1 
ATOM   460  O  O   . LYS A 1 65  ? 22.874  -6.848  -0.415  1.00 25.81 ? 65   LYS A O   1 
ATOM   461  C  CB  . LYS A 1 65  ? 20.930  -5.240  1.550   1.00 24.71 ? 65   LYS A CB  1 
ATOM   462  C  CG  . LYS A 1 65  ? 20.603  -4.146  2.571   1.00 26.95 ? 65   LYS A CG  1 
ATOM   463  C  CD  . LYS A 1 65  ? 20.273  -4.714  3.951   1.00 31.37 ? 65   LYS A CD  1 
ATOM   464  C  CE  . LYS A 1 65  ? 20.297  -3.623  5.005   1.00 30.79 ? 65   LYS A CE  1 
ATOM   465  N  NZ  . LYS A 1 65  ? 21.724  -3.404  5.403   1.00 30.68 ? 65   LYS A NZ  1 
ATOM   466  N  N   . THR A 1 66  ? 22.160  -8.252  1.197   1.00 22.67 ? 66   THR A N   1 
ATOM   467  C  CA  . THR A 1 66  ? 22.270  -9.435  0.351   1.00 21.57 ? 66   THR A CA  1 
ATOM   468  C  C   . THR A 1 66  ? 20.915  -9.654  -0.300  1.00 20.87 ? 66   THR A C   1 
ATOM   469  O  O   . THR A 1 66  ? 19.916  -9.015  0.092   1.00 19.42 ? 66   THR A O   1 
ATOM   470  C  CB  . THR A 1 66  ? 22.593  -10.668 1.161   1.00 21.97 ? 66   THR A CB  1 
ATOM   471  O  OG1 . THR A 1 66  ? 21.539  -10.855 2.110   1.00 22.23 ? 66   THR A OG1 1 
ATOM   472  C  CG2 . THR A 1 66  ? 23.856  -10.466 2.016   1.00 20.23 ? 66   THR A CG2 1 
ATOM   473  N  N   . PHE A 1 67  ? 20.878  -10.554 -1.284  1.00 19.63 ? 67   PHE A N   1 
ATOM   474  C  CA  . PHE A 1 67  ? 19.620  -10.915 -1.922  1.00 20.22 ? 67   PHE A CA  1 
ATOM   475  C  C   . PHE A 1 67  ? 18.614  -11.368 -0.886  1.00 20.59 ? 67   PHE A C   1 
ATOM   476  O  O   . PHE A 1 67  ? 17.443  -10.981 -0.937  1.00 21.92 ? 67   PHE A O   1 
ATOM   477  C  CB  . PHE A 1 67  ? 19.820  -12.014 -2.950  1.00 20.18 ? 67   PHE A CB  1 
ATOM   478  C  CG  . PHE A 1 67  ? 18.535  -12.449 -3.637  1.00 20.50 ? 67   PHE A CG  1 
ATOM   479  C  CD1 . PHE A 1 67  ? 18.096  -11.794 -4.781  1.00 21.96 ? 67   PHE A CD1 1 
ATOM   480  C  CD2 . PHE A 1 67  ? 17.765  -13.499 -3.115  1.00 23.85 ? 67   PHE A CD2 1 
ATOM   481  C  CE1 . PHE A 1 67  ? 16.926  -12.189 -5.448  1.00 21.40 ? 67   PHE A CE1 1 
ATOM   482  C  CE2 . PHE A 1 67  ? 16.575  -13.924 -3.758  1.00 22.04 ? 67   PHE A CE2 1 
ATOM   483  C  CZ  . PHE A 1 67  ? 16.153  -13.261 -4.933  1.00 24.09 ? 67   PHE A CZ  1 
ATOM   484  N  N   . ALA A 1 68  ? 19.076  -12.198 0.041   1.00 20.61 ? 68   ALA A N   1 
ATOM   485  C  CA  . ALA A 1 68  ? 18.182  -12.845 1.006   1.00 20.45 ? 68   ALA A CA  1 
ATOM   486  C  C   . ALA A 1 68  ? 17.673  -11.774 1.952   1.00 21.22 ? 68   ALA A C   1 
ATOM   487  O  O   . ALA A 1 68  ? 16.489  -11.779 2.258   1.00 20.34 ? 68   ALA A O   1 
ATOM   488  C  CB  . ALA A 1 68  ? 18.878  -13.947 1.767   1.00 20.85 ? 68   ALA A CB  1 
ATOM   489  N  N   . GLU A 1 69  ? 18.518  -10.790 2.315   1.00 21.32 ? 69   GLU A N   1 
ATOM   490  C  CA  . GLU A 1 69  ? 18.024  -9.691  3.181   1.00 22.90 ? 69   GLU A CA  1 
ATOM   491  C  C   . GLU A 1 69  ? 16.907  -8.881  2.531   1.00 22.38 ? 69   GLU A C   1 
ATOM   492  O  O   . GLU A 1 69  ? 15.888  -8.567  3.179   1.00 22.66 ? 69   GLU A O   1 
ATOM   493  C  CB  . GLU A 1 69  ? 19.166  -8.776  3.688   1.00 23.30 ? 69   GLU A CB  1 
ATOM   494  C  CG  . GLU A 1 69  ? 19.979  -9.452  4.770   1.00 24.81 ? 69   GLU A CG  1 
ATOM   495  C  CD  . GLU A 1 69  ? 21.278  -8.741  5.084   1.00 28.01 ? 69   GLU A CD  1 
ATOM   496  O  OE1 . GLU A 1 69  ? 21.801  -8.043  4.210   1.00 27.75 ? 69   GLU A OE1 1 
ATOM   497  O  OE2 . GLU A 1 69  ? 21.788  -8.893  6.219   1.00 31.52 ? 69   GLU A OE2 1 
ATOM   498  N  N   . ILE A 1 70  ? 17.098  -8.569  1.252   1.00 22.06 ? 70   ILE A N   1 
ATOM   499  C  CA  . ILE A 1 70  ? 16.103  -7.832  0.498   1.00 22.75 ? 70   ILE A CA  1 
ATOM   500  C  C   . ILE A 1 70  ? 14.807  -8.635  0.324   1.00 22.46 ? 70   ILE A C   1 
ATOM   501  O  O   . ILE A 1 70  ? 13.702  -8.138  0.623   1.00 23.09 ? 70   ILE A O   1 
ATOM   502  C  CB  . ILE A 1 70  ? 16.710  -7.321  -0.794  1.00 22.48 ? 70   ILE A CB  1 
ATOM   503  C  CG1 . ILE A 1 70  ? 17.697  -6.201  -0.434  1.00 24.74 ? 70   ILE A CG1 1 
ATOM   504  C  CG2 . ILE A 1 70  ? 15.629  -6.780  -1.795  1.00 22.42 ? 70   ILE A CG2 1 
ATOM   505  C  CD1 . ILE A 1 70  ? 18.508  -5.826  -1.552  1.00 26.04 ? 70   ILE A CD1 1 
ATOM   506  N  N   . LYS A 1 71  ? 14.931  -9.870  -0.135  1.00 22.45 ? 71   LYS A N   1 
ATOM   507  C  CA  . LYS A 1 71  ? 13.731  -10.673 -0.376  1.00 21.30 ? 71   LYS A CA  1 
ATOM   508  C  C   . LYS A 1 71  ? 12.936  -10.925 0.902   1.00 22.29 ? 71   LYS A C   1 
ATOM   509  O  O   . LYS A 1 71  ? 11.701  -10.789 0.879   1.00 21.99 ? 71   LYS A O   1 
ATOM   510  C  CB  . LYS A 1 71  ? 14.068  -11.973 -1.093  1.00 21.65 ? 71   LYS A CB  1 
ATOM   511  C  CG  . LYS A 1 71  ? 12.837  -12.882 -1.382  1.00 21.53 ? 71   LYS A CG  1 
ATOM   512  C  CD  . LYS A 1 71  ? 13.087  -13.621 -2.714  1.00 24.38 ? 71   LYS A CD  1 
ATOM   513  C  CE  . LYS A 1 71  ? 12.130  -14.814 -2.885  1.00 24.07 ? 71   LYS A CE  1 
ATOM   514  N  NZ  . LYS A 1 71  ? 12.343  -15.464 -4.202  1.00 23.16 ? 71   LYS A NZ  1 
ATOM   515  N  N   . ASP A 1 72  ? 13.629  -11.273 2.001   1.00 21.82 ? 72   ASP A N   1 
ATOM   516  C  CA  . ASP A 1 72  ? 12.974  -11.550 3.277   1.00 22.44 ? 72   ASP A CA  1 
ATOM   517  C  C   . ASP A 1 72  ? 12.176  -10.365 3.752   1.00 22.08 ? 72   ASP A C   1 
ATOM   518  O  O   . ASP A 1 72  ? 11.059  -10.521 4.253   1.00 21.87 ? 72   ASP A O   1 
ATOM   519  C  CB  . ASP A 1 72  ? 14.014  -11.845 4.357   1.00 21.43 ? 72   ASP A CB  1 
ATOM   520  C  CG  . ASP A 1 72  ? 14.499  -13.260 4.319   1.00 24.89 ? 72   ASP A CG  1 
ATOM   521  O  OD1 . ASP A 1 72  ? 13.981  -14.028 3.476   1.00 24.94 ? 72   ASP A OD1 1 
ATOM   522  O  OD2 . ASP A 1 72  ? 15.390  -13.666 5.108   1.00 24.85 ? 72   ASP A OD2 1 
ATOM   523  N  N   . TYR A 1 73  ? 12.763  -9.179  3.584   1.00 22.71 ? 73   TYR A N   1 
ATOM   524  C  CA  . TYR A 1 73  ? 12.126  -7.948  4.029   1.00 23.65 ? 73   TYR A CA  1 
ATOM   525  C  C   . TYR A 1 73  ? 10.803  -7.710  3.288   1.00 23.50 ? 73   TYR A C   1 
ATOM   526  O  O   . TYR A 1 73  ? 9.776   -7.389  3.914   1.00 23.60 ? 73   TYR A O   1 
ATOM   527  C  CB  . TYR A 1 73  ? 13.087  -6.778  3.890   1.00 24.25 ? 73   TYR A CB  1 
ATOM   528  C  CG  . TYR A 1 73  ? 12.452  -5.408  3.965   1.00 26.58 ? 73   TYR A CG  1 
ATOM   529  C  CD1 . TYR A 1 73  ? 12.289  -4.771  5.198   1.00 28.65 ? 73   TYR A CD1 1 
ATOM   530  C  CD2 . TYR A 1 73  ? 12.043  -4.735  2.801   1.00 29.51 ? 73   TYR A CD2 1 
ATOM   531  C  CE1 . TYR A 1 73  ? 11.745  -3.488  5.270   1.00 30.09 ? 73   TYR A CE1 1 
ATOM   532  C  CE2 . TYR A 1 73  ? 11.489  -3.452  2.866   1.00 30.42 ? 73   TYR A CE2 1 
ATOM   533  C  CZ  . TYR A 1 73  ? 11.346  -2.848  4.109   1.00 32.40 ? 73   TYR A CZ  1 
ATOM   534  O  OH  . TYR A 1 73  ? 10.809  -1.587  4.206   1.00 35.76 ? 73   TYR A OH  1 
ATOM   535  N  N   . TYR A 1 74  ? 10.831  -7.894  1.969   1.00 23.20 ? 74   TYR A N   1 
ATOM   536  C  CA  . TYR A 1 74  ? 9.623   -7.900  1.141   1.00 22.68 ? 74   TYR A CA  1 
ATOM   537  C  C   . TYR A 1 74  ? 8.676   -9.091  1.351   1.00 22.85 ? 74   TYR A C   1 
ATOM   538  O  O   . TYR A 1 74  ? 7.455   -8.947  1.193   1.00 22.74 ? 74   TYR A O   1 
ATOM   539  C  CB  . TYR A 1 74  ? 10.004  -7.711  -0.345  1.00 23.69 ? 74   TYR A CB  1 
ATOM   540  C  CG  . TYR A 1 74  ? 10.444  -6.304  -0.618  1.00 23.91 ? 74   TYR A CG  1 
ATOM   541  C  CD1 . TYR A 1 74  ? 9.523   -5.264  -0.572  1.00 23.58 ? 74   TYR A CD1 1 
ATOM   542  C  CD2 . TYR A 1 74  ? 11.781  -5.996  -0.899  1.00 25.40 ? 74   TYR A CD2 1 
ATOM   543  C  CE1 . TYR A 1 74  ? 9.897   -3.956  -0.793  1.00 27.35 ? 74   TYR A CE1 1 
ATOM   544  C  CE2 . TYR A 1 74  ? 12.176  -4.660  -1.145  1.00 26.30 ? 74   TYR A CE2 1 
ATOM   545  C  CZ  . TYR A 1 74  ? 11.214  -3.656  -1.076  1.00 27.12 ? 74   TYR A CZ  1 
ATOM   546  O  OH  . TYR A 1 74  ? 11.550  -2.331  -1.286  1.00 33.17 ? 74   TYR A OH  1 
ATOM   547  N  N   . HIS A 1 75  ? 9.225   -10.265 1.670   1.00 23.42 ? 75   HIS A N   1 
ATOM   548  C  CA  . HIS A 1 75  ? 8.418   -11.449 1.974   1.00 23.35 ? 75   HIS A CA  1 
ATOM   549  C  C   . HIS A 1 75  ? 7.561   -11.114 3.209   1.00 23.10 ? 75   HIS A C   1 
ATOM   550  O  O   . HIS A 1 75  ? 6.332   -11.279 3.187   1.00 22.79 ? 75   HIS A O   1 
ATOM   551  C  CB  . HIS A 1 75  ? 9.352   -12.660 2.195   1.00 23.99 ? 75   HIS A CB  1 
ATOM   552  C  CG  . HIS A 1 75  ? 8.662   -14.005 2.289   1.00 26.38 ? 75   HIS A CG  1 
ATOM   553  N  ND1 . HIS A 1 75  ? 7.440   -14.196 2.910   1.00 27.57 ? 75   HIS A ND1 1 
ATOM   554  C  CD2 . HIS A 1 75  ? 9.071   -15.236 1.886   1.00 27.19 ? 75   HIS A CD2 1 
ATOM   555  C  CE1 . HIS A 1 75  ? 7.116   -15.482 2.862   1.00 28.22 ? 75   HIS A CE1 1 
ATOM   556  N  NE2 . HIS A 1 75  ? 8.084   -16.134 2.236   1.00 28.74 ? 75   HIS A NE2 1 
ATOM   557  N  N   . LYS A 1 76  ? 8.200   -10.549 4.237   1.00 22.48 ? 76   LYS A N   1 
ATOM   558  C  CA  . LYS A 1 76  ? 7.503   -10.147 5.457   1.00 23.35 ? 76   LYS A CA  1 
ATOM   559  C  C   . LYS A 1 76  ? 6.514   -9.025  5.144   1.00 22.86 ? 76   LYS A C   1 
ATOM   560  O  O   . LYS A 1 76  ? 5.371   -9.057  5.640   1.00 23.33 ? 76   LYS A O   1 
ATOM   561  C  CB  . LYS A 1 76  ? 8.472   -9.714  6.575   1.00 23.49 ? 76   LYS A CB  1 
ATOM   562  C  CG  . LYS A 1 76  ? 9.376   -10.807 7.118   1.00 26.37 ? 76   LYS A CG  1 
ATOM   563  C  CD  . LYS A 1 76  ? 10.595  -10.199 7.950   1.00 30.61 ? 76   LYS A CD  1 
ATOM   564  C  CE  . LYS A 1 76  ? 11.842  -9.838  7.072   1.00 30.54 ? 76   LYS A CE  1 
ATOM   565  N  NZ  . LYS A 1 76  ? 13.085  -9.221  7.729   1.00 32.00 ? 76   LYS A NZ  1 
ATOM   566  N  N   . GLY A 1 77  ? 6.926   -8.102  4.270   1.00 20.39 ? 77   GLY A N   1 
ATOM   567  C  CA  . GLY A 1 77  ? 6.110   -6.961  3.894   1.00 19.16 ? 77   GLY A CA  1 
ATOM   568  C  C   . GLY A 1 77  ? 4.874   -7.286  3.081   1.00 17.78 ? 77   GLY A C   1 
ATOM   569  O  O   . GLY A 1 77  ? 3.813   -6.757  3.331   1.00 18.14 ? 77   GLY A O   1 
ATOM   570  N  N   . TYR A 1 78  ? 4.992   -8.194  2.135   1.00 18.59 ? 78   TYR A N   1 
ATOM   571  C  CA  . TYR A 1 78  ? 3.910   -8.480  1.205   1.00 20.67 ? 78   TYR A CA  1 
ATOM   572  C  C   . TYR A 1 78  ? 2.961   -9.578  1.694   1.00 21.96 ? 78   TYR A C   1 
ATOM   573  O  O   . TYR A 1 78  ? 1.852   -9.724  1.142   1.00 23.31 ? 78   TYR A O   1 
ATOM   574  C  CB  . TYR A 1 78  ? 4.489   -8.882  -0.156  1.00 20.42 ? 78   TYR A CB  1 
ATOM   575  C  CG  . TYR A 1 78  ? 5.216   -7.793  -0.919  1.00 21.22 ? 78   TYR A CG  1 
ATOM   576  C  CD1 . TYR A 1 78  ? 4.983   -6.434  -0.661  1.00 20.29 ? 78   TYR A CD1 1 
ATOM   577  C  CD2 . TYR A 1 78  ? 6.140   -8.131  -1.911  1.00 22.12 ? 78   TYR A CD2 1 
ATOM   578  C  CE1 . TYR A 1 78  ? 5.654   -5.441  -1.383  1.00 22.16 ? 78   TYR A CE1 1 
ATOM   579  C  CE2 . TYR A 1 78  ? 6.808   -7.148  -2.640  1.00 23.51 ? 78   TYR A CE2 1 
ATOM   580  C  CZ  . TYR A 1 78  ? 6.558   -5.804  -2.380  1.00 24.49 ? 78   TYR A CZ  1 
ATOM   581  O  OH  . TYR A 1 78  ? 7.205   -4.817  -3.103  1.00 26.49 ? 78   TYR A OH  1 
ATOM   582  N  N   . ALA A 1 79  ? 3.370   -10.353 2.711   1.00 21.74 ? 79   ALA A N   1 
ATOM   583  C  CA  . ALA A 1 79  ? 2.587   -11.516 3.152   1.00 22.17 ? 79   ALA A CA  1 
ATOM   584  C  C   . ALA A 1 79  ? 1.113   -11.174 3.438   1.00 22.50 ? 79   ALA A C   1 
ATOM   585  O  O   . ALA A 1 79  ? 0.824   -10.321 4.287   1.00 22.66 ? 79   ALA A O   1 
ATOM   586  C  CB  . ALA A 1 79  ? 3.219   -12.171 4.406   1.00 21.68 ? 79   ALA A CB  1 
ATOM   587  N  N   . THR A 1 80  ? 0.210   -11.872 2.756   1.00 22.34 ? 80   THR A N   1 
ATOM   588  C  CA  . THR A 1 80  ? -1.231  -11.798 3.033   1.00 23.22 ? 80   THR A CA  1 
ATOM   589  C  C   . THR A 1 80  ? -1.959  -12.859 2.248   1.00 23.36 ? 80   THR A C   1 
ATOM   590  O  O   . THR A 1 80  ? -1.480  -13.316 1.199   1.00 22.27 ? 80   THR A O   1 
ATOM   591  C  CB  . THR A 1 80  ? -1.845  -10.400 2.703   1.00 23.22 ? 80   THR A CB  1 
ATOM   592  O  OG1 . THR A 1 80  ? -3.270  -10.423 2.956   1.00 25.02 ? 80   THR A OG1 1 
ATOM   593  C  CG2 . THR A 1 80  ? -1.744  -10.063 1.166   1.00 22.94 ? 80   THR A CG2 1 
ATOM   594  N  N   . ASP A 1 81  ? -3.121  -13.237 2.755   1.00 23.63 ? 81   ASP A N   1 
ATOM   595  C  CA  . ASP A 1 81  ? -3.986  -14.131 2.027   1.00 25.16 ? 81   ASP A CA  1 
ATOM   596  C  C   . ASP A 1 81  ? -5.158  -13.377 1.378   1.00 24.08 ? 81   ASP A C   1 
ATOM   597  O  O   . ASP A 1 81  ? -6.025  -14.011 0.824   1.00 25.41 ? 81   ASP A O   1 
ATOM   598  C  CB  . ASP A 1 81  ? -4.471  -15.286 2.933   1.00 26.04 ? 81   ASP A CB  1 
ATOM   599  C  CG  . ASP A 1 81  ? -5.167  -14.810 4.172   1.00 29.96 ? 81   ASP A CG  1 
ATOM   600  O  OD1 . ASP A 1 81  ? -5.433  -13.603 4.301   1.00 33.62 ? 81   ASP A OD1 1 
ATOM   601  O  OD2 . ASP A 1 81  ? -5.510  -15.583 5.098   1.00 35.72 ? 81   ASP A OD2 1 
ATOM   602  N  N   . ILE A 1 82  ? -5.181  -12.043 1.466   1.00 23.83 ? 82   ILE A N   1 
ATOM   603  C  CA  . ILE A 1 82  ? -6.116  -11.215 0.664   1.00 23.89 ? 82   ILE A CA  1 
ATOM   604  C  C   . ILE A 1 82  ? -5.570  -11.054 -0.773  1.00 23.57 ? 82   ILE A C   1 
ATOM   605  O  O   . ILE A 1 82  ? -4.818  -10.119 -1.049  1.00 23.54 ? 82   ILE A O   1 
ATOM   606  C  CB  . ILE A 1 82  ? -6.423  -9.839  1.368   1.00 23.12 ? 82   ILE A CB  1 
ATOM   607  C  CG1 . ILE A 1 82  ? -7.027  -10.069 2.755   1.00 24.41 ? 82   ILE A CG1 1 
ATOM   608  C  CG2 . ILE A 1 82  ? -7.482  -9.040  0.607   1.00 24.22 ? 82   ILE A CG2 1 
ATOM   609  C  CD1 . ILE A 1 82  ? -6.742  -9.013  3.761   1.00 24.34 ? 82   ILE A CD1 1 
ATOM   610  N  N   . GLU A 1 83  ? -5.926  -11.979 -1.683  1.00 23.89 ? 83   GLU A N   1 
ATOM   611  C  CA  . GLU A 1 83  ? -5.346  -11.997 -3.062  1.00 24.83 ? 83   GLU A CA  1 
ATOM   612  C  C   . GLU A 1 83  ? -5.800  -10.803 -3.924  1.00 23.59 ? 83   GLU A C   1 
ATOM   613  O  O   . GLU A 1 83  ? -5.112  -10.418 -4.871  1.00 23.15 ? 83   GLU A O   1 
ATOM   614  C  CB  . GLU A 1 83  ? -5.669  -13.318 -3.814  1.00 25.53 ? 83   GLU A CB  1 
ATOM   615  C  CG  A GLU A 1 83  ? -4.935  -14.563 -3.279  0.50 29.01 ? 83   GLU A CG  1 
ATOM   616  C  CG  B GLU A 1 83  ? -5.520  -14.589 -2.956  0.50 27.91 ? 83   GLU A CG  1 
ATOM   617  C  CD  A GLU A 1 83  ? -3.502  -14.766 -3.781  0.60 33.21 ? 83   GLU A CD  1 
ATOM   618  C  CD  B GLU A 1 83  ? -6.819  -15.170 -2.424  0.40 28.07 ? 83   GLU A CD  1 
ATOM   619  O  OE1 A GLU A 1 83  ? -2.577  -14.155 -3.183  0.60 34.99 ? 83   GLU A OE1 1 
ATOM   620  O  OE1 B GLU A 1 83  ? -7.120  -16.338 -2.735  0.40 29.77 ? 83   GLU A OE1 1 
ATOM   621  O  OE2 A GLU A 1 83  ? -3.296  -15.593 -4.720  0.60 33.17 ? 83   GLU A OE2 1 
ATOM   622  O  OE2 B GLU A 1 83  ? -7.520  -14.475 -1.675  0.40 27.83 ? 83   GLU A OE2 1 
ATOM   623  N  N   . MET A 1 84  ? -6.960  -10.241 -3.591  1.00 23.49 ? 84   MET A N   1 
ATOM   624  C  CA  . MET A 1 84  ? -7.612  -9.190  -4.375  1.00 22.53 ? 84   MET A CA  1 
ATOM   625  C  C   . MET A 1 84  ? -8.376  -8.210  -3.495  1.00 22.03 ? 84   MET A C   1 
ATOM   626  O  O   . MET A 1 84  ? -9.015  -8.590  -2.502  1.00 20.94 ? 84   MET A O   1 
ATOM   627  C  CB  . MET A 1 84  ? -8.616  -9.788  -5.383  1.00 22.94 ? 84   MET A CB  1 
ATOM   628  C  CG  . MET A 1 84  ? -8.207  -9.727  -6.886  1.00 27.52 ? 84   MET A CG  1 
ATOM   629  S  SD  . MET A 1 84  ? -9.621  -9.722  -8.159  1.00 36.04 ? 84   MET A SD  1 
ATOM   630  C  CE  . MET A 1 84  ? -10.803 -9.579  -7.244  1.00 12.86 ? 84   MET A CE  1 
ATOM   631  N  N   . ILE A 1 85  ? -8.307  -6.940  -3.860  1.00 21.24 ? 85   ILE A N   1 
ATOM   632  C  CA  . ILE A 1 85  ? -9.168  -5.928  -3.236  1.00 20.11 ? 85   ILE A CA  1 
ATOM   633  C  C   . ILE A 1 85  ? -9.906  -5.211  -4.362  1.00 20.68 ? 85   ILE A C   1 
ATOM   634  O  O   . ILE A 1 85  ? -9.280  -4.843  -5.359  1.00 19.68 ? 85   ILE A O   1 
ATOM   635  C  CB  . ILE A 1 85  ? -8.351  -4.940  -2.357  1.00 20.85 ? 85   ILE A CB  1 
ATOM   636  C  CG1 . ILE A 1 85  ? -7.691  -5.677  -1.179  1.00 19.20 ? 85   ILE A CG1 1 
ATOM   637  C  CG2 . ILE A 1 85  ? -9.262  -3.719  -1.884  1.00 20.01 ? 85   ILE A CG2 1 
ATOM   638  C  CD1 . ILE A 1 85  ? -6.748  -4.783  -0.320  1.00 19.77 ? 85   ILE A CD1 1 
ATOM   639  N  N   . GLY A 1 86  ? -11.219 -4.987  -4.180  1.00 20.85 ? 86   GLY A N   1 
ATOM   640  C  CA  . GLY A 1 86  ? -11.992 -4.158  -5.086  1.00 20.82 ? 86   GLY A CA  1 
ATOM   641  C  C   . GLY A 1 86  ? -12.563 -2.938  -4.382  1.00 20.91 ? 86   GLY A C   1 
ATOM   642  O  O   . GLY A 1 86  ? -13.101 -3.075  -3.302  1.00 20.72 ? 86   GLY A O   1 
ATOM   643  N  N   . ILE A 1 87  ? -12.458 -1.747  -4.981  1.00 19.87 ? 87   ILE A N   1 
ATOM   644  C  CA  . ILE A 1 87  ? -12.976 -0.552  -4.311  1.00 20.59 ? 87   ILE A CA  1 
ATOM   645  C  C   . ILE A 1 87  ? -13.842 0.262   -5.269  1.00 21.57 ? 87   ILE A C   1 
ATOM   646  O  O   . ILE A 1 87  ? -13.426 0.577   -6.365  1.00 20.11 ? 87   ILE A O   1 
ATOM   647  C  CB  . ILE A 1 87  ? -11.828 0.340   -3.735  1.00 20.58 ? 87   ILE A CB  1 
ATOM   648  C  CG1 . ILE A 1 87  ? -10.957 -0.463  -2.769  1.00 18.38 ? 87   ILE A CG1 1 
ATOM   649  C  CG2 . ILE A 1 87  ? -12.398 1.612   -3.057  1.00 19.90 ? 87   ILE A CG2 1 
ATOM   650  C  CD1 . ILE A 1 87  ? -9.542  0.173   -2.473  1.00 16.64 ? 87   ILE A CD1 1 
ATOM   651  N  N   . GLU A 1 88  ? -15.045 0.599   -4.825  1.00 24.11 ? 88   GLU A N   1 
ATOM   652  C  CA  . GLU A 1 88  ? -16.053 1.187   -5.695  1.00 25.11 ? 88   GLU A CA  1 
ATOM   653  C  C   . GLU A 1 88  ? -17.188 1.729   -4.860  1.00 25.33 ? 88   GLU A C   1 
ATOM   654  O  O   . GLU A 1 88  ? -17.585 1.112   -3.867  1.00 24.67 ? 88   GLU A O   1 
ATOM   655  C  CB  . GLU A 1 88  ? -16.602 0.160   -6.701  1.00 26.57 ? 88   GLU A CB  1 
ATOM   656  C  CG  . GLU A 1 88  ? -17.094 0.846   -7.974  1.00 29.81 ? 88   GLU A CG  1 
ATOM   657  C  CD  . GLU A 1 88  ? -17.912 -0.031  -8.903  1.00 32.56 ? 88   GLU A CD  1 
ATOM   658  O  OE1 . GLU A 1 88  ? -17.920 -1.267  -8.795  1.00 35.57 ? 88   GLU A OE1 1 
ATOM   659  O  OE2 . GLU A 1 88  ? -18.549 0.533   -9.780  1.00 34.36 ? 88   GLU A OE2 1 
ATOM   660  N  N   . ASP A 1 89  ? -17.693 2.888   -5.264  1.00 25.92 ? 89   ASP A N   1 
ATOM   661  C  CA  . ASP A 1 89  ? -18.818 3.560   -4.588  1.00 26.50 ? 89   ASP A CA  1 
ATOM   662  C  C   . ASP A 1 89  ? -18.699 3.589   -3.062  1.00 26.73 ? 89   ASP A C   1 
ATOM   663  O  O   . ASP A 1 89  ? -19.679 3.327   -2.354  1.00 27.32 ? 89   ASP A O   1 
ATOM   664  C  CB  . ASP A 1 89  ? -20.157 2.909   -4.957  1.00 27.67 ? 89   ASP A CB  1 
ATOM   665  C  CG  . ASP A 1 89  ? -20.454 2.987   -6.409  1.00 28.48 ? 89   ASP A CG  1 
ATOM   666  O  OD1 . ASP A 1 89  ? -20.238 4.052   -7.031  1.00 32.13 ? 89   ASP A OD1 1 
ATOM   667  O  OD2 . ASP A 1 89  ? -20.907 2.007   -7.021  1.00 35.27 ? 89   ASP A OD2 1 
ATOM   668  N  N   . GLY A 1 90  ? -17.493 3.861   -2.560  1.00 25.80 ? 90   GLY A N   1 
ATOM   669  C  CA  . GLY A 1 90  ? -17.279 3.930   -1.131  1.00 24.33 ? 90   GLY A CA  1 
ATOM   670  C  C   . GLY A 1 90  ? -17.193 2.596   -0.427  1.00 24.27 ? 90   GLY A C   1 
ATOM   671  O  O   . GLY A 1 90  ? -17.094 2.578   0.794   1.00 23.88 ? 90   GLY A O   1 
ATOM   672  N  N   . ILE A 1 91  ? -17.185 1.497   -1.188  1.00 23.51 ? 91   ILE A N   1 
ATOM   673  C  CA  . ILE A 1 91  ? -17.074 0.164   -0.602  1.00 23.79 ? 91   ILE A CA  1 
ATOM   674  C  C   . ILE A 1 91  ? -15.754 -0.494  -0.988  1.00 22.94 ? 91   ILE A C   1 
ATOM   675  O  O   . ILE A 1 91  ? -15.354 -0.473  -2.153  1.00 23.37 ? 91   ILE A O   1 
ATOM   676  C  CB  . ILE A 1 91  ? -18.267 -0.715  -1.010  1.00 23.79 ? 91   ILE A CB  1 
ATOM   677  C  CG1 . ILE A 1 91  ? -19.542 -0.109  -0.456  1.00 22.40 ? 91   ILE A CG1 1 
ATOM   678  C  CG2 . ILE A 1 91  ? -18.122 -2.161  -0.527  1.00 24.46 ? 91   ILE A CG2 1 
ATOM   679  C  CD1 . ILE A 1 91  ? -20.648 -0.159  -1.468  1.00 23.52 ? 91   ILE A CD1 1 
ATOM   680  N  N   . VAL A 1 92  ? -15.090 -1.039  0.018   1.00 21.73 ? 92   VAL A N   1 
ATOM   681  C  CA  . VAL A 1 92  ? -13.891 -1.843  -0.181  1.00 21.04 ? 92   VAL A CA  1 
ATOM   682  C  C   . VAL A 1 92  ? -14.263 -3.299  0.068   1.00 22.06 ? 92   VAL A C   1 
ATOM   683  O  O   . VAL A 1 92  ? -14.820 -3.637  1.122   1.00 21.08 ? 92   VAL A O   1 
ATOM   684  C  CB  . VAL A 1 92  ? -12.783 -1.442  0.771   1.00 20.43 ? 92   VAL A CB  1 
ATOM   685  C  CG1 . VAL A 1 92  ? -11.564 -2.291  0.482   1.00 18.90 ? 92   VAL A CG1 1 
ATOM   686  C  CG2 . VAL A 1 92  ? -12.441 0.096   0.609   1.00 22.04 ? 92   VAL A CG2 1 
ATOM   687  N  N   . GLU A 1 93  ? -13.922 -4.147  -0.905  1.00 22.43 ? 93   GLU A N   1 
ATOM   688  C  CA  . GLU A 1 93  ? -14.197 -5.568  -0.869  1.00 22.76 ? 93   GLU A CA  1 
ATOM   689  C  C   . GLU A 1 93  ? -12.882 -6.322  -0.699  1.00 22.18 ? 93   GLU A C   1 
ATOM   690  O  O   . GLU A 1 93  ? -11.943 -6.028  -1.400  1.00 22.19 ? 93   GLU A O   1 
ATOM   691  C  CB  . GLU A 1 93  ? -14.734 -5.951  -2.225  1.00 22.77 ? 93   GLU A CB  1 
ATOM   692  C  CG  . GLU A 1 93  ? -16.027 -6.700  -2.222  1.00 28.04 ? 93   GLU A CG  1 
ATOM   693  C  CD  . GLU A 1 93  ? -16.423 -7.083  -3.637  1.00 29.24 ? 93   GLU A CD  1 
ATOM   694  O  OE1 . GLU A 1 93  ? -15.513 -7.187  -4.484  1.00 28.09 ? 93   GLU A OE1 1 
ATOM   695  O  OE2 . GLU A 1 93  ? -17.639 -7.276  -3.894  1.00 32.11 ? 93   GLU A OE2 1 
ATOM   696  N  N   . PHE A 1 94  ? -12.818 -7.292  0.219   1.00 22.55 ? 94   PHE A N   1 
ATOM   697  C  CA  . PHE A 1 94  ? -11.584 -8.054  0.484   1.00 23.10 ? 94   PHE A CA  1 
ATOM   698  C  C   . PHE A 1 94  ? -11.834 -9.481  0.048   1.00 24.06 ? 94   PHE A C   1 
ATOM   699  O  O   . PHE A 1 94  ? -12.853 -10.064 0.426   1.00 25.84 ? 94   PHE A O   1 
ATOM   700  C  CB  . PHE A 1 94  ? -11.236 -8.013  1.987   1.00 22.45 ? 94   PHE A CB  1 
ATOM   701  C  CG  . PHE A 1 94  ? -10.992 -6.604  2.503   1.00 23.17 ? 94   PHE A CG  1 
ATOM   702  C  CD1 . PHE A 1 94  ? -9.751  -6.023  2.392   1.00 21.59 ? 94   PHE A CD1 1 
ATOM   703  C  CD2 . PHE A 1 94  ? -12.038 -5.853  3.041   1.00 21.98 ? 94   PHE A CD2 1 
ATOM   704  C  CE1 . PHE A 1 94  ? -9.537  -4.718  2.828   1.00 21.71 ? 94   PHE A CE1 1 
ATOM   705  C  CE2 . PHE A 1 94  ? -11.842 -4.573  3.465   1.00 21.62 ? 94   PHE A CE2 1 
ATOM   706  C  CZ  . PHE A 1 94  ? -10.589 -3.997  3.380   1.00 19.96 ? 94   PHE A CZ  1 
ATOM   707  N  N   . HIS A 1 95  ? -10.939 -10.047 -0.758  1.00 24.88 ? 95   HIS A N   1 
ATOM   708  C  CA  . HIS A 1 95  ? -11.102 -11.404 -1.280  1.00 26.44 ? 95   HIS A CA  1 
ATOM   709  C  C   . HIS A 1 95  ? -9.992  -12.286 -0.722  1.00 27.69 ? 95   HIS A C   1 
ATOM   710  O  O   . HIS A 1 95  ? -8.847  -12.086 -1.074  1.00 25.30 ? 95   HIS A O   1 
ATOM   711  C  CB  . HIS A 1 95  ? -10.997 -11.431 -2.821  1.00 25.81 ? 95   HIS A CB  1 
ATOM   712  C  CG  . HIS A 1 95  ? -12.091 -10.697 -3.526  1.00 26.05 ? 95   HIS A CG  1 
ATOM   713  N  ND1 . HIS A 1 95  ? -12.915 -11.303 -4.459  1.00 28.74 ? 95   HIS A ND1 1 
ATOM   714  C  CD2 . HIS A 1 95  ? -12.490 -9.407  -3.452  1.00 26.63 ? 95   HIS A CD2 1 
ATOM   715  C  CE1 . HIS A 1 95  ? -13.788 -10.416 -4.911  1.00 28.03 ? 95   HIS A CE1 1 
ATOM   716  N  NE2 . HIS A 1 95  ? -13.548 -9.255  -4.319  1.00 26.02 ? 95   HIS A NE2 1 
ATOM   717  N  N   . ARG A 1 96  ? -10.335 -13.207 0.186   1.00 30.35 ? 96   ARG A N   1 
ATOM   718  C  CA  . ARG A 1 96  ? -9.432  -14.285 0.609   1.00 34.74 ? 96   ARG A CA  1 
ATOM   719  C  C   . ARG A 1 96  ? -9.864  -15.570 -0.107  1.00 37.00 ? 96   ARG A C   1 
ATOM   720  O  O   . ARG A 1 96  ? -10.848 -15.558 -0.876  1.00 38.84 ? 96   ARG A O   1 
ATOM   721  C  CB  . ARG A 1 96  ? -9.419  -14.499 2.131   1.00 34.46 ? 96   ARG A CB  1 
ATOM   722  C  CG  . ARG A 1 96  ? -9.395  -13.266 2.999   1.00 37.80 ? 96   ARG A CG  1 
ATOM   723  C  CD  . ARG A 1 96  ? -9.181  -13.549 4.506   1.00 42.66 ? 96   ARG A CD  1 
ATOM   724  N  NE  . ARG A 1 96  ? -7.907  -12.979 4.947   1.00 48.40 ? 96   ARG A NE  1 
ATOM   725  C  CZ  . ARG A 1 96  ? -7.520  -12.809 6.214   1.00 51.27 ? 96   ARG A CZ  1 
ATOM   726  N  NH1 . ARG A 1 96  ? -8.307  -13.169 7.221   1.00 52.68 ? 96   ARG A NH1 1 
ATOM   727  N  NH2 . ARG A 1 96  ? -6.326  -12.276 6.471   1.00 52.57 ? 96   ARG A NH2 1 
ATOM   728  N  N   . ASN A 1 97  ? -9.151  -16.670 0.107   1.00 39.09 ? 97   ASN A N   1 
ATOM   729  C  CA  . ASN A 1 97  ? -9.485  -17.916 -0.597  1.00 41.42 ? 97   ASN A CA  1 
ATOM   730  C  C   . ASN A 1 97  ? -11.006 -18.181 -0.729  1.00 41.99 ? 97   ASN A C   1 
ATOM   731  O  O   . ASN A 1 97  ? -11.649 -18.734 0.184   1.00 42.42 ? 97   ASN A O   1 
ATOM   732  C  CB  . ASN A 1 97  ? -8.742  -19.130 -0.007  1.00 42.04 ? 97   ASN A CB  1 
ATOM   733  C  CG  . ASN A 1 97  ? -8.669  -20.309 -1.002  1.00 45.99 ? 97   ASN A CG  1 
ATOM   734  O  OD1 . ASN A 1 97  ? -8.484  -20.105 -2.217  1.00 48.02 ? 97   ASN A OD1 1 
ATOM   735  N  ND2 . ASN A 1 97  ? -8.844  -21.542 -0.494  1.00 47.75 ? 97   ASN A ND2 1 
ATOM   736  N  N   . ASN A 1 98  ? -11.578 -17.736 -1.850  1.00 42.02 ? 98   ASN A N   1 
ATOM   737  C  CA  . ASN A 1 98  ? -12.994 -17.955 -2.168  1.00 41.94 ? 98   ASN A CA  1 
ATOM   738  C  C   . ASN A 1 98  ? -14.008 -17.119 -1.354  1.00 40.91 ? 98   ASN A C   1 
ATOM   739  O  O   . ASN A 1 98  ? -15.208 -17.091 -1.702  1.00 40.63 ? 98   ASN A O   1 
ATOM   740  C  CB  . ASN A 1 98  ? -13.347 -19.451 -2.043  1.00 43.25 ? 98   ASN A CB  1 
ATOM   741  C  CG  . ASN A 1 98  ? -12.944 -20.261 -3.262  1.00 44.65 ? 98   ASN A CG  1 
ATOM   742  O  OD1 . ASN A 1 98  ? -13.798 -20.859 -3.911  1.00 49.93 ? 98   ASN A OD1 1 
ATOM   743  N  ND2 . ASN A 1 98  ? -11.650 -20.303 -3.565  1.00 46.42 ? 98   ASN A ND2 1 
ATOM   744  N  N   . GLU A 1 99  ? -13.547 -16.466 -0.276  1.00 38.68 ? 99   GLU A N   1 
ATOM   745  C  CA  . GLU A 1 99  ? -14.450 -15.700 0.608   1.00 36.96 ? 99   GLU A CA  1 
ATOM   746  C  C   . GLU A 1 99  ? -14.277 -14.175 0.507   1.00 35.20 ? 99   GLU A C   1 
ATOM   747  O  O   . GLU A 1 99  ? -13.158 -13.660 0.471   1.00 33.89 ? 99   GLU A O   1 
ATOM   748  C  CB  . GLU A 1 99  ? -14.351 -16.188 2.066   1.00 37.89 ? 99   GLU A CB  1 
ATOM   749  C  CG  . GLU A 1 99  ? -14.646 -15.137 3.140   1.00 39.49 ? 99   GLU A CG  1 
ATOM   750  C  CD  . GLU A 1 99  ? -13.385 -14.456 3.633   1.00 44.84 ? 99   GLU A CD  1 
ATOM   751  O  OE1 . GLU A 1 99  ? -12.330 -14.635 2.977   1.00 48.62 ? 99   GLU A OE1 1 
ATOM   752  O  OE2 . GLU A 1 99  ? -13.417 -13.751 4.676   1.00 47.59 ? 99   GLU A OE2 1 
ATOM   753  N  N   . THR A 1 100 ? -15.402 -13.467 0.499   1.00 33.12 ? 100  THR A N   1 
ATOM   754  C  CA  . THR A 1 100 ? -15.405 -12.036 0.334   1.00 31.28 ? 100  THR A CA  1 
ATOM   755  C  C   . THR A 1 100 ? -16.000 -11.354 1.562   1.00 30.12 ? 100  THR A C   1 
ATOM   756  O  O   . THR A 1 100 ? -17.033 -11.775 2.059   1.00 29.50 ? 100  THR A O   1 
ATOM   757  C  CB  . THR A 1 100 ? -16.208 -11.712 -0.944  1.00 31.92 ? 100  THR A CB  1 
ATOM   758  O  OG1 . THR A 1 100 ? -15.480 -12.176 -2.085  1.00 30.21 ? 100  THR A OG1 1 
ATOM   759  C  CG2 . THR A 1 100 ? -16.294 -10.230 -1.198  1.00 32.21 ? 100  THR A CG2 1 
ATOM   760  N  N   . THR A 1 101 ? -15.335 -10.313 2.064   1.00 28.02 ? 101  THR A N   1 
ATOM   761  C  CA  . THR A 1 101 ? -15.961 -9.371  3.017   1.00 26.77 ? 101  THR A CA  1 
ATOM   762  C  C   . THR A 1 101 ? -15.925 -7.949  2.426   1.00 26.25 ? 101  THR A C   1 
ATOM   763  O  O   . THR A 1 101 ? -15.157 -7.667  1.513   1.00 24.70 ? 101  THR A O   1 
ATOM   764  C  CB  . THR A 1 101 ? -15.310 -9.429  4.445   1.00 26.57 ? 101  THR A CB  1 
ATOM   765  O  OG1 . THR A 1 101 ? -13.920 -9.051  4.394   1.00 27.31 ? 101  THR A OG1 1 
ATOM   766  C  CG2 . THR A 1 101 ? -15.297 -10.873 4.967   1.00 26.95 ? 101  THR A CG2 1 
ATOM   767  N  N   . SER A 1 102 ? -16.805 -7.069  2.898   1.00 25.92 ? 102  SER A N   1 
ATOM   768  C  CA  . SER A 1 102 ? -16.848 -5.722  2.361   1.00 26.36 ? 102  SER A CA  1 
ATOM   769  C  C   . SER A 1 102 ? -17.420 -4.760  3.379   1.00 26.63 ? 102  SER A C   1 
ATOM   770  O  O   . SER A 1 102 ? -18.210 -5.168  4.240   1.00 26.85 ? 102  SER A O   1 
ATOM   771  C  CB  . SER A 1 102 ? -17.680 -5.683  1.072   1.00 26.08 ? 102  SER A CB  1 
ATOM   772  O  OG  . SER A 1 102 ? -19.061 -5.908  1.326   1.00 26.06 ? 102  SER A OG  1 
ATOM   773  N  N   . CYS A 1 103 ? -17.024 -3.496  3.292   1.00 25.99 ? 103  CYS A N   1 
ATOM   774  C  CA  . CYS A 1 103 ? -17.656 -2.456  4.123   1.00 26.71 ? 103  CYS A CA  1 
ATOM   775  C  C   . CYS A 1 103 ? -17.651 -1.116  3.414   1.00 26.56 ? 103  CYS A C   1 
ATOM   776  O  O   . CYS A 1 103 ? -16.783 -0.858  2.585   1.00 25.10 ? 103  CYS A O   1 
ATOM   777  C  CB  . CYS A 1 103 ? -16.928 -2.310  5.456   1.00 26.78 ? 103  CYS A CB  1 
ATOM   778  S  SG  . CYS A 1 103 ? -17.739 -1.197  6.654   1.00 26.35 ? 103  CYS A SG  1 
ATOM   779  N  N   . LYS A 1 104 ? -18.628 -0.275  3.764   1.00 26.49 ? 104  LYS A N   1 
ATOM   780  C  CA  . LYS A 1 104 ? -18.677 1.106   3.333   1.00 27.48 ? 104  LYS A CA  1 
ATOM   781  C  C   . LYS A 1 104 ? -17.863 1.890   4.341   1.00 26.77 ? 104  LYS A C   1 
ATOM   782  O  O   . LYS A 1 104 ? -18.373 2.241   5.428   1.00 27.38 ? 104  LYS A O   1 
ATOM   783  C  CB  . LYS A 1 104 ? -20.124 1.643   3.313   1.00 27.89 ? 104  LYS A CB  1 
ATOM   784  C  CG  . LYS A 1 104 ? -20.229 3.098   2.819   1.00 32.10 ? 104  LYS A CG  1 
ATOM   785  C  CD  . LYS A 1 104 ? -20.813 3.184   1.398   1.00 37.42 ? 104  LYS A CD  1 
ATOM   786  C  CE  . LYS A 1 104 ? -21.223 4.619   0.985   1.00 40.14 ? 104  LYS A CE  1 
ATOM   787  N  NZ  . LYS A 1 104 ? -20.215 5.684   1.341   1.00 43.92 ? 104  LYS A NZ  1 
ATOM   788  N  N   . TYR A 1 105 ? -16.599 2.127   4.007   1.00 25.01 ? 105  TYR A N   1 
ATOM   789  C  CA  . TYR A 1 105 ? -15.663 2.714   4.956   1.00 24.14 ? 105  TYR A CA  1 
ATOM   790  C  C   . TYR A 1 105 ? -15.857 4.221   5.127   1.00 24.45 ? 105  TYR A C   1 
ATOM   791  O  O   . TYR A 1 105 ? -16.061 4.939   4.149   1.00 23.60 ? 105  TYR A O   1 
ATOM   792  C  CB  . TYR A 1 105 ? -14.210 2.399   4.528   1.00 25.02 ? 105  TYR A CB  1 
ATOM   793  C  CG  . TYR A 1 105 ? -13.784 1.010   4.988   1.00 22.27 ? 105  TYR A CG  1 
ATOM   794  C  CD1 . TYR A 1 105 ? -13.100 0.838   6.176   1.00 22.13 ? 105  TYR A CD1 1 
ATOM   795  C  CD2 . TYR A 1 105 ? -14.128 -0.128  4.249   1.00 23.78 ? 105  TYR A CD2 1 
ATOM   796  C  CE1 . TYR A 1 105 ? -12.706 -0.441  6.605   1.00 22.18 ? 105  TYR A CE1 1 
ATOM   797  C  CE2 . TYR A 1 105 ? -13.744 -1.425  4.679   1.00 24.46 ? 105  TYR A CE2 1 
ATOM   798  C  CZ  . TYR A 1 105 ? -13.037 -1.563  5.855   1.00 21.59 ? 105  TYR A CZ  1 
ATOM   799  O  OH  . TYR A 1 105 ? -12.661 -2.809  6.317   1.00 21.14 ? 105  TYR A OH  1 
ATOM   800  N  N   . ASP A 1 106 ? -15.795 4.679   6.369   1.00 23.90 ? 106  ASP A N   1 
ATOM   801  C  CA  . ASP A 1 106 ? -15.805 6.112   6.681   1.00 25.47 ? 106  ASP A CA  1 
ATOM   802  C  C   . ASP A 1 106 ? -14.363 6.662   6.763   1.00 23.85 ? 106  ASP A C   1 
ATOM   803  O  O   . ASP A 1 106 ? -13.499 6.044   7.332   1.00 25.24 ? 106  ASP A O   1 
ATOM   804  C  CB  . ASP A 1 106 ? -16.562 6.398   7.998   1.00 25.13 ? 106  ASP A CB  1 
ATOM   805  C  CG  . ASP A 1 106 ? -17.992 5.840   8.011   1.00 29.49 ? 106  ASP A CG  1 
ATOM   806  O  OD1 . ASP A 1 106 ? -18.802 6.162   7.114   1.00 30.42 ? 106  ASP A OD1 1 
ATOM   807  O  OD2 . ASP A 1 106 ? -18.399 5.050   8.889   1.00 33.91 ? 106  ASP A OD2 1 
ATOM   808  N  N   . TYR A 1 107 ? -14.117 7.809   6.151   1.00 24.78 ? 107  TYR A N   1 
ATOM   809  C  CA  . TYR A 1 107 ? -12.821 8.516   6.252   1.00 23.71 ? 107  TYR A CA  1 
ATOM   810  C  C   . TYR A 1 107 ? -12.582 9.087   7.663   1.00 25.07 ? 107  TYR A C   1 
ATOM   811  O  O   . TYR A 1 107 ? -13.463 9.762   8.212   1.00 23.25 ? 107  TYR A O   1 
ATOM   812  C  CB  . TYR A 1 107 ? -12.772 9.641   5.222   1.00 25.00 ? 107  TYR A CB  1 
ATOM   813  C  CG  . TYR A 1 107 ? -11.442 10.354  5.138   1.00 22.12 ? 107  TYR A CG  1 
ATOM   814  C  CD1 . TYR A 1 107 ? -10.258 9.638   4.969   1.00 21.13 ? 107  TYR A CD1 1 
ATOM   815  C  CD2 . TYR A 1 107 ? -11.373 11.753  5.192   1.00 21.52 ? 107  TYR A CD2 1 
ATOM   816  C  CE1 . TYR A 1 107 ? -9.025  10.284  4.897   1.00 19.53 ? 107  TYR A CE1 1 
ATOM   817  C  CE2 . TYR A 1 107 ? -10.141 12.410  5.131   1.00 19.59 ? 107  TYR A CE2 1 
ATOM   818  C  CZ  . TYR A 1 107 ? -8.976  11.661  4.964   1.00 18.66 ? 107  TYR A CZ  1 
ATOM   819  O  OH  . TYR A 1 107 ? -7.763  12.318  4.870   1.00 18.67 ? 107  TYR A OH  1 
ATOM   820  N  N   . ASP A 1 108 ? -11.380 8.854   8.206   1.00 24.91 ? 108  ASP A N   1 
ATOM   821  C  CA  . ASP A 1 108 ? -10.957 9.375   9.508   1.00 27.03 ? 108  ASP A CA  1 
ATOM   822  C  C   . ASP A 1 108 ? -9.724  10.290  9.486   1.00 27.45 ? 108  ASP A C   1 
ATOM   823  O  O   . ASP A 1 108 ? -9.058  10.453  10.522  1.00 30.15 ? 108  ASP A O   1 
ATOM   824  C  CB  . ASP A 1 108 ? -10.665 8.205   10.451  1.00 28.05 ? 108  ASP A CB  1 
ATOM   825  C  CG  . ASP A 1 108 ? -10.706 8.612   11.901  1.00 32.08 ? 108  ASP A CG  1 
ATOM   826  O  OD1 . ASP A 1 108 ? -11.137 9.753   12.185  1.00 35.91 ? 108  ASP A OD1 1 
ATOM   827  O  OD2 . ASP A 1 108 ? -10.296 7.884   12.825  1.00 36.80 ? 108  ASP A OD2 1 
ATOM   828  N  N   . GLY A 1 109 ? -9.363  10.852  8.345   1.00 24.79 ? 109  GLY A N   1 
ATOM   829  C  CA  . GLY A 1 109 ? -8.192  11.724  8.312   1.00 24.53 ? 109  GLY A CA  1 
ATOM   830  C  C   . GLY A 1 109 ? -6.889  10.985  8.000   1.00 23.19 ? 109  GLY A C   1 
ATOM   831  O  O   . GLY A 1 109 ? -6.914  9.887   7.509   1.00 21.55 ? 109  GLY A O   1 
ATOM   832  N  N   . TYR A 1 110 ? -5.762  11.630  8.244   1.00 22.60 ? 110  TYR A N   1 
ATOM   833  C  CA  . TYR A 1 110 ? -4.489  11.039  7.896   1.00 23.53 ? 110  TYR A CA  1 
ATOM   834  C  C   . TYR A 1 110 ? -3.540  11.232  9.054   1.00 23.76 ? 110  TYR A C   1 
ATOM   835  O  O   . TYR A 1 110 ? -3.808  12.046  9.945   1.00 24.20 ? 110  TYR A O   1 
ATOM   836  C  CB  . TYR A 1 110 ? -3.904  11.677  6.640   1.00 22.36 ? 110  TYR A CB  1 
ATOM   837  C  CG  . TYR A 1 110 ? -3.732  13.180  6.744   1.00 23.83 ? 110  TYR A CG  1 
ATOM   838  C  CD1 . TYR A 1 110 ? -2.656  13.724  7.438   1.00 24.67 ? 110  TYR A CD1 1 
ATOM   839  C  CD2 . TYR A 1 110 ? -4.650  14.054  6.145   1.00 23.45 ? 110  TYR A CD2 1 
ATOM   840  C  CE1 . TYR A 1 110 ? -2.507  15.082  7.572   1.00 23.97 ? 110  TYR A CE1 1 
ATOM   841  C  CE2 . TYR A 1 110 ? -4.500  15.443  6.263   1.00 23.47 ? 110  TYR A CE2 1 
ATOM   842  C  CZ  . TYR A 1 110 ? -3.410  15.940  6.976   1.00 23.07 ? 110  TYR A CZ  1 
ATOM   843  O  OH  . TYR A 1 110 ? -3.226  17.298  7.116   1.00 22.78 ? 110  TYR A OH  1 
ATOM   844  N  N   . LYS A 1 111 ? -2.421  10.514  9.025   1.00 23.89 ? 111  LYS A N   1 
ATOM   845  C  CA  . LYS A 1 111 ? -1.392  10.716  10.036  1.00 25.92 ? 111  LYS A CA  1 
ATOM   846  C  C   . LYS A 1 111 ? -0.044  10.728  9.348   1.00 25.25 ? 111  LYS A C   1 
ATOM   847  O  O   . LYS A 1 111 ? 0.225   9.884   8.475   1.00 24.90 ? 111  LYS A O   1 
ATOM   848  C  CB  . LYS A 1 111 ? -1.443  9.615   11.107  1.00 25.67 ? 111  LYS A CB  1 
ATOM   849  C  CG  . LYS A 1 111 ? -2.417  9.925   12.301  1.00 31.81 ? 111  LYS A CG  1 
ATOM   850  C  CD  . LYS A 1 111 ? -2.191  11.357  12.890  1.00 37.18 ? 111  LYS A CD  1 
ATOM   851  C  CE  . LYS A 1 111 ? -3.194  11.726  13.991  1.00 40.19 ? 111  LYS A CE  1 
ATOM   852  N  NZ  . LYS A 1 111 ? -4.531  11.050  13.871  1.00 39.83 ? 111  LYS A NZ  1 
ATOM   853  N  N   . ILE A 1 112 ? 0.789   11.687  9.735   1.00 25.30 ? 112  ILE A N   1 
ATOM   854  C  CA  . ILE A 1 112 ? 2.122   11.837  9.163   1.00 25.21 ? 112  ILE A CA  1 
ATOM   855  C  C   . ILE A 1 112 ? 3.094   11.035  10.016  1.00 25.26 ? 112  ILE A C   1 
ATOM   856  O  O   . ILE A 1 112 ? 3.150   11.225  11.227  1.00 25.29 ? 112  ILE A O   1 
ATOM   857  C  CB  . ILE A 1 112 ? 2.537   13.326  9.109   1.00 25.38 ? 112  ILE A CB  1 
ATOM   858  C  CG1 . ILE A 1 112 ? 1.464   14.197  8.389   1.00 26.39 ? 112  ILE A CG1 1 
ATOM   859  C  CG2 . ILE A 1 112 ? 3.901   13.469  8.447   1.00 25.23 ? 112  ILE A CG2 1 
ATOM   860  C  CD1 . ILE A 1 112 ? 1.718   15.724  8.426   1.00 22.34 ? 112  ILE A CD1 1 
ATOM   861  N  N   . LEU A 1 113 ? 3.827   10.122  9.394   1.00 26.04 ? 113  LEU A N   1 
ATOM   862  C  CA  . LEU A 1 113 ? 4.862   9.364   10.099  1.00 27.31 ? 113  LEU A CA  1 
ATOM   863  C  C   . LEU A 1 113 ? 6.245   9.762   9.654   1.00 28.46 ? 113  LEU A C   1 
ATOM   864  O  O   . LEU A 1 113 ? 6.462   10.076  8.482   1.00 28.10 ? 113  LEU A O   1 
ATOM   865  C  CB  . LEU A 1 113 ? 4.664   7.847   9.921   1.00 27.26 ? 113  LEU A CB  1 
ATOM   866  C  CG  . LEU A 1 113 ? 3.360   7.149   10.341  1.00 29.01 ? 113  LEU A CG  1 
ATOM   867  C  CD1 . LEU A 1 113 ? 3.359   5.688   9.859   1.00 30.02 ? 113  LEU A CD1 1 
ATOM   868  C  CD2 . LEU A 1 113 ? 3.117   7.148   11.842  1.00 29.89 ? 113  LEU A CD2 1 
ATOM   869  N  N   . THR A 1 114 ? 7.186   9.771   10.596  1.00 29.78 ? 114  THR A N   1 
ATOM   870  C  CA  . THR A 1 114 ? 8.583   10.046  10.283  1.00 30.97 ? 114  THR A CA  1 
ATOM   871  C  C   . THR A 1 114 ? 9.382   8.777   10.588  1.00 31.80 ? 114  THR A C   1 
ATOM   872  O  O   . THR A 1 114 ? 9.332   8.250   11.696  1.00 32.11 ? 114  THR A O   1 
ATOM   873  C  CB  . THR A 1 114 ? 9.144   11.252  11.089  1.00 31.50 ? 114  THR A CB  1 
ATOM   874  O  OG1 . THR A 1 114 ? 8.371   12.426  10.835  1.00 28.78 ? 114  THR A OG1 1 
ATOM   875  C  CG2 . THR A 1 114 ? 10.523  11.670  10.553  1.00 32.12 ? 114  THR A CG2 1 
ATOM   876  N  N   . TYR A 1 115 ? 10.079  8.284   9.578   1.00 33.01 ? 115  TYR A N   1 
ATOM   877  C  CA  . TYR A 1 115 ? 10.900  7.087   9.705   1.00 34.17 ? 115  TYR A CA  1 
ATOM   878  C  C   . TYR A 1 115 ? 12.287  7.435   10.244  1.00 34.73 ? 115  TYR A C   1 
ATOM   879  O  O   . TYR A 1 115 ? 12.659  8.612   10.293  1.00 34.76 ? 115  TYR A O   1 
ATOM   880  C  CB  . TYR A 1 115 ? 10.950  6.353   8.364   1.00 34.24 ? 115  TYR A CB  1 
ATOM   881  C  CG  . TYR A 1 115 ? 9.578   6.167   7.723   1.00 34.53 ? 115  TYR A CG  1 
ATOM   882  C  CD1 . TYR A 1 115 ? 8.538   5.511   8.402   1.00 34.65 ? 115  TYR A CD1 1 
ATOM   883  C  CD2 . TYR A 1 115 ? 9.312   6.657   6.442   1.00 35.25 ? 115  TYR A CD2 1 
ATOM   884  C  CE1 . TYR A 1 115 ? 7.268   5.342   7.813   1.00 36.32 ? 115  TYR A CE1 1 
ATOM   885  C  CE2 . TYR A 1 115 ? 8.050   6.478   5.832   1.00 34.75 ? 115  TYR A CE2 1 
ATOM   886  C  CZ  . TYR A 1 115 ? 7.027   5.830   6.516   1.00 36.78 ? 115  TYR A CZ  1 
ATOM   887  O  OH  . TYR A 1 115 ? 5.786   5.673   5.904   1.00 34.31 ? 115  TYR A OH  1 
ATOM   888  N  N   . LYS A 1 116 ? 13.042  6.425   10.678  1.00 35.81 ? 116  LYS A N   1 
ATOM   889  C  CA  . LYS A 1 116 ? 14.341  6.666   11.331  1.00 37.02 ? 116  LYS A CA  1 
ATOM   890  C  C   . LYS A 1 116 ? 15.363  7.353   10.410  1.00 36.38 ? 116  LYS A C   1 
ATOM   891  O  O   . LYS A 1 116 ? 16.141  8.221   10.847  1.00 36.88 ? 116  LYS A O   1 
ATOM   892  C  CB  . LYS A 1 116 ? 14.908  5.370   11.911  1.00 37.66 ? 116  LYS A CB  1 
ATOM   893  C  CG  . LYS A 1 116 ? 14.212  4.909   13.183  1.00 40.22 ? 116  LYS A CG  1 
ATOM   894  C  CD  . LYS A 1 116 ? 15.182  4.221   14.156  1.00 46.58 ? 116  LYS A CD  1 
ATOM   895  C  CE  . LYS A 1 116 ? 15.654  2.844   13.658  1.00 48.53 ? 116  LYS A CE  1 
ATOM   896  N  NZ  . LYS A 1 116 ? 14.615  2.115   12.862  1.00 50.88 ? 116  LYS A NZ  1 
ATOM   897  N  N   . SER A 1 117 ? 15.331  6.952   9.138   1.00 35.99 ? 117  SER A N   1 
ATOM   898  C  CA  . SER A 1 117 ? 15.990  7.660   8.046   1.00 35.48 ? 117  SER A CA  1 
ATOM   899  C  C   . SER A 1 117 ? 15.708  9.167   8.044   1.00 35.04 ? 117  SER A C   1 
ATOM   900  O  O   . SER A 1 117 ? 16.547  9.968   7.618   1.00 34.32 ? 117  SER A O   1 
ATOM   901  C  CB  . SER A 1 117 ? 15.539  7.070   6.716   1.00 36.11 ? 117  SER A CB  1 
ATOM   902  O  OG  . SER A 1 117 ? 14.275  7.591   6.334   1.00 35.92 ? 117  SER A OG  1 
ATOM   903  N  N   . GLY A 1 118 ? 14.525  9.547   8.514   1.00 34.31 ? 118  GLY A N   1 
ATOM   904  C  CA  . GLY A 1 118 ? 14.095  10.924  8.434   1.00 34.00 ? 118  GLY A CA  1 
ATOM   905  C  C   . GLY A 1 118 ? 13.149  11.091  7.250   1.00 33.12 ? 118  GLY A C   1 
ATOM   906  O  O   . GLY A 1 118 ? 12.565  12.169  7.055   1.00 32.85 ? 118  GLY A O   1 
ATOM   907  N  N   . LYS A 1 119 ? 12.996  10.033  6.458   1.00 32.39 ? 119  LYS A N   1 
ATOM   908  C  CA  . LYS A 1 119 ? 12.034  10.058  5.362   1.00 31.31 ? 119  LYS A CA  1 
ATOM   909  C  C   . LYS A 1 119 ? 10.657  10.159  6.011   1.00 30.37 ? 119  LYS A C   1 
ATOM   910  O  O   . LYS A 1 119 ? 10.501  9.749   7.129   1.00 29.64 ? 119  LYS A O   1 
ATOM   911  C  CB  . LYS A 1 119 ? 12.146  8.783   4.516   1.00 32.24 ? 119  LYS A CB  1 
ATOM   912  C  CG  . LYS A 1 119 ? 13.391  8.705   3.567   1.00 34.54 ? 119  LYS A CG  1 
ATOM   913  C  CD  . LYS A 1 119 ? 13.670  10.008  2.803   1.00 35.30 ? 119  LYS A CD  1 
ATOM   914  C  CE  . LYS A 1 119 ? 14.855  9.879   1.810   1.00 37.46 ? 119  LYS A CE  1 
ATOM   915  N  NZ  . LYS A 1 119 ? 16.204  10.390  2.300   1.00 35.89 ? 119  LYS A NZ  1 
ATOM   916  N  N   . LYS A 1 120 ? 9.673   10.726  5.314   1.00 29.05 ? 120  LYS A N   1 
ATOM   917  C  CA  . LYS A 1 120 ? 8.321   10.802  5.860   1.00 27.94 ? 120  LYS A CA  1 
ATOM   918  C  C   . LYS A 1 120 ? 7.290   10.082  4.961   1.00 26.53 ? 120  LYS A C   1 
ATOM   919  O  O   . LYS A 1 120 ? 7.565   9.786   3.797   1.00 25.88 ? 120  LYS A O   1 
ATOM   920  C  CB  . LYS A 1 120 ? 7.930   12.274  6.073   1.00 27.37 ? 120  LYS A CB  1 
ATOM   921  C  CG  . LYS A 1 120 ? 8.743   12.994  7.151   1.00 27.45 ? 120  LYS A CG  1 
ATOM   922  C  CD  . LYS A 1 120 ? 8.647   14.496  7.001   1.00 26.10 ? 120  LYS A CD  1 
ATOM   923  C  CE  . LYS A 1 120 ? 7.435   15.018  7.718   1.00 26.53 ? 120  LYS A CE  1 
ATOM   924  N  NZ  . LYS A 1 120 ? 7.230   16.429  7.318   1.00 24.03 ? 120  LYS A NZ  1 
ATOM   925  N  N   . GLY A 1 121 ? 6.113   9.801   5.523   1.00 25.35 ? 121  GLY A N   1 
ATOM   926  C  CA  . GLY A 1 121 ? 5.028   9.181   4.774   1.00 23.71 ? 121  GLY A CA  1 
ATOM   927  C  C   . GLY A 1 121 ? 3.716   9.550   5.445   1.00 23.30 ? 121  GLY A C   1 
ATOM   928  O  O   . GLY A 1 121 ? 3.703   10.006  6.586   1.00 25.00 ? 121  GLY A O   1 
ATOM   929  N  N   . VAL A 1 122 ? 2.607   9.328   4.758   1.00 22.67 ? 122  VAL A N   1 
ATOM   930  C  CA  . VAL A 1 122 ? 1.300   9.691   5.279   1.00 21.23 ? 122  VAL A CA  1 
ATOM   931  C  C   . VAL A 1 122 ? 0.437   8.455   5.162   1.00 21.91 ? 122  VAL A C   1 
ATOM   932  O  O   . VAL A 1 122 ? 0.382   7.828   4.082   1.00 22.22 ? 122  VAL A O   1 
ATOM   933  C  CB  . VAL A 1 122 ? 0.687   10.841  4.443   1.00 21.87 ? 122  VAL A CB  1 
ATOM   934  C  CG1 . VAL A 1 122 ? -0.661  11.308  4.982   1.00 20.35 ? 122  VAL A CG1 1 
ATOM   935  C  CG2 . VAL A 1 122 ? 1.652   12.033  4.431   1.00 21.04 ? 122  VAL A CG2 1 
ATOM   936  N  N   . ARG A 1 123 ? -0.215  8.109   6.274   1.00 20.90 ? 123  ARG A N   1 
ATOM   937  C  CA  . ARG A 1 123 ? -1.263  7.074   6.329   1.00 20.67 ? 123  ARG A CA  1 
ATOM   938  C  C   . ARG A 1 123 ? -2.639  7.709   6.174   1.00 19.87 ? 123  ARG A C   1 
ATOM   939  O  O   . ARG A 1 123 ? -2.945  8.687   6.879   1.00 19.55 ? 123  ARG A O   1 
ATOM   940  C  CB  . ARG A 1 123 ? -1.213  6.353   7.681   1.00 19.93 ? 123  ARG A CB  1 
ATOM   941  C  CG  . ARG A 1 123 ? 0.109   5.674   7.996   1.00 20.27 ? 123  ARG A CG  1 
ATOM   942  C  CD  . ARG A 1 123 ? 0.341   4.389   7.244   1.00 20.83 ? 123  ARG A CD  1 
ATOM   943  N  NE  . ARG A 1 123 ? 1.598   3.745   7.598   1.00 22.95 ? 123  ARG A NE  1 
ATOM   944  C  CZ  . ARG A 1 123 ? 1.766   2.864   8.598   1.00 21.87 ? 123  ARG A CZ  1 
ATOM   945  N  NH1 . ARG A 1 123 ? 0.748   2.438   9.349   1.00 24.32 ? 123  ARG A NH1 1 
ATOM   946  N  NH2 . ARG A 1 123 ? 2.968   2.357   8.817   1.00 23.44 ? 123  ARG A NH2 1 
ATOM   947  N  N   . TYR A 1 124 ? -3.457  7.198   5.252   1.00 20.19 ? 124  TYR A N   1 
ATOM   948  C  CA  . TYR A 1 124 ? -4.854  7.667   5.159   1.00 20.36 ? 124  TYR A CA  1 
ATOM   949  C  C   . TYR A 1 124 ? -5.809  6.666   5.840   1.00 20.87 ? 124  TYR A C   1 
ATOM   950  O  O   . TYR A 1 124 ? -5.858  5.486   5.480   1.00 20.72 ? 124  TYR A O   1 
ATOM   951  C  CB  . TYR A 1 124 ? -5.232  7.957   3.698   1.00 20.84 ? 124  TYR A CB  1 
ATOM   952  C  CG  . TYR A 1 124 ? -4.540  9.209   3.231   1.00 20.65 ? 124  TYR A CG  1 
ATOM   953  C  CD1 . TYR A 1 124 ? -5.164  10.452  3.367   1.00 19.48 ? 124  TYR A CD1 1 
ATOM   954  C  CD2 . TYR A 1 124 ? -3.253  9.162   2.690   1.00 17.81 ? 124  TYR A CD2 1 
ATOM   955  C  CE1 . TYR A 1 124 ? -4.507  11.624  2.980   1.00 17.58 ? 124  TYR A CE1 1 
ATOM   956  C  CE2 . TYR A 1 124 ? -2.579  10.318  2.300   1.00 17.34 ? 124  TYR A CE2 1 
ATOM   957  C  CZ  . TYR A 1 124 ? -3.227  11.549  2.453   1.00 18.61 ? 124  TYR A CZ  1 
ATOM   958  O  OH  . TYR A 1 124 ? -2.632  12.721  2.062   1.00 18.44 ? 124  TYR A OH  1 
ATOM   959  N  N   . LEU A 1 125 ? -6.500  7.138   6.877   1.00 21.16 ? 125  LEU A N   1 
ATOM   960  C  CA  . LEU A 1 125 ? -7.264  6.247   7.775   1.00 20.91 ? 125  LEU A CA  1 
ATOM   961  C  C   . LEU A 1 125 ? -8.737  6.211   7.489   1.00 21.72 ? 125  LEU A C   1 
ATOM   962  O  O   . LEU A 1 125 ? -9.378  7.264   7.379   1.00 20.97 ? 125  LEU A O   1 
ATOM   963  C  CB  . LEU A 1 125 ? -7.083  6.671   9.241   1.00 22.00 ? 125  LEU A CB  1 
ATOM   964  C  CG  . LEU A 1 125 ? -5.790  6.347   10.007  1.00 20.48 ? 125  LEU A CG  1 
ATOM   965  C  CD1 . LEU A 1 125 ? -4.526  6.736   9.252   1.00 19.20 ? 125  LEU A CD1 1 
ATOM   966  C  CD2 . LEU A 1 125 ? -5.772  6.999   11.435  1.00 21.41 ? 125  LEU A CD2 1 
ATOM   967  N  N   . PHE A 1 126 ? -9.273  4.983   7.434   1.00 22.17 ? 126  PHE A N   1 
ATOM   968  C  CA  . PHE A 1 126 ? -10.692 4.732   7.322   1.00 22.62 ? 126  PHE A CA  1 
ATOM   969  C  C   . PHE A 1 126 ? -11.171 3.743   8.406   1.00 23.60 ? 126  PHE A C   1 
ATOM   970  O  O   . PHE A 1 126 ? -10.407 2.918   8.912   1.00 22.97 ? 126  PHE A O   1 
ATOM   971  C  CB  . PHE A 1 126 ? -11.025 4.181   5.933   1.00 22.22 ? 126  PHE A CB  1 
ATOM   972  C  CG  . PHE A 1 126 ? -10.707 5.131   4.838   1.00 20.70 ? 126  PHE A CG  1 
ATOM   973  C  CD1 . PHE A 1 126 ? -11.714 5.864   4.247   1.00 20.60 ? 126  PHE A CD1 1 
ATOM   974  C  CD2 . PHE A 1 126 ? -9.376  5.310   4.413   1.00 23.61 ? 126  PHE A CD2 1 
ATOM   975  C  CE1 . PHE A 1 126 ? -11.415 6.779   3.240   1.00 19.89 ? 126  PHE A CE1 1 
ATOM   976  C  CE2 . PHE A 1 126 ? -9.048  6.222   3.412   1.00 22.19 ? 126  PHE A CE2 1 
ATOM   977  C  CZ  . PHE A 1 126 ? -10.070 6.958   2.817   1.00 24.26 ? 126  PHE A CZ  1 
ATOM   978  N  N   . GLU A 1 127 ? -12.464 3.811   8.692   1.00 24.38 ? 127  GLU A N   1 
ATOM   979  C  CA  . GLU A 1 127 ? -13.095 2.987   9.708   1.00 26.46 ? 127  GLU A CA  1 
ATOM   980  C  C   . GLU A 1 127 ? -14.418 2.398   9.180   1.00 26.99 ? 127  GLU A C   1 
ATOM   981  O  O   . GLU A 1 127 ? -15.200 3.084   8.503   1.00 26.17 ? 127  GLU A O   1 
ATOM   982  C  CB  . GLU A 1 127 ? -13.342 3.826   10.971  1.00 26.98 ? 127  GLU A CB  1 
ATOM   983  C  CG  . GLU A 1 127 ? -14.057 3.083   12.096  1.00 29.39 ? 127  GLU A CG  1 
ATOM   984  C  CD  . GLU A 1 127 ? -14.036 3.807   13.431  1.00 33.20 ? 127  GLU A CD  1 
ATOM   985  O  OE1 . GLU A 1 127 ? -13.409 4.878   13.517  1.00 37.05 ? 127  GLU A OE1 1 
ATOM   986  O  OE2 . GLU A 1 127 ? -14.649 3.283   14.404  1.00 32.59 ? 127  GLU A OE2 1 
ATOM   987  N  N   . CYS A 1 128 ? -14.634 1.119   9.487   1.00 27.99 ? 128  CYS A N   1 
ATOM   988  C  CA  . CYS A 1 128 ? -15.884 0.421   9.193   1.00 28.95 ? 128  CYS A CA  1 
ATOM   989  C  C   . CYS A 1 128 ? -16.769 0.449   10.418  1.00 30.23 ? 128  CYS A C   1 
ATOM   990  O  O   . CYS A 1 128 ? -16.426 -0.125  11.437  1.00 30.84 ? 128  CYS A O   1 
ATOM   991  C  CB  . CYS A 1 128 ? -15.624 -1.027  8.824   1.00 28.20 ? 128  CYS A CB  1 
ATOM   992  S  SG  . CYS A 1 128 ? -17.162 -1.921  8.429   1.00 29.70 ? 128  CYS A SG  1 
ATOM   993  N  N   . LYS A 1 129 ? -17.907 1.109   10.300  1.00 32.37 ? 129  LYS A N   1 
ATOM   994  C  CA  . LYS A 1 129 ? -18.842 1.276   11.406  1.00 34.88 ? 129  LYS A CA  1 
ATOM   995  C  C   . LYS A 1 129 ? -20.115 0.446   11.186  1.00 35.78 ? 129  LYS A C   1 
ATOM   996  O  O   . LYS A 1 129 ? -21.082 0.538   11.964  1.00 36.96 ? 129  LYS A O   1 
ATOM   997  C  CB  . LYS A 1 129 ? -19.172 2.768   11.594  1.00 34.61 ? 129  LYS A CB  1 
ATOM   998  C  CG  . LYS A 1 129 ? -17.973 3.606   12.008  1.00 37.01 ? 129  LYS A CG  1 
ATOM   999  C  CD  . LYS A 1 129 ? -18.228 5.071   11.743  1.00 40.13 ? 129  LYS A CD  1 
ATOM   1000 C  CE  . LYS A 1 129 ? -17.004 5.889   12.073  1.00 41.99 ? 129  LYS A CE  1 
ATOM   1001 N  NZ  . LYS A 1 129 ? -17.264 6.684   13.299  1.00 44.52 ? 129  LYS A NZ  1 
ATOM   1002 N  N   . ASP A 1 130 ? -20.086 -0.389  10.152  1.00 36.64 ? 130  ASP A N   1 
ATOM   1003 C  CA  . ASP A 1 130 ? -21.205 -1.266  9.777   1.00 37.63 ? 130  ASP A CA  1 
ATOM   1004 C  C   . ASP A 1 130 ? -21.217 -2.515  10.645  1.00 38.41 ? 130  ASP A C   1 
ATOM   1005 O  O   . ASP A 1 130 ? -20.368 -3.384  10.480  1.00 38.55 ? 130  ASP A O   1 
ATOM   1006 C  CB  . ASP A 1 130 ? -21.070 -1.655  8.296   1.00 37.80 ? 130  ASP A CB  1 
ATOM   1007 C  CG  . ASP A 1 130 ? -22.236 -2.464  7.782   1.00 38.82 ? 130  ASP A CG  1 
ATOM   1008 O  OD1 . ASP A 1 130 ? -22.960 -3.078  8.603   1.00 43.38 ? 130  ASP A OD1 1 
ATOM   1009 O  OD2 . ASP A 1 130 ? -22.526 -2.539  6.565   1.00 39.73 ? 130  ASP A OD2 1 
ATOM   1010 N  N   . PRO A 1 131 ? -22.189 -2.631  11.550  1.00 39.16 ? 131  PRO A N   1 
ATOM   1011 C  CA  . PRO A 1 131 ? -22.239 -3.778  12.465  1.00 39.53 ? 131  PRO A CA  1 
ATOM   1012 C  C   . PRO A 1 131 ? -22.425 -5.150  11.772  1.00 39.93 ? 131  PRO A C   1 
ATOM   1013 O  O   . PRO A 1 131 ? -21.977 -6.138  12.358  1.00 40.46 ? 131  PRO A O   1 
ATOM   1014 C  CB  . PRO A 1 131 ? -23.416 -3.439  13.384  1.00 39.69 ? 131  PRO A CB  1 
ATOM   1015 C  CG  . PRO A 1 131 ? -24.246 -2.525  12.602  1.00 39.50 ? 131  PRO A CG  1 
ATOM   1016 C  CD  . PRO A 1 131 ? -23.317 -1.709  11.769  1.00 39.43 ? 131  PRO A CD  1 
ATOM   1017 N  N   . GLU A 1 132 ? -23.017 -5.210  10.573  1.00 39.99 ? 132  GLU A N   1 
ATOM   1018 C  CA  . GLU A 1 132 ? -23.131 -6.486  9.833   1.00 40.44 ? 132  GLU A CA  1 
ATOM   1019 C  C   . GLU A 1 132 ? -21.812 -6.964  9.209   1.00 39.50 ? 132  GLU A C   1 
ATOM   1020 O  O   . GLU A 1 132 ? -21.653 -8.162  8.953   1.00 40.47 ? 132  GLU A O   1 
ATOM   1021 C  CB  . GLU A 1 132 ? -24.197 -6.459  8.723   1.00 40.98 ? 132  GLU A CB  1 
ATOM   1022 C  CG  . GLU A 1 132 ? -25.119 -5.254  8.679   1.00 45.04 ? 132  GLU A CG  1 
ATOM   1023 C  CD  . GLU A 1 132 ? -26.248 -5.383  9.661   1.00 48.93 ? 132  GLU A CD  1 
ATOM   1024 O  OE1 . GLU A 1 132 ? -27.347 -5.837  9.241   1.00 50.63 ? 132  GLU A OE1 1 
ATOM   1025 O  OE2 . GLU A 1 132 ? -26.017 -5.054  10.850  1.00 50.28 ? 132  GLU A OE2 1 
ATOM   1026 N  N   . SER A 1 133 ? -20.883 -6.037  8.953   1.00 37.79 ? 133  SER A N   1 
ATOM   1027 C  CA  . SER A 1 133 ? -19.680 -6.335  8.157   1.00 35.33 ? 133  SER A CA  1 
ATOM   1028 C  C   . SER A 1 133 ? -18.707 -7.304  8.820   1.00 34.03 ? 133  SER A C   1 
ATOM   1029 O  O   . SER A 1 133 ? -18.569 -7.315  10.030  1.00 33.70 ? 133  SER A O   1 
ATOM   1030 C  CB  . SER A 1 133 ? -18.949 -5.036  7.812   1.00 35.37 ? 133  SER A CB  1 
ATOM   1031 O  OG  . SER A 1 133 ? -17.917 -5.288  6.872   1.00 33.52 ? 133  SER A OG  1 
ATOM   1032 N  N   . LYS A 1 134 ? -18.016 -8.107  8.029   1.00 33.00 ? 134  LYS A N   1 
ATOM   1033 C  CA  . LYS A 1 134 ? -16.917 -8.898  8.573   1.00 32.66 ? 134  LYS A CA  1 
ATOM   1034 C  C   . LYS A 1 134 ? -15.537 -8.336  8.191   1.00 31.87 ? 134  LYS A C   1 
ATOM   1035 O  O   . LYS A 1 134 ? -14.491 -8.856  8.588   1.00 32.29 ? 134  LYS A O   1 
ATOM   1036 C  CB  . LYS A 1 134 ? -17.065 -10.366 8.188   1.00 33.46 ? 134  LYS A CB  1 
ATOM   1037 C  CG  . LYS A 1 134 ? -18.239 -11.111 8.887   1.00 36.91 ? 134  LYS A CG  1 
ATOM   1038 C  CD  . LYS A 1 134 ? -18.692 -10.462 10.234  1.00 41.03 ? 134  LYS A CD  1 
ATOM   1039 C  CE  . LYS A 1 134 ? -17.621 -10.498 11.345  1.00 43.71 ? 134  LYS A CE  1 
ATOM   1040 N  NZ  . LYS A 1 134 ? -18.152 -10.884 12.705  1.00 46.00 ? 134  LYS A NZ  1 
ATOM   1041 N  N   . ALA A 1 135 ? -15.560 -7.243  7.442   1.00 30.95 ? 135  ALA A N   1 
ATOM   1042 C  CA  . ALA A 1 135 ? -14.353 -6.482  7.085   1.00 29.18 ? 135  ALA A CA  1 
ATOM   1043 C  C   . ALA A 1 135 ? -13.562 -5.976  8.319   1.00 28.30 ? 135  ALA A C   1 
ATOM   1044 O  O   . ALA A 1 135 ? -14.123 -5.825  9.408   1.00 27.70 ? 135  ALA A O   1 
ATOM   1045 C  CB  . ALA A 1 135 ? -14.742 -5.331  6.167   1.00 29.18 ? 135  ALA A CB  1 
ATOM   1046 N  N   . PRO A 1 136 ? -12.255 -5.750  8.170   1.00 26.70 ? 136  PRO A N   1 
ATOM   1047 C  CA  . PRO A 1 136 ? -11.470 -5.130  9.242   1.00 26.84 ? 136  PRO A CA  1 
ATOM   1048 C  C   . PRO A 1 136 ? -12.063 -3.798  9.678   1.00 26.66 ? 136  PRO A C   1 
ATOM   1049 O  O   . PRO A 1 136 ? -12.500 -2.969  8.886   1.00 26.54 ? 136  PRO A O   1 
ATOM   1050 C  CB  . PRO A 1 136 ? -10.094 -4.890  8.609   1.00 26.80 ? 136  PRO A CB  1 
ATOM   1051 C  CG  . PRO A 1 136 ? -10.028 -5.784  7.431   1.00 25.91 ? 136  PRO A CG  1 
ATOM   1052 C  CD  . PRO A 1 136 ? -11.429 -6.074  6.994   1.00 26.42 ? 136  PRO A CD  1 
ATOM   1053 N  N   . LYS A 1 137 ? -12.085 -3.614  10.978  1.00 26.03 ? 137  LYS A N   1 
ATOM   1054 C  CA  . LYS A 1 137 ? -12.653 -2.420  11.573  1.00 26.80 ? 137  LYS A CA  1 
ATOM   1055 C  C   . LYS A 1 137 ? -11.869 -1.158  11.176  1.00 24.80 ? 137  LYS A C   1 
ATOM   1056 O  O   . LYS A 1 137 ? -12.434 -0.112  11.006  1.00 23.90 ? 137  LYS A O   1 
ATOM   1057 C  CB  . LYS A 1 137 ? -12.610 -2.612  13.082  1.00 26.96 ? 137  LYS A CB  1 
ATOM   1058 C  CG  . LYS A 1 137 ? -13.347 -1.556  13.910  1.00 31.13 ? 137  LYS A CG  1 
ATOM   1059 C  CD  . LYS A 1 137 ? -13.156 -1.890  15.399  1.00 35.59 ? 137  LYS A CD  1 
ATOM   1060 C  CE  . LYS A 1 137 ? -14.449 -1.746  16.175  1.00 39.30 ? 137  LYS A CE  1 
ATOM   1061 N  NZ  . LYS A 1 137 ? -15.141 -0.461  15.838  1.00 44.19 ? 137  LYS A NZ  1 
ATOM   1062 N  N   . TYR A 1 138 ? -10.556 -1.279  11.041  1.00 24.25 ? 138  TYR A N   1 
ATOM   1063 C  CA  . TYR A 1 138 ? -9.729  -0.139  10.645  1.00 23.98 ? 138  TYR A CA  1 
ATOM   1064 C  C   . TYR A 1 138 ? -8.822  -0.537  9.516   1.00 22.67 ? 138  TYR A C   1 
ATOM   1065 O  O   . TYR A 1 138 ? -8.248  -1.621  9.506   1.00 22.58 ? 138  TYR A O   1 
ATOM   1066 C  CB  . TYR A 1 138 ? -8.861  0.340   11.813  1.00 24.44 ? 138  TYR A CB  1 
ATOM   1067 C  CG  . TYR A 1 138 ? -9.596  0.555   13.133  1.00 27.82 ? 138  TYR A CG  1 
ATOM   1068 C  CD1 . TYR A 1 138 ? -10.390 1.698   13.337  1.00 29.15 ? 138  TYR A CD1 1 
ATOM   1069 C  CD2 . TYR A 1 138 ? -9.485  -0.371  14.167  1.00 28.71 ? 138  TYR A CD2 1 
ATOM   1070 C  CE1 . TYR A 1 138 ? -11.057 1.906   14.547  1.00 30.96 ? 138  TYR A CE1 1 
ATOM   1071 C  CE2 . TYR A 1 138 ? -10.150 -0.183  15.383  1.00 29.44 ? 138  TYR A CE2 1 
ATOM   1072 C  CZ  . TYR A 1 138 ? -10.934 0.961   15.571  1.00 31.22 ? 138  TYR A CZ  1 
ATOM   1073 O  OH  . TYR A 1 138 ? -11.607 1.177   16.774  1.00 31.97 ? 138  TYR A OH  1 
ATOM   1074 N  N   . ILE A 1 139 ? -8.686  0.367   8.565   1.00 22.79 ? 139  ILE A N   1 
ATOM   1075 C  CA  . ILE A 1 139 ? -7.728  0.202   7.496   1.00 21.84 ? 139  ILE A CA  1 
ATOM   1076 C  C   . ILE A 1 139 ? -6.976  1.522   7.275   1.00 21.25 ? 139  ILE A C   1 
ATOM   1077 O  O   . ILE A 1 139 ? -7.490  2.622   7.576   1.00 20.78 ? 139  ILE A O   1 
ATOM   1078 C  CB  . ILE A 1 139 ? -8.398  -0.327  6.180   1.00 20.61 ? 139  ILE A CB  1 
ATOM   1079 C  CG1 . ILE A 1 139 ? -9.300  0.738   5.551   1.00 21.02 ? 139  ILE A CG1 1 
ATOM   1080 C  CG2 . ILE A 1 139 ? -9.055  -1.728  6.381   1.00 22.10 ? 139  ILE A CG2 1 
ATOM   1081 C  CD1 . ILE A 1 139 ? -9.847  0.374   4.151   1.00 20.92 ? 139  ILE A CD1 1 
ATOM   1082 N  N   . GLN A 1 140 ? -5.730  1.400   6.838   1.00 21.57 ? 140  GLN A N   1 
ATOM   1083 C  CA  . GLN A 1 140 ? -4.923  2.572   6.461   1.00 21.06 ? 140  GLN A CA  1 
ATOM   1084 C  C   . GLN A 1 140 ? -4.263  2.391   5.105   1.00 21.50 ? 140  GLN A C   1 
ATOM   1085 O  O   . GLN A 1 140 ? -3.622  1.346   4.843   1.00 22.80 ? 140  GLN A O   1 
ATOM   1086 C  CB  . GLN A 1 140 ? -3.847  2.809   7.526   1.00 20.91 ? 140  GLN A CB  1 
ATOM   1087 C  CG  . GLN A 1 140 ? -4.419  2.803   8.950   1.00 22.49 ? 140  GLN A CG  1 
ATOM   1088 C  CD  . GLN A 1 140 ? -3.402  3.220   9.959   1.00 25.00 ? 140  GLN A CD  1 
ATOM   1089 O  OE1 . GLN A 1 140 ? -2.179  3.146   9.699   1.00 28.34 ? 140  GLN A OE1 1 
ATOM   1090 N  NE2 . GLN A 1 140 ? -3.867  3.665   11.114  1.00 25.44 ? 140  GLN A NE2 1 
ATOM   1091 N  N   . PHE A 1 141 ? -4.385  3.400   4.240   1.00 21.00 ? 141  PHE A N   1 
ATOM   1092 C  CA  . PHE A 1 141 ? -3.701  3.377   2.951   1.00 19.70 ? 141  PHE A CA  1 
ATOM   1093 C  C   . PHE A 1 141 ? -2.434  4.199   3.009   1.00 20.22 ? 141  PHE A C   1 
ATOM   1094 O  O   . PHE A 1 141 ? -2.453  5.326   3.532   1.00 19.16 ? 141  PHE A O   1 
ATOM   1095 C  CB  . PHE A 1 141 ? -4.583  3.953   1.853   1.00 19.93 ? 141  PHE A CB  1 
ATOM   1096 C  CG  . PHE A 1 141 ? -5.773  3.124   1.531   1.00 19.60 ? 141  PHE A CG  1 
ATOM   1097 C  CD1 . PHE A 1 141 ? -5.681  2.104   0.584   1.00 19.92 ? 141  PHE A CD1 1 
ATOM   1098 C  CD2 . PHE A 1 141 ? -6.996  3.389   2.142   1.00 19.73 ? 141  PHE A CD2 1 
ATOM   1099 C  CE1 . PHE A 1 141 ? -6.791  1.336   0.253   1.00 18.58 ? 141  PHE A CE1 1 
ATOM   1100 C  CE2 . PHE A 1 141 ? -8.114  2.633   1.832   1.00 20.98 ? 141  PHE A CE2 1 
ATOM   1101 C  CZ  . PHE A 1 141 ? -8.022  1.597   0.883   1.00 18.95 ? 141  PHE A CZ  1 
ATOM   1102 N  N   . SER A 1 142 ? -1.359  3.654   2.415   1.00 19.80 ? 142  SER A N   1 
ATOM   1103 C  CA  . SER A 1 142 ? -0.081  4.350   2.226   1.00 20.07 ? 142  SER A CA  1 
ATOM   1104 C  C   . SER A 1 142 ? 0.436   4.121   0.807   1.00 19.85 ? 142  SER A C   1 
ATOM   1105 O  O   . SER A 1 142 ? 0.647   2.969   0.409   1.00 18.99 ? 142  SER A O   1 
ATOM   1106 C  CB  . SER A 1 142 ? 0.921   3.742   3.203   1.00 20.10 ? 142  SER A CB  1 
ATOM   1107 O  OG  . SER A 1 142 ? 2.121   4.465   3.223   1.00 22.11 ? 142  SER A OG  1 
ATOM   1108 N  N   . ASP A 1 143 ? 0.667   5.192   0.048   1.00 19.48 ? 143  ASP A N   1 
ATOM   1109 C  CA  . ASP A 1 143 ? 1.002   5.037   -1.377  1.00 20.49 ? 143  ASP A CA  1 
ATOM   1110 C  C   . ASP A 1 143 ? 1.891   6.148   -1.955  1.00 20.68 ? 143  ASP A C   1 
ATOM   1111 O  O   . ASP A 1 143 ? 1.778   6.489   -3.167  1.00 20.11 ? 143  ASP A O   1 
ATOM   1112 C  CB  . ASP A 1 143 ? -0.264  4.883   -2.204  1.00 19.98 ? 143  ASP A CB  1 
ATOM   1113 C  CG  . ASP A 1 143 ? -1.100  6.143   -2.213  1.00 19.51 ? 143  ASP A CG  1 
ATOM   1114 O  OD1 . ASP A 1 143 ? -0.722  7.107   -1.519  1.00 17.58 ? 143  ASP A OD1 1 
ATOM   1115 O  OD2 . ASP A 1 143 ? -2.143  6.243   -2.872  1.00 20.42 ? 143  ASP A OD2 1 
ATOM   1116 N  N   . HIS A 1 144 ? 2.755   6.714   -1.090  1.00 20.41 ? 144  HIS A N   1 
ATOM   1117 C  CA  . HIS A 1 144 ? 3.726   7.774   -1.497  1.00 21.14 ? 144  HIS A CA  1 
ATOM   1118 C  C   . HIS A 1 144 ? 3.117   9.037   -2.067  1.00 21.41 ? 144  HIS A C   1 
ATOM   1119 O  O   . HIS A 1 144 ? 3.800   9.832   -2.717  1.00 22.66 ? 144  HIS A O   1 
ATOM   1120 C  CB  . HIS A 1 144 ? 4.757   7.226   -2.468  1.00 20.82 ? 144  HIS A CB  1 
ATOM   1121 C  CG  . HIS A 1 144 ? 5.055   5.804   -2.229  1.00 21.29 ? 144  HIS A CG  1 
ATOM   1122 N  ND1 . HIS A 1 144 ? 5.939   5.394   -1.262  1.00 23.74 ? 144  HIS A ND1 1 
ATOM   1123 C  CD2 . HIS A 1 144 ? 4.510   4.684   -2.752  1.00 25.28 ? 144  HIS A CD2 1 
ATOM   1124 C  CE1 . HIS A 1 144 ? 5.950   4.073   -1.215  1.00 26.12 ? 144  HIS A CE1 1 
ATOM   1125 N  NE2 . HIS A 1 144 ? 5.088   3.617   -2.109  1.00 26.96 ? 144  HIS A NE2 1 
ATOM   1126 N  N   . ILE A 1 145 ? 1.842   9.250   -1.778  1.00 22.01 ? 145  ILE A N   1 
ATOM   1127 C  CA  . ILE A 1 145 ? 1.104   10.405  -2.260  1.00 21.15 ? 145  ILE A CA  1 
ATOM   1128 C  C   . ILE A 1 145 ? 0.522   11.127  -1.060  1.00 21.31 ? 145  ILE A C   1 
ATOM   1129 O  O   . ILE A 1 145 ? 0.051   10.482  -0.141  1.00 20.58 ? 145  ILE A O   1 
ATOM   1130 C  CB  . ILE A 1 145 ? -0.042  9.883   -3.180  1.00 22.19 ? 145  ILE A CB  1 
ATOM   1131 C  CG1 . ILE A 1 145 ? 0.533   9.332   -4.508  1.00 21.44 ? 145  ILE A CG1 1 
ATOM   1132 C  CG2 . ILE A 1 145 ? -1.200  10.943  -3.368  1.00 20.88 ? 145  ILE A CG2 1 
ATOM   1133 C  CD1 . ILE A 1 145 ? -0.453  8.533   -5.370  1.00 22.90 ? 145  ILE A CD1 1 
ATOM   1134 N  N   . ILE A 1 146 ? 0.536   12.459  -1.069  1.00 20.40 ? 146  ILE A N   1 
ATOM   1135 C  CA  . ILE A 1 146 ? 0.172   13.250  0.109   1.00 20.35 ? 146  ILE A CA  1 
ATOM   1136 C  C   . ILE A 1 146 ? -0.955  14.251  -0.160  1.00 20.33 ? 146  ILE A C   1 
ATOM   1137 O  O   . ILE A 1 146 ? -1.210  15.118  0.680   1.00 20.91 ? 146  ILE A O   1 
ATOM   1138 C  CB  . ILE A 1 146 ? 1.428   14.017  0.696   1.00 20.58 ? 146  ILE A CB  1 
ATOM   1139 C  CG1 . ILE A 1 146 ? 1.784   15.219  -0.230  1.00 22.31 ? 146  ILE A CG1 1 
ATOM   1140 C  CG2 . ILE A 1 146 ? 2.596   13.064  0.931   1.00 18.42 ? 146  ILE A CG2 1 
ATOM   1141 C  CD1 . ILE A 1 146 ? 2.849   16.216  0.349   1.00 24.91 ? 146  ILE A CD1 1 
ATOM   1142 N  N   . ALA A 1 147 ? -1.606  14.139  -1.326  1.00 19.51 ? 147  ALA A N   1 
ATOM   1143 C  CA  . ALA A 1 147 ? -2.750  14.960  -1.691  1.00 20.20 ? 147  ALA A CA  1 
ATOM   1144 C  C   . ALA A 1 147 ? -3.531  14.264  -2.812  1.00 20.31 ? 147  ALA A C   1 
ATOM   1145 O  O   . ALA A 1 147 ? -3.011  13.308  -3.438  1.00 21.67 ? 147  ALA A O   1 
ATOM   1146 C  CB  . ALA A 1 147 ? -2.320  16.359  -2.138  1.00 18.70 ? 147  ALA A CB  1 
ATOM   1147 N  N   . PRO A 1 148 ? -4.775  14.690  -3.035  1.00 19.76 ? 148  PRO A N   1 
ATOM   1148 C  CA  . PRO A 1 148 ? -5.665  13.974  -3.961  1.00 20.28 ? 148  PRO A CA  1 
ATOM   1149 C  C   . PRO A 1 148 ? -4.994  13.640  -5.295  1.00 21.67 ? 148  PRO A C   1 
ATOM   1150 O  O   . PRO A 1 148 ? -4.404  14.522  -5.965  1.00 21.48 ? 148  PRO A O   1 
ATOM   1151 C  CB  . PRO A 1 148 ? -6.863  14.921  -4.116  1.00 19.99 ? 148  PRO A CB  1 
ATOM   1152 C  CG  . PRO A 1 148 ? -6.933  15.626  -2.843  1.00 19.36 ? 148  PRO A CG  1 
ATOM   1153 C  CD  . PRO A 1 148 ? -5.468  15.808  -2.355  1.00 19.36 ? 148  PRO A CD  1 
ATOM   1154 N  N   . ARG A 1 149 ? -5.073  12.371  -5.669  1.00 21.32 ? 149  ARG A N   1 
ATOM   1155 C  CA  . ARG A 1 149 ? -4.469  11.864  -6.896  1.00 22.93 ? 149  ARG A CA  1 
ATOM   1156 C  C   . ARG A 1 149 ? -4.782  10.383  -6.936  1.00 22.80 ? 149  ARG A C   1 
ATOM   1157 O  O   . ARG A 1 149 ? -4.652  9.697   -5.911  1.00 22.22 ? 149  ARG A O   1 
ATOM   1158 C  CB  . ARG A 1 149 ? -2.953  12.022  -6.839  1.00 22.45 ? 149  ARG A CB  1 
ATOM   1159 C  CG  . ARG A 1 149 ? -2.148  11.176  -7.803  1.00 24.19 ? 149  ARG A CG  1 
ATOM   1160 C  CD  . ARG A 1 149 ? -0.671  11.602  -7.841  1.00 29.23 ? 149  ARG A CD  1 
ATOM   1161 N  NE  . ARG A 1 149 ? -0.263  11.468  -9.225  1.00 38.57 ? 149  ARG A NE  1 
ATOM   1162 C  CZ  . ARG A 1 149 ? -0.162  12.459  -10.084 1.00 37.60 ? 149  ARG A CZ  1 
ATOM   1163 N  NH1 . ARG A 1 149 ? -0.343  13.720  -9.726  1.00 39.25 ? 149  ARG A NH1 1 
ATOM   1164 N  NH2 . ARG A 1 149 ? 0.172   12.176  -11.311 1.00 42.65 ? 149  ARG A NH2 1 
ATOM   1165 N  N   . LYS A 1 150 ? -5.195  9.904   -8.106  1.00 22.85 ? 150  LYS A N   1 
ATOM   1166 C  CA  . LYS A 1 150 ? -5.466  8.470   -8.316  1.00 24.12 ? 150  LYS A CA  1 
ATOM   1167 C  C   . LYS A 1 150 ? -4.202  7.638   -8.027  1.00 23.44 ? 150  LYS A C   1 
ATOM   1168 O  O   . LYS A 1 150 ? -3.140  7.906   -8.601  1.00 23.51 ? 150  LYS A O   1 
ATOM   1169 C  CB  . LYS A 1 150 ? -5.939  8.227   -9.753  1.00 24.93 ? 150  LYS A CB  1 
ATOM   1170 C  CG  . LYS A 1 150 ? -7.187  8.969   -10.166 1.00 28.60 ? 150  LYS A CG  1 
ATOM   1171 C  CD  . LYS A 1 150 ? -8.402  8.495   -9.337  1.00 33.09 ? 150  LYS A CD  1 
ATOM   1172 C  CE  . LYS A 1 150 ? -9.707  9.144   -9.821  1.00 34.44 ? 150  LYS A CE  1 
ATOM   1173 N  NZ  . LYS A 1 150 ? -10.864 8.565   -9.062  1.00 35.50 ? 150  LYS A NZ  1 
ATOM   1174 N  N   . SER A 1 151 ? -4.323  6.669   -7.119  1.00 23.71 ? 151  SER A N   1 
ATOM   1175 C  CA  . SER A 1 151 ? -3.203  5.802   -6.696  1.00 23.13 ? 151  SER A CA  1 
ATOM   1176 C  C   . SER A 1 151 ? -2.815  4.838   -7.819  1.00 23.51 ? 151  SER A C   1 
ATOM   1177 O  O   . SER A 1 151 ? -3.694  4.365   -8.538  1.00 24.76 ? 151  SER A O   1 
ATOM   1178 C  CB  . SER A 1 151 ? -3.601  5.002   -5.464  1.00 22.95 ? 151  SER A CB  1 
ATOM   1179 O  OG  . SER A 1 151 ? -2.513  4.220   -4.993  1.00 24.17 ? 151  SER A OG  1 
ATOM   1180 N  N   . SER A 1 152 ? -1.531  4.549   -7.981  1.00 22.98 ? 152  SER A N   1 
ATOM   1181 C  CA  . SER A 1 152 ? -1.123  3.577   -8.986  1.00 23.83 ? 152  SER A CA  1 
ATOM   1182 C  C   . SER A 1 152 ? -0.755  2.234   -8.351  1.00 22.96 ? 152  SER A C   1 
ATOM   1183 O  O   . SER A 1 152 ? -0.650  1.235   -9.042  1.00 22.56 ? 152  SER A O   1 
ATOM   1184 C  CB  . SER A 1 152 ? 0.020   4.119   -9.867  1.00 23.97 ? 152  SER A CB  1 
ATOM   1185 O  OG  . SER A 1 152 ? 1.122   4.524   -9.076  1.00 26.40 ? 152  SER A OG  1 
ATOM   1186 N  N   . HIS A 1 153 ? -0.483  2.247   -7.037  1.00 22.70 ? 153  HIS A N   1 
ATOM   1187 C  CA  . HIS A 1 153 ? -0.298  1.042   -6.225  1.00 21.65 ? 153  HIS A CA  1 
ATOM   1188 C  C   . HIS A 1 153 ? -0.353  1.499   -4.775  1.00 20.90 ? 153  HIS A C   1 
ATOM   1189 O  O   . HIS A 1 153 ? -0.066  2.641   -4.477  1.00 20.58 ? 153  HIS A O   1 
ATOM   1190 C  CB  . HIS A 1 153 ? 1.028   0.314   -6.538  1.00 21.06 ? 153  HIS A CB  1 
ATOM   1191 C  CG  . HIS A 1 153 ? 2.225   0.909   -5.863  1.00 26.19 ? 153  HIS A CG  1 
ATOM   1192 N  ND1 . HIS A 1 153 ? 2.964   1.932   -6.423  1.00 27.53 ? 153  HIS A ND1 1 
ATOM   1193 C  CD2 . HIS A 1 153 ? 2.819   0.627   -4.677  1.00 24.88 ? 153  HIS A CD2 1 
ATOM   1194 C  CE1 . HIS A 1 153 ? 3.954   2.254   -5.608  1.00 26.49 ? 153  HIS A CE1 1 
ATOM   1195 N  NE2 . HIS A 1 153 ? 3.881   1.483   -4.541  1.00 26.92 ? 153  HIS A NE2 1 
ATOM   1196 N  N   . PHE A 1 154 ? -0.750  0.621   -3.870  1.00 20.46 ? 154  PHE A N   1 
ATOM   1197 C  CA  . PHE A 1 154 ? -0.817  1.025   -2.490  1.00 19.97 ? 154  PHE A CA  1 
ATOM   1198 C  C   . PHE A 1 154 ? -0.431  -0.097  -1.533  1.00 21.36 ? 154  PHE A C   1 
ATOM   1199 O  O   . PHE A 1 154 ? -0.496  -1.272  -1.889  1.00 21.35 ? 154  PHE A O   1 
ATOM   1200 C  CB  . PHE A 1 154 ? -2.217  1.594   -2.166  1.00 20.16 ? 154  PHE A CB  1 
ATOM   1201 C  CG  . PHE A 1 154 ? -3.329  0.586   -2.276  1.00 16.57 ? 154  PHE A CG  1 
ATOM   1202 C  CD1 . PHE A 1 154 ? -3.621  -0.298  -1.220  1.00 15.79 ? 154  PHE A CD1 1 
ATOM   1203 C  CD2 . PHE A 1 154 ? -4.072  0.524   -3.420  1.00 15.67 ? 154  PHE A CD2 1 
ATOM   1204 C  CE1 . PHE A 1 154 ? -4.679  -1.257  -1.334  1.00 17.14 ? 154  PHE A CE1 1 
ATOM   1205 C  CE2 . PHE A 1 154 ? -5.160  -0.414  -3.566  1.00 18.94 ? 154  PHE A CE2 1 
ATOM   1206 C  CZ  . PHE A 1 154 ? -5.460  -1.315  -2.517  1.00 19.55 ? 154  PHE A CZ  1 
ATOM   1207 N  N   . HIS A 1 155 ? -0.048  0.314   -0.320  1.00 20.84 ? 155  HIS A N   1 
ATOM   1208 C  CA  . HIS A 1 155 ? 0.183   -0.537  0.821   1.00 21.19 ? 155  HIS A CA  1 
ATOM   1209 C  C   . HIS A 1 155 ? -0.978  -0.323  1.788   1.00 21.24 ? 155  HIS A C   1 
ATOM   1210 O  O   . HIS A 1 155 ? -1.452  0.826   1.951   1.00 20.21 ? 155  HIS A O   1 
ATOM   1211 C  CB  . HIS A 1 155 ? 1.515   -0.132  1.460   1.00 21.98 ? 155  HIS A CB  1 
ATOM   1212 C  CG  . HIS A 1 155 ? 2.617   -0.057  0.462   1.00 22.02 ? 155  HIS A CG  1 
ATOM   1213 N  ND1 . HIS A 1 155 ? 3.197   -1.187  -0.074  1.00 24.32 ? 155  HIS A ND1 1 
ATOM   1214 C  CD2 . HIS A 1 155 ? 3.142   0.999   -0.208  1.00 24.35 ? 155  HIS A CD2 1 
ATOM   1215 C  CE1 . HIS A 1 155 ? 4.107   -0.827  -0.967  1.00 24.77 ? 155  HIS A CE1 1 
ATOM   1216 N  NE2 . HIS A 1 155 ? 4.091   0.495   -1.072  1.00 25.91 ? 155  HIS A NE2 1 
ATOM   1217 N  N   . ILE A 1 156 ? -1.475  -1.412  2.367   1.00 19.94 ? 156  ILE A N   1 
ATOM   1218 C  CA  . ILE A 1 156 ? -2.660  -1.325  3.230   1.00 20.29 ? 156  ILE A CA  1 
ATOM   1219 C  C   . ILE A 1 156 ? -2.454  -2.065  4.556   1.00 20.89 ? 156  ILE A C   1 
ATOM   1220 O  O   . ILE A 1 156 ? -1.951  -3.202  4.587   1.00 19.66 ? 156  ILE A O   1 
ATOM   1221 C  CB  . ILE A 1 156 ? -3.978  -1.768  2.478   1.00 20.07 ? 156  ILE A CB  1 
ATOM   1222 C  CG1 . ILE A 1 156 ? -5.244  -1.523  3.314   1.00 19.81 ? 156  ILE A CG1 1 
ATOM   1223 C  CG2 . ILE A 1 156 ? -3.937  -3.227  2.093   1.00 20.10 ? 156  ILE A CG2 1 
ATOM   1224 C  CD1 . ILE A 1 156 ? -6.555  -1.757  2.576   1.00 19.41 ? 156  ILE A CD1 1 
ATOM   1225 N  N   . PHE A 1 157 ? -2.812  -1.381  5.642   1.00 20.55 ? 157  PHE A N   1 
ATOM   1226 C  CA  . PHE A 1 157 ? -2.702  -1.934  6.985   1.00 22.49 ? 157  PHE A CA  1 
ATOM   1227 C  C   . PHE A 1 157 ? -4.111  -2.225  7.459   1.00 23.51 ? 157  PHE A C   1 
ATOM   1228 O  O   . PHE A 1 157 ? -5.002  -1.389  7.292   1.00 23.37 ? 157  PHE A O   1 
ATOM   1229 C  CB  . PHE A 1 157 ? -2.017  -0.906  7.891   1.00 22.97 ? 157  PHE A CB  1 
ATOM   1230 C  CG  . PHE A 1 157 ? -0.664  -0.464  7.389   1.00 20.78 ? 157  PHE A CG  1 
ATOM   1231 C  CD1 . PHE A 1 157 ? 0.507   -1.046  7.897   1.00 22.98 ? 157  PHE A CD1 1 
ATOM   1232 C  CD2 . PHE A 1 157 ? -0.564  0.485   6.395   1.00 21.92 ? 157  PHE A CD2 1 
ATOM   1233 C  CE1 . PHE A 1 157 ? 1.741   -0.675  7.423   1.00 23.67 ? 157  PHE A CE1 1 
ATOM   1234 C  CE2 . PHE A 1 157 ? 0.686   0.862   5.899   1.00 21.90 ? 157  PHE A CE2 1 
ATOM   1235 C  CZ  . PHE A 1 157 ? 1.828   0.289   6.413   1.00 23.36 ? 157  PHE A CZ  1 
ATOM   1236 N  N   . MET A 1 158 ? -4.342  -3.422  7.995   1.00 24.64 ? 158  MET A N   1 
ATOM   1237 C  CA  . MET A 1 158 ? -5.711  -3.829  8.337   1.00 25.99 ? 158  MET A CA  1 
ATOM   1238 C  C   . MET A 1 158 ? -5.762  -4.390  9.742   1.00 27.31 ? 158  MET A C   1 
ATOM   1239 O  O   . MET A 1 158 ? -4.887  -5.173  10.120  1.00 27.22 ? 158  MET A O   1 
ATOM   1240 C  CB  . MET A 1 158 ? -6.195  -4.907  7.362   1.00 25.36 ? 158  MET A CB  1 
ATOM   1241 C  CG  . MET A 1 158 ? -6.161  -4.444  5.911   1.00 27.60 ? 158  MET A CG  1 
ATOM   1242 S  SD  . MET A 1 158 ? -6.452  -5.818  4.816   1.00 28.72 ? 158  MET A SD  1 
ATOM   1243 C  CE  . MET A 1 158 ? -6.328  -5.201  3.294   1.00 30.90 ? 158  MET A CE  1 
ATOM   1244 N  N   . GLY A 1 159 ? -6.777  -4.026  10.512  1.00 27.70 ? 159  GLY A N   1 
ATOM   1245 C  CA  . GLY A 1 159 ? -6.893  -4.582  11.854  1.00 28.43 ? 159  GLY A CA  1 
ATOM   1246 C  C   . GLY A 1 159 ? -8.183  -4.243  12.555  1.00 29.85 ? 159  GLY A C   1 
ATOM   1247 O  O   . GLY A 1 159 ? -9.002  -3.493  12.048  1.00 29.22 ? 159  GLY A O   1 
ATOM   1248 N  N   . ASN A 1 160 ? -8.373  -4.818  13.734  1.00 30.63 ? 160  ASN A N   1 
ATOM   1249 C  CA  . ASN A 1 160 ? -9.611  -4.647  14.426  1.00 32.11 ? 160  ASN A CA  1 
ATOM   1250 C  C   . ASN A 1 160 ? -9.374  -4.074  15.803  1.00 32.64 ? 160  ASN A C   1 
ATOM   1251 O  O   . ASN A 1 160 ? -10.315 -3.870  16.579  1.00 32.72 ? 160  ASN A O   1 
ATOM   1252 C  CB  . ASN A 1 160 ? -10.349 -5.985  14.460  1.00 32.63 ? 160  ASN A CB  1 
ATOM   1253 C  CG  . ASN A 1 160 ? -10.639 -6.489  13.070  1.00 33.82 ? 160  ASN A CG  1 
ATOM   1254 O  OD1 . ASN A 1 160 ? -11.460 -5.922  12.353  1.00 34.35 ? 160  ASN A OD1 1 
ATOM   1255 N  ND2 . ASN A 1 160 ? -9.906  -7.502  12.648  1.00 37.28 ? 160  ASN A ND2 1 
ATOM   1256 N  N   . ASP A 1 161 ? -8.116  -3.781  16.099  1.00 32.00 ? 161  ASP A N   1 
ATOM   1257 C  CA  . ASP A 1 161 ? -7.790  -3.329  17.441  1.00 32.97 ? 161  ASP A CA  1 
ATOM   1258 C  C   . ASP A 1 161 ? -7.824  -1.817  17.673  1.00 31.24 ? 161  ASP A C   1 
ATOM   1259 O  O   . ASP A 1 161 ? -8.676  -1.338  18.406  1.00 31.19 ? 161  ASP A O   1 
ATOM   1260 C  CB  . ASP A 1 161 ? -6.546  -4.057  17.949  1.00 33.86 ? 161  ASP A CB  1 
ATOM   1261 C  CG  . ASP A 1 161 ? -6.804  -5.577  18.069  1.00 38.04 ? 161  ASP A CG  1 
ATOM   1262 O  OD1 . ASP A 1 161 ? -7.932  -5.947  18.505  1.00 42.97 ? 161  ASP A OD1 1 
ATOM   1263 O  OD2 . ASP A 1 161 ? -5.992  -6.474  17.695  1.00 43.40 ? 161  ASP A OD2 1 
ATOM   1264 N  N   . SER A 1 162 ? -6.948  -1.061  17.029  1.00 30.30 ? 162  SER A N   1 
ATOM   1265 C  CA  . SER A 1 162 ? -7.000  0.407   17.117  1.00 29.36 ? 162  SER A CA  1 
ATOM   1266 C  C   . SER A 1 162 ? -6.319  1.008   15.877  1.00 29.01 ? 162  SER A C   1 
ATOM   1267 O  O   . SER A 1 162 ? -5.528  0.321   15.229  1.00 27.84 ? 162  SER A O   1 
ATOM   1268 C  CB  . SER A 1 162 ? -6.277  0.883   18.376  1.00 29.87 ? 162  SER A CB  1 
ATOM   1269 O  OG  . SER A 1 162 ? -4.914  0.519   18.285  1.00 28.92 ? 162  SER A OG  1 
ATOM   1270 N  N   . GLN A 1 163 ? -6.603  2.272   15.541  1.00 28.41 ? 163  GLN A N   1 
ATOM   1271 C  CA  . GLN A 1 163 ? -5.772  2.954   14.535  1.00 27.72 ? 163  GLN A CA  1 
ATOM   1272 C  C   . GLN A 1 163 ? -4.285  3.041   14.982  1.00 28.37 ? 163  GLN A C   1 
ATOM   1273 O  O   . GLN A 1 163 ? -3.345  2.901   14.161  1.00 27.60 ? 163  GLN A O   1 
ATOM   1274 C  CB  . GLN A 1 163 ? -6.351  4.352   14.141  1.00 28.07 ? 163  GLN A CB  1 
ATOM   1275 C  CG  . GLN A 1 163 ? -7.740  4.316   13.418  1.00 25.35 ? 163  GLN A CG  1 
ATOM   1276 C  CD  . GLN A 1 163 ? -7.655  3.939   11.940  1.00 24.64 ? 163  GLN A CD  1 
ATOM   1277 O  OE1 . GLN A 1 163 ? -6.609  3.445   11.492  1.00 22.40 ? 163  GLN A OE1 1 
ATOM   1278 N  NE2 . GLN A 1 163 ? -8.749  4.166   11.175  1.00 23.55 ? 163  GLN A NE2 1 
ATOM   1279 N  N   . GLN A 1 164 ? -4.051  3.255   16.284  1.00 28.75 ? 164  GLN A N   1 
ATOM   1280 C  CA  . GLN A 1 164 ? -2.659  3.367   16.762  1.00 29.38 ? 164  GLN A CA  1 
ATOM   1281 C  C   . GLN A 1 164 ? -1.873  2.073   16.531  1.00 29.19 ? 164  GLN A C   1 
ATOM   1282 O  O   . GLN A 1 164 ? -0.713  2.089   16.166  1.00 29.12 ? 164  GLN A O   1 
ATOM   1283 C  CB  . GLN A 1 164 ? -2.588  3.750   18.245  1.00 29.57 ? 164  GLN A CB  1 
ATOM   1284 C  CG  . GLN A 1 164 ? -1.131  3.954   18.709  1.00 29.80 ? 164  GLN A CG  1 
ATOM   1285 C  CD  . GLN A 1 164 ? -0.505  5.188   18.090  1.00 31.45 ? 164  GLN A CD  1 
ATOM   1286 O  OE1 . GLN A 1 164 ? -1.150  6.238   18.001  1.00 33.16 ? 164  GLN A OE1 1 
ATOM   1287 N  NE2 . GLN A 1 164 ? 0.747   5.068   17.644  1.00 32.51 ? 164  GLN A NE2 1 
ATOM   1288 N  N   . SER A 1 165 ? -2.530  0.949   16.760  1.00 29.85 ? 165  SER A N   1 
ATOM   1289 C  CA  . SER A 1 165 ? -1.928  -0.357  16.561  1.00 30.03 ? 165  SER A CA  1 
ATOM   1290 C  C   . SER A 1 165 ? -1.402  -0.492  15.150  1.00 29.66 ? 165  SER A C   1 
ATOM   1291 O  O   . SER A 1 165 ? -0.324  -1.002  14.953  1.00 29.41 ? 165  SER A O   1 
ATOM   1292 C  CB  . SER A 1 165 ? -2.950  -1.448  16.857  1.00 30.77 ? 165  SER A CB  1 
ATOM   1293 O  OG  . SER A 1 165 ? -2.440  -2.340  17.833  1.00 35.75 ? 165  SER A OG  1 
ATOM   1294 N  N   . LEU A 1 166 ? -2.165  0.003   14.176  1.00 29.53 ? 166  LEU A N   1 
ATOM   1295 C  CA  . LEU A 1 166 ? -1.776  0.013   12.759  1.00 29.05 ? 166  LEU A CA  1 
ATOM   1296 C  C   . LEU A 1 166 ? -0.653  1.017   12.413  1.00 29.01 ? 166  LEU A C   1 
ATOM   1297 O  O   . LEU A 1 166 ? 0.186   0.758   11.536  1.00 28.48 ? 166  LEU A O   1 
ATOM   1298 C  CB  . LEU A 1 166 ? -3.025  0.242   11.877  1.00 28.59 ? 166  LEU A CB  1 
ATOM   1299 C  CG  . LEU A 1 166 ? -4.134  -0.830  11.900  1.00 27.47 ? 166  LEU A CG  1 
ATOM   1300 C  CD1 . LEU A 1 166 ? -5.304  -0.540  10.896  1.00 21.17 ? 166  LEU A CD1 1 
ATOM   1301 C  CD2 . LEU A 1 166 ? -3.552  -2.239  11.679  1.00 26.28 ? 166  LEU A CD2 1 
ATOM   1302 N  N   . LEU A 1 167 ? -0.635  2.156   13.109  1.00 29.39 ? 167  LEU A N   1 
ATOM   1303 C  CA  . LEU A 1 167 ? 0.465   3.120   12.995  1.00 29.56 ? 167  LEU A CA  1 
ATOM   1304 C  C   . LEU A 1 167 ? 1.771   2.504   13.497  1.00 29.59 ? 167  LEU A C   1 
ATOM   1305 O  O   . LEU A 1 167 ? 2.829   2.723   12.922  1.00 29.96 ? 167  LEU A O   1 
ATOM   1306 C  CB  . LEU A 1 167 ? 0.159   4.410   13.774  1.00 29.06 ? 167  LEU A CB  1 
ATOM   1307 C  CG  . LEU A 1 167 ? -1.055  5.233   13.339  1.00 28.35 ? 167  LEU A CG  1 
ATOM   1308 C  CD1 . LEU A 1 167 ? -1.328  6.379   14.333  1.00 28.68 ? 167  LEU A CD1 1 
ATOM   1309 C  CD2 . LEU A 1 167 ? -0.864  5.758   11.874  1.00 26.42 ? 167  LEU A CD2 1 
ATOM   1310 N  N   . ASN A 1 168 ? 1.693   1.731   14.571  1.00 29.94 ? 168  ASN A N   1 
ATOM   1311 C  CA  . ASN A 1 168 ? 2.896   1.053   15.074  1.00 30.67 ? 168  ASN A CA  1 
ATOM   1312 C  C   . ASN A 1 168 ? 3.448   -0.012  14.113  1.00 31.04 ? 168  ASN A C   1 
ATOM   1313 O  O   . ASN A 1 168 ? 4.621   -0.350  14.189  1.00 31.30 ? 168  ASN A O   1 
ATOM   1314 C  CB  . ASN A 1 168 ? 2.667   0.458   16.479  1.00 31.62 ? 168  ASN A CB  1 
ATOM   1315 C  CG  . ASN A 1 168 ? 2.289   1.523   17.518  1.00 32.09 ? 168  ASN A CG  1 
ATOM   1316 O  OD1 . ASN A 1 168 ? 2.572   2.708   17.335  1.00 31.74 ? 168  ASN A OD1 1 
ATOM   1317 N  ND2 . ASN A 1 168 ? 1.620   1.098   18.597  1.00 33.39 ? 168  ASN A ND2 1 
ATOM   1318 N  N   . GLU A 1 169 ? 2.610   -0.509  13.196  1.00 30.37 ? 169  GLU A N   1 
ATOM   1319 C  CA  . GLU A 1 169 ? 3.024   -1.526  12.239  1.00 31.03 ? 169  GLU A CA  1 
ATOM   1320 C  C   . GLU A 1 169 ? 4.007   -1.012  11.164  1.00 31.36 ? 169  GLU A C   1 
ATOM   1321 O  O   . GLU A 1 169 ? 3.759   -0.021  10.465  1.00 30.94 ? 169  GLU A O   1 
ATOM   1322 C  CB  . GLU A 1 169 ? 1.794   -2.200  11.616  1.00 31.43 ? 169  GLU A CB  1 
ATOM   1323 C  CG  . GLU A 1 169 ? 2.123   -3.349  10.654  1.00 33.08 ? 169  GLU A CG  1 
ATOM   1324 C  CD  . GLU A 1 169 ? 2.834   -4.517  11.311  1.00 32.57 ? 169  GLU A CD  1 
ATOM   1325 O  OE1 . GLU A 1 169 ? 2.316   -5.023  12.332  1.00 38.01 ? 169  GLU A OE1 1 
ATOM   1326 O  OE2 . GLU A 1 169 ? 3.903   -4.931  10.806  1.00 31.84 ? 169  GLU A OE2 1 
ATOM   1327 N  N   . MET A 1 170 ? 5.125   -1.711  11.038  1.00 31.04 ? 170  MET A N   1 
ATOM   1328 C  CA  . MET A 1 170 ? 6.175   -1.311  10.133  1.00 31.73 ? 170  MET A CA  1 
ATOM   1329 C  C   . MET A 1 170 ? 6.713   -2.493  9.332   1.00 31.13 ? 170  MET A C   1 
ATOM   1330 O  O   . MET A 1 170 ? 7.437   -2.283  8.387   1.00 30.34 ? 170  MET A O   1 
ATOM   1331 C  CB  . MET A 1 170 ? 7.331   -0.623  10.882  1.00 32.63 ? 170  MET A CB  1 
ATOM   1332 C  CG  . MET A 1 170 ? 6.933   0.703   11.564  1.00 37.22 ? 170  MET A CG  1 
ATOM   1333 S  SD  . MET A 1 170 ? 6.902   2.137   10.434  1.00 46.13 ? 170  MET A SD  1 
ATOM   1334 C  CE  . MET A 1 170 ? 8.701   2.572   10.369  1.00 46.52 ? 170  MET A CE  1 
ATOM   1335 N  N   . GLU A 1 171 ? 6.353   -3.723  9.676   1.00 30.19 ? 171  GLU A N   1 
ATOM   1336 C  CA  . GLU A 1 171 ? 6.961   -4.828  8.935   1.00 30.21 ? 171  GLU A CA  1 
ATOM   1337 C  C   . GLU A 1 171 ? 6.104   -5.641  7.950   1.00 28.24 ? 171  GLU A C   1 
ATOM   1338 O  O   . GLU A 1 171 ? 6.645   -6.248  7.017   1.00 27.89 ? 171  GLU A O   1 
ATOM   1339 C  CB  . GLU A 1 171 ? 7.891   -5.669  9.820   1.00 31.08 ? 171  GLU A CB  1 
ATOM   1340 C  CG  . GLU A 1 171 ? 7.283   -6.810  10.600  1.00 35.73 ? 171  GLU A CG  1 
ATOM   1341 C  CD  . GLU A 1 171 ? 8.352   -7.541  11.400  1.00 39.42 ? 171  GLU A CD  1 
ATOM   1342 O  OE1 . GLU A 1 171 ? 8.152   -8.743  11.702  1.00 43.57 ? 171  GLU A OE1 1 
ATOM   1343 O  OE2 . GLU A 1 171 ? 9.404   -6.925  11.694  1.00 39.33 ? 171  GLU A OE2 1 
ATOM   1344 N  N   . ASN A 1 172 ? 4.789   -5.587  8.124   1.00 26.45 ? 172  ASN A N   1 
ATOM   1345 C  CA  . ASN A 1 172 ? 3.846   -6.211  7.194   1.00 24.81 ? 172  ASN A CA  1 
ATOM   1346 C  C   . ASN A 1 172 ? 2.913   -5.154  6.578   1.00 24.21 ? 172  ASN A C   1 
ATOM   1347 O  O   . ASN A 1 172 ? 2.229   -4.438  7.288   1.00 22.78 ? 172  ASN A O   1 
ATOM   1348 C  CB  . ASN A 1 172 ? 3.005   -7.253  7.937   1.00 25.01 ? 172  ASN A CB  1 
ATOM   1349 C  CG  . ASN A 1 172 ? 2.059   -8.007  7.012   1.00 25.05 ? 172  ASN A CG  1 
ATOM   1350 O  OD1 . ASN A 1 172 ? 2.481   -8.631  6.055   1.00 28.23 ? 172  ASN A OD1 1 
ATOM   1351 N  ND2 . ASN A 1 172 ? 0.792   -7.974  7.317   1.00 27.25 ? 172  ASN A ND2 1 
ATOM   1352 N  N   . TRP A 1 173 ? 2.898   -5.055  5.252   1.00 23.66 ? 173  TRP A N   1 
ATOM   1353 C  CA  . TRP A 1 173 ? 2.139   -4.005  4.588   1.00 23.69 ? 173  TRP A CA  1 
ATOM   1354 C  C   . TRP A 1 173 ? 1.662   -4.557  3.243   1.00 22.60 ? 173  TRP A C   1 
ATOM   1355 O  O   . TRP A 1 173 ? 2.197   -4.176  2.220   1.00 24.60 ? 173  TRP A O   1 
ATOM   1356 C  CB  . TRP A 1 173 ? 3.009   -2.738  4.378   1.00 23.30 ? 173  TRP A CB  1 
ATOM   1357 C  CG  . TRP A 1 173 ? 4.492   -2.888  4.739   1.00 24.88 ? 173  TRP A CG  1 
ATOM   1358 C  CD1 . TRP A 1 173 ? 5.100   -2.671  5.982   1.00 25.69 ? 173  TRP A CD1 1 
ATOM   1359 C  CD2 . TRP A 1 173 ? 5.534   -3.296  3.856   1.00 24.35 ? 173  TRP A CD2 1 
ATOM   1360 N  NE1 . TRP A 1 173 ? 6.450   -2.925  5.896   1.00 24.17 ? 173  TRP A NE1 1 
ATOM   1361 C  CE2 . TRP A 1 173 ? 6.747   -3.305  4.602   1.00 26.66 ? 173  TRP A CE2 1 
ATOM   1362 C  CE3 . TRP A 1 173 ? 5.572   -3.646  2.483   1.00 26.44 ? 173  TRP A CE3 1 
ATOM   1363 C  CZ2 . TRP A 1 173 ? 7.984   -3.662  4.020   1.00 25.77 ? 173  TRP A CZ2 1 
ATOM   1364 C  CZ3 . TRP A 1 173 ? 6.786   -4.005  1.913   1.00 24.86 ? 173  TRP A CZ3 1 
ATOM   1365 C  CH2 . TRP A 1 173 ? 7.986   -4.003  2.687   1.00 24.87 ? 173  TRP A CH2 1 
ATOM   1366 N  N   . PRO A 1 174 ? 0.678   -5.451  3.245   1.00 22.40 ? 174  PRO A N   1 
ATOM   1367 C  CA  . PRO A 1 174 ? 0.167   -6.034  2.009   1.00 21.45 ? 174  PRO A CA  1 
ATOM   1368 C  C   . PRO A 1 174 ? 0.047   -4.983  0.912   1.00 20.99 ? 174  PRO A C   1 
ATOM   1369 O  O   . PRO A 1 174 ? -0.411  -3.863  1.184   1.00 20.06 ? 174  PRO A O   1 
ATOM   1370 C  CB  . PRO A 1 174 ? -1.204  -6.549  2.428   1.00 21.29 ? 174  PRO A CB  1 
ATOM   1371 C  CG  . PRO A 1 174 ? -0.956  -7.050  3.851   1.00 21.40 ? 174  PRO A CG  1 
ATOM   1372 C  CD  . PRO A 1 174 ? -0.073  -5.957  4.412   1.00 21.94 ? 174  PRO A CD  1 
ATOM   1373 N  N   . THR A 1 175 ? 0.413   -5.364  -0.312  1.00 20.04 ? 175  THR A N   1 
ATOM   1374 C  CA  . THR A 1 175 ? 0.726   -4.396  -1.364  1.00 19.40 ? 175  THR A CA  1 
ATOM   1375 C  C   . THR A 1 175 ? -0.018  -4.773  -2.628  1.00 19.05 ? 175  THR A C   1 
ATOM   1376 O  O   . THR A 1 175 ? 0.040   -5.936  -3.066  1.00 18.20 ? 175  THR A O   1 
ATOM   1377 C  CB  . THR A 1 175 ? 2.278   -4.361  -1.585  1.00 20.02 ? 175  THR A CB  1 
ATOM   1378 O  OG1 . THR A 1 175 ? 2.921   -3.807  -0.417  1.00 18.93 ? 175  THR A OG1 1 
ATOM   1379 C  CG2 . THR A 1 175 ? 2.693   -3.412  -2.690  1.00 20.21 ? 175  THR A CG2 1 
ATOM   1380 N  N   . TYR A 1 176 ? -0.652  -3.762  -3.243  1.00 18.03 ? 176  TYR A N   1 
ATOM   1381 C  CA  . TYR A 1 176 ? -1.630  -3.960  -4.311  1.00 17.25 ? 176  TYR A CA  1 
ATOM   1382 C  C   . TYR A 1 176 ? -1.314  -3.144  -5.565  1.00 17.81 ? 176  TYR A C   1 
ATOM   1383 O  O   . TYR A 1 176 ? -0.993  -1.964  -5.483  1.00 18.16 ? 176  TYR A O   1 
ATOM   1384 C  CB  . TYR A 1 176 ? -3.025  -3.690  -3.753  1.00 16.35 ? 176  TYR A CB  1 
ATOM   1385 C  CG  . TYR A 1 176 ? -3.386  -4.736  -2.707  1.00 19.50 ? 176  TYR A CG  1 
ATOM   1386 C  CD1 . TYR A 1 176 ? -4.108  -5.867  -3.053  1.00 19.34 ? 176  TYR A CD1 1 
ATOM   1387 C  CD2 . TYR A 1 176 ? -2.926  -4.622  -1.392  1.00 17.64 ? 176  TYR A CD2 1 
ATOM   1388 C  CE1 . TYR A 1 176 ? -4.381  -6.867  -2.090  1.00 19.93 ? 176  TYR A CE1 1 
ATOM   1389 C  CE2 . TYR A 1 176 ? -3.175  -5.615  -0.425  1.00 18.90 ? 176  TYR A CE2 1 
ATOM   1390 C  CZ  . TYR A 1 176 ? -3.922  -6.722  -0.782  1.00 18.79 ? 176  TYR A CZ  1 
ATOM   1391 O  OH  . TYR A 1 176 ? -4.208  -7.697  0.147   1.00 21.29 ? 176  TYR A OH  1 
ATOM   1392 N  N   . TYR A 1 177 ? -1.350  -3.793  -6.730  1.00 17.97 ? 177  TYR A N   1 
ATOM   1393 C  CA  . TYR A 1 177 ? -1.138  -3.110  -8.012  1.00 17.70 ? 177  TYR A CA  1 
ATOM   1394 C  C   . TYR A 1 177 ? -2.402  -3.389  -8.863  1.00 19.19 ? 177  TYR A C   1 
ATOM   1395 O  O   . TYR A 1 177 ? -3.153  -4.303  -8.543  1.00 17.87 ? 177  TYR A O   1 
ATOM   1396 C  CB  . TYR A 1 177 ? 0.112   -3.654  -8.719  1.00 18.37 ? 177  TYR A CB  1 
ATOM   1397 C  CG  . TYR A 1 177 ? 1.402   -2.969  -8.321  1.00 20.42 ? 177  TYR A CG  1 
ATOM   1398 C  CD1 . TYR A 1 177 ? 1.981   -1.972  -9.141  1.00 22.52 ? 177  TYR A CD1 1 
ATOM   1399 C  CD2 . TYR A 1 177 ? 2.049   -3.329  -7.151  1.00 18.78 ? 177  TYR A CD2 1 
ATOM   1400 C  CE1 . TYR A 1 177 ? 3.186   -1.342  -8.768  1.00 23.92 ? 177  TYR A CE1 1 
ATOM   1401 C  CE2 . TYR A 1 177 ? 3.245   -2.719  -6.768  1.00 23.62 ? 177  TYR A CE2 1 
ATOM   1402 C  CZ  . TYR A 1 177 ? 3.805   -1.737  -7.571  1.00 23.00 ? 177  TYR A CZ  1 
ATOM   1403 O  OH  . TYR A 1 177 ? 4.975   -1.156  -7.142  1.00 23.99 ? 177  TYR A OH  1 
ATOM   1404 N  N   . PRO A 1 178 ? -2.676  -2.605  -9.911  1.00 20.08 ? 178  PRO A N   1 
ATOM   1405 C  CA  . PRO A 1 178 ? -3.913  -2.805  -10.682 1.00 20.17 ? 178  PRO A CA  1 
ATOM   1406 C  C   . PRO A 1 178 ? -4.007  -4.239  -11.178 1.00 20.90 ? 178  PRO A C   1 
ATOM   1407 O  O   . PRO A 1 178 ? -3.018  -4.758  -11.728 1.00 22.31 ? 178  PRO A O   1 
ATOM   1408 C  CB  . PRO A 1 178 ? -3.754  -1.823  -11.868 1.00 20.16 ? 178  PRO A CB  1 
ATOM   1409 C  CG  . PRO A 1 178 ? -2.859  -0.722  -11.280 1.00 19.01 ? 178  PRO A CG  1 
ATOM   1410 C  CD  . PRO A 1 178 ? -1.858  -1.491  -10.438 1.00 20.51 ? 178  PRO A CD  1 
ATOM   1411 N  N   . TYR A 1 179 ? -5.166  -4.863  -10.968 1.00 22.19 ? 179  TYR A N   1 
ATOM   1412 C  CA  . TYR A 1 179 ? -5.408  -6.256  -11.406 1.00 23.52 ? 179  TYR A CA  1 
ATOM   1413 C  C   . TYR A 1 179 ? -5.079  -6.437  -12.889 1.00 23.61 ? 179  TYR A C   1 
ATOM   1414 O  O   . TYR A 1 179 ? -4.580  -7.488  -13.306 1.00 23.55 ? 179  TYR A O   1 
ATOM   1415 C  CB  . TYR A 1 179 ? -6.881  -6.650  -11.140 1.00 23.09 ? 179  TYR A CB  1 
ATOM   1416 C  CG  . TYR A 1 179 ? -7.206  -8.092  -11.447 1.00 24.49 ? 179  TYR A CG  1 
ATOM   1417 C  CD1 . TYR A 1 179 ? -6.757  -9.120  -10.605 1.00 26.19 ? 179  TYR A CD1 1 
ATOM   1418 C  CD2 . TYR A 1 179 ? -7.924  -8.437  -12.600 1.00 25.76 ? 179  TYR A CD2 1 
ATOM   1419 C  CE1 . TYR A 1 179 ? -7.049  -10.487 -10.878 1.00 28.56 ? 179  TYR A CE1 1 
ATOM   1420 C  CE2 . TYR A 1 179 ? -8.231  -9.816  -12.889 1.00 28.86 ? 179  TYR A CE2 1 
ATOM   1421 C  CZ  . TYR A 1 179 ? -7.780  -10.828 -12.029 1.00 25.09 ? 179  TYR A CZ  1 
ATOM   1422 O  OH  . TYR A 1 179 ? -8.077  -12.174 -12.297 1.00 28.47 ? 179  TYR A OH  1 
ATOM   1423 N  N   . GLN A 1 180 ? -5.341  -5.396  -13.664 1.00 24.40 ? 180  GLN A N   1 
ATOM   1424 C  CA  . GLN A 1 180 ? -5.149  -5.422  -15.125 1.00 27.10 ? 180  GLN A CA  1 
ATOM   1425 C  C   . GLN A 1 180 ? -3.684  -5.501  -15.568 1.00 26.87 ? 180  GLN A C   1 
ATOM   1426 O  O   . GLN A 1 180 ? -3.381  -5.947  -16.683 1.00 26.83 ? 180  GLN A O   1 
ATOM   1427 C  CB  . GLN A 1 180 ? -5.842  -4.220  -15.772 1.00 27.53 ? 180  GLN A CB  1 
ATOM   1428 C  CG  . GLN A 1 180 ? -5.431  -2.848  -15.179 1.00 33.55 ? 180  GLN A CG  1 
ATOM   1429 C  CD  . GLN A 1 180 ? -6.479  -2.255  -14.207 1.00 40.67 ? 180  GLN A CD  1 
ATOM   1430 O  OE1 . GLN A 1 180 ? -6.864  -1.076  -14.367 1.00 43.94 ? 180  GLN A OE1 1 
ATOM   1431 N  NE2 . GLN A 1 180 ? -6.946  -3.060  -13.205 1.00 35.86 ? 180  GLN A NE2 1 
ATOM   1432 N  N   . LEU A 1 181 ? -2.756  -5.091  -14.716 1.00 26.25 ? 181  LEU A N   1 
ATOM   1433 C  CA  . LEU A 1 181 ? -1.348  -5.201  -15.097 1.00 26.68 ? 181  LEU A CA  1 
ATOM   1434 C  C   . LEU A 1 181 ? -0.906  -6.632  -15.218 1.00 27.30 ? 181  LEU A C   1 
ATOM   1435 O  O   . LEU A 1 181 ? -1.199  -7.447  -14.354 1.00 26.97 ? 181  LEU A O   1 
ATOM   1436 C  CB  . LEU A 1 181 ? -0.443  -4.527  -14.056 1.00 26.41 ? 181  LEU A CB  1 
ATOM   1437 C  CG  . LEU A 1 181 ? -0.454  -2.998  -13.977 1.00 27.37 ? 181  LEU A CG  1 
ATOM   1438 C  CD1 . LEU A 1 181 ? 0.681   -2.481  -13.069 1.00 26.11 ? 181  LEU A CD1 1 
ATOM   1439 C  CD2 . LEU A 1 181 ? -0.418  -2.342  -15.337 1.00 27.13 ? 181  LEU A CD2 1 
ATOM   1440 N  N   . SER A 1 182 ? -0.128  -6.938  -16.251 1.00 28.05 ? 182  SER A N   1 
ATOM   1441 C  CA  . SER A 1 182 ? 0.537   -8.223  -16.278 1.00 28.81 ? 182  SER A CA  1 
ATOM   1442 C  C   . SER A 1 182 ? 1.545   -8.339  -15.131 1.00 29.87 ? 182  SER A C   1 
ATOM   1443 O  O   . SER A 1 182 ? 1.948   -7.331  -14.504 1.00 29.70 ? 182  SER A O   1 
ATOM   1444 C  CB  . SER A 1 182 ? 1.199   -8.490  -17.637 1.00 29.58 ? 182  SER A CB  1 
ATOM   1445 O  OG  . SER A 1 182 ? 2.488   -7.904  -17.747 1.00 29.47 ? 182  SER A OG  1 
ATOM   1446 N  N   . SER A 1 183 ? 1.951   -9.574  -14.861 1.00 30.14 ? 183  SER A N   1 
ATOM   1447 C  CA  . SER A 1 183 ? 2.988   -9.830  -13.882 1.00 30.96 ? 183  SER A CA  1 
ATOM   1448 C  C   . SER A 1 183 ? 4.340   -9.196  -14.285 1.00 30.39 ? 183  SER A C   1 
ATOM   1449 O  O   . SER A 1 183 ? 5.036   -8.602  -13.455 1.00 29.29 ? 183  SER A O   1 
ATOM   1450 C  CB  . SER A 1 183 ? 3.069   -11.337 -13.577 1.00 32.15 ? 183  SER A CB  1 
ATOM   1451 O  OG  . SER A 1 183 ? 4.201   -11.935 -14.183 1.00 34.89 ? 183  SER A OG  1 
ATOM   1452 N  N   . GLU A 1 184 ? 4.686   -9.289  -15.571 1.00 29.70 ? 184  GLU A N   1 
ATOM   1453 C  CA  . GLU A 1 184 ? 5.836   -8.575  -16.147 1.00 29.88 ? 184  GLU A CA  1 
ATOM   1454 C  C   . GLU A 1 184 ? 5.768   -7.058  -15.926 1.00 29.05 ? 184  GLU A C   1 
ATOM   1455 O  O   . GLU A 1 184 ? 6.787   -6.427  -15.638 1.00 28.28 ? 184  GLU A O   1 
ATOM   1456 C  CB  . GLU A 1 184 ? 5.898   -8.872  -17.651 1.00 30.24 ? 184  GLU A CB  1 
ATOM   1457 C  CG  . GLU A 1 184 ? 6.595   -10.191 -18.007 1.00 34.05 ? 184  GLU A CG  1 
ATOM   1458 C  CD  . GLU A 1 184 ? 5.731   -11.426 -17.809 1.00 37.65 ? 184  GLU A CD  1 
ATOM   1459 O  OE1 . GLU A 1 184 ? 4.547   -11.430 -18.239 1.00 38.28 ? 184  GLU A OE1 1 
ATOM   1460 O  OE2 . GLU A 1 184 ? 6.245   -12.404 -17.208 1.00 42.27 ? 184  GLU A OE2 1 
ATOM   1461 N  N   . GLU A 1 185 ? 4.578   -6.468  -16.084 1.00 27.89 ? 185  GLU A N   1 
ATOM   1462 C  CA  . GLU A 1 185 ? 4.413   -5.020  -15.893 1.00 27.20 ? 185  GLU A CA  1 
ATOM   1463 C  C   . GLU A 1 185 ? 4.576   -4.601  -14.429 1.00 26.84 ? 185  GLU A C   1 
ATOM   1464 O  O   . GLU A 1 185 ? 5.113   -3.534  -14.135 1.00 26.63 ? 185  GLU A O   1 
ATOM   1465 C  CB  . GLU A 1 185 ? 3.072   -4.469  -16.426 1.00 27.85 ? 185  GLU A CB  1 
ATOM   1466 C  CG  A GLU A 1 185 ? 2.844   -4.677  -17.930 0.50 26.06 ? 185  GLU A CG  1 
ATOM   1467 C  CG  B GLU A 1 185 ? 3.047   -2.936  -16.407 0.50 28.03 ? 185  GLU A CG  1 
ATOM   1468 C  CD  A GLU A 1 185 ? 1.462   -4.273  -18.418 0.60 25.97 ? 185  GLU A CD  1 
ATOM   1469 C  CD  B GLU A 1 185 ? 4.339   -2.291  -16.939 0.40 29.20 ? 185  GLU A CD  1 
ATOM   1470 O  OE1 A GLU A 1 185 ? 1.357   -3.378  -19.294 0.60 26.87 ? 185  GLU A OE1 1 
ATOM   1471 O  OE1 B GLU A 1 185 ? 4.644   -2.437  -18.150 0.40 30.18 ? 185  GLU A OE1 1 
ATOM   1472 O  OE2 A GLU A 1 185 ? 0.475   -4.853  -17.949 0.70 23.60 ? 185  GLU A OE2 1 
ATOM   1473 O  OE2 B GLU A 1 185 ? 5.047   -1.623  -16.157 0.30 26.53 ? 185  GLU A OE2 1 
ATOM   1474 N  N   . VAL A 1 186 ? 4.094   -5.435  -13.517 1.00 26.19 ? 186  VAL A N   1 
ATOM   1475 C  CA  . VAL A 1 186 ? 4.327   -5.179  -12.098 1.00 25.59 ? 186  VAL A CA  1 
ATOM   1476 C  C   . VAL A 1 186 ? 5.839   -5.107  -11.880 1.00 24.90 ? 186  VAL A C   1 
ATOM   1477 O  O   . VAL A 1 186 ? 6.347   -4.146  -11.292 1.00 24.66 ? 186  VAL A O   1 
ATOM   1478 C  CB  . VAL A 1 186 ? 3.641   -6.224  -11.180 1.00 25.04 ? 186  VAL A CB  1 
ATOM   1479 C  CG1 . VAL A 1 186 ? 3.977   -5.947  -9.692  1.00 23.17 ? 186  VAL A CG1 1 
ATOM   1480 C  CG2 . VAL A 1 186 ? 2.128   -6.191  -11.390 1.00 25.73 ? 186  VAL A CG2 1 
ATOM   1481 N  N   . VAL A 1 187 ? 6.561   -6.108  -12.364 1.00 25.74 ? 187  VAL A N   1 
ATOM   1482 C  CA  . VAL A 1 187 ? 8.000   -6.145  -12.167 1.00 26.45 ? 187  VAL A CA  1 
ATOM   1483 C  C   . VAL A 1 187 ? 8.641   -4.883  -12.736 1.00 27.30 ? 187  VAL A C   1 
ATOM   1484 O  O   . VAL A 1 187 ? 9.473   -4.265  -12.073 1.00 27.40 ? 187  VAL A O   1 
ATOM   1485 C  CB  . VAL A 1 187 ? 8.650   -7.451  -12.752 1.00 26.80 ? 187  VAL A CB  1 
ATOM   1486 C  CG1 . VAL A 1 187 ? 10.153  -7.354  -12.723 1.00 27.33 ? 187  VAL A CG1 1 
ATOM   1487 C  CG2 . VAL A 1 187 ? 8.156   -8.717  -12.003 1.00 26.89 ? 187  VAL A CG2 1 
ATOM   1488 N  N   . GLU A 1 188 ? 8.256   -4.480  -13.945 1.00 29.11 ? 188  GLU A N   1 
ATOM   1489 C  CA  . GLU A 1 188 ? 8.830   -3.263  -14.537 1.00 31.01 ? 188  GLU A CA  1 
ATOM   1490 C  C   . GLU A 1 188 ? 8.490   -2.042  -13.706 1.00 31.63 ? 188  GLU A C   1 
ATOM   1491 O  O   . GLU A 1 188 ? 9.326   -1.158  -13.551 1.00 32.05 ? 188  GLU A O   1 
ATOM   1492 C  CB  . GLU A 1 188 ? 8.474   -3.050  -16.032 1.00 31.92 ? 188  GLU A CB  1 
ATOM   1493 C  CG  . GLU A 1 188 ? 9.198   -1.844  -16.692 1.00 36.67 ? 188  GLU A CG  1 
ATOM   1494 C  CD  . GLU A 1 188 ? 10.707  -1.704  -16.351 1.00 42.06 ? 188  GLU A CD  1 
ATOM   1495 O  OE1 . GLU A 1 188 ? 11.494  -2.578  -16.774 1.00 45.48 ? 188  GLU A OE1 1 
ATOM   1496 O  OE2 . GLU A 1 188 ? 11.139  -0.722  -15.669 1.00 42.07 ? 188  GLU A OE2 1 
ATOM   1497 N  N   . GLU A 1 189 ? 7.290   -2.002  -13.135 1.00 32.58 ? 189  GLU A N   1 
ATOM   1498 C  CA  . GLU A 1 189 ? 6.923   -0.866  -12.312 1.00 34.23 ? 189  GLU A CA  1 
ATOM   1499 C  C   . GLU A 1 189 ? 7.820   -0.852  -11.089 1.00 34.35 ? 189  GLU A C   1 
ATOM   1500 O  O   . GLU A 1 189 ? 8.395   0.184   -10.754 1.00 34.42 ? 189  GLU A O   1 
ATOM   1501 C  CB  . GLU A 1 189 ? 5.427   -0.869  -11.935 1.00 34.23 ? 189  GLU A CB  1 
ATOM   1502 C  CG  . GLU A 1 189 ? 4.478   -0.264  -12.978 1.00 37.32 ? 189  GLU A CG  1 
ATOM   1503 C  CD  . GLU A 1 189 ? 5.153   0.746   -13.915 1.00 43.95 ? 189  GLU A CD  1 
ATOM   1504 O  OE1 . GLU A 1 189 ? 5.848   0.312   -14.886 1.00 45.83 ? 189  GLU A OE1 1 
ATOM   1505 O  OE2 . GLU A 1 189 ? 4.988   1.977   -13.692 1.00 44.22 ? 189  GLU A OE2 1 
ATOM   1506 N  N   . MET A 1 190 ? 7.995   -2.016  -10.482 1.00 35.12 ? 190  MET A N   1 
ATOM   1507 C  CA  . MET A 1 190 ? 8.821   -2.158  -9.295  1.00 37.06 ? 190  MET A CA  1 
ATOM   1508 C  C   . MET A 1 190 ? 10.268  -1.799  -9.564  1.00 39.87 ? 190  MET A C   1 
ATOM   1509 O  O   . MET A 1 190 ? 10.956  -1.211  -8.702  1.00 39.67 ? 190  MET A O   1 
ATOM   1510 C  CB  . MET A 1 190 ? 8.755   -3.583  -8.783  1.00 36.52 ? 190  MET A CB  1 
ATOM   1511 C  CG  . MET A 1 190 ? 7.435   -3.908  -8.167  1.00 33.97 ? 190  MET A CG  1 
ATOM   1512 S  SD  . MET A 1 190 ? 7.430   -5.460  -7.324  1.00 29.51 ? 190  MET A SD  1 
ATOM   1513 C  CE  . MET A 1 190 ? 5.807   -5.307  -6.625  1.00 30.42 ? 190  MET A CE  1 
ATOM   1514 N  N   . MET A 1 191 ? 10.726  -2.169  -10.760 1.00 42.04 ? 191  MET A N   1 
ATOM   1515 C  CA  . MET A 1 191 ? 12.091  -1.897  -11.220 1.00 44.75 ? 191  MET A CA  1 
ATOM   1516 C  C   . MET A 1 191 ? 12.420  -0.406  -11.234 1.00 46.16 ? 191  MET A C   1 
ATOM   1517 O  O   . MET A 1 191 ? 13.586  -0.030  -11.103 1.00 47.01 ? 191  MET A O   1 
ATOM   1518 C  CB  . MET A 1 191 ? 12.277  -2.476  -12.620 1.00 44.60 ? 191  MET A CB  1 
ATOM   1519 C  CG  . MET A 1 191 ? 13.551  -3.208  -12.818 1.00 45.78 ? 191  MET A CG  1 
ATOM   1520 S  SD  . MET A 1 191 ? 13.501  -4.887  -12.205 1.00 49.20 ? 191  MET A SD  1 
ATOM   1521 C  CE  . MET A 1 191 ? 15.153  -5.247  -12.304 1.00 47.91 ? 191  MET A CE  1 
ATOM   1522 N  N   . SER A 1 192 ? 11.390  0.433   -11.385 1.00 48.08 ? 192  SER A N   1 
ATOM   1523 C  CA  . SER A 1 192 ? 11.565  1.885   -11.552 1.00 49.46 ? 192  SER A CA  1 
ATOM   1524 C  C   . SER A 1 192 ? 11.088  2.749   -10.367 1.00 50.20 ? 192  SER A C   1 
ATOM   1525 O  O   . SER A 1 192 ? 11.775  2.833   -9.333  1.00 50.28 ? 192  SER A O   1 
ATOM   1526 C  CB  . SER A 1 192 ? 10.899  2.329   -12.846 1.00 49.41 ? 192  SER A CB  1 
ATOM   1527 O  OG  . SER A 1 192 ? 11.606  1.783   -13.940 1.00 50.94 ? 192  SER A OG  1 
ATOM   1528 N  N   . HIS A 1 193 ? 9.925   3.383   -10.546 0.75 50.52 ? 193  HIS A N   1 
ATOM   1529 C  CA  . HIS A 1 193 ? 9.296   4.307   -9.581  0.50 50.95 ? 193  HIS A CA  1 
ATOM   1530 C  C   . HIS A 1 193 ? 10.220  4.934   -8.535  0.50 50.99 ? 193  HIS A C   1 
ATOM   1531 O  O   . HIS A 1 193 ? 9.753   5.556   -7.576  0.50 51.08 ? 193  HIS A O   1 
ATOM   1532 C  CB  . HIS A 1 193 ? 8.078   3.655   -8.907  0.50 51.02 ? 193  HIS A CB  1 
ATOM   1533 C  CG  . HIS A 1 193 ? 6.765   4.238   -9.337  0.50 51.57 ? 193  HIS A CG  1 
ATOM   1534 N  ND1 . HIS A 1 193 ? 5.753   3.475   -9.884  0.50 50.75 ? 193  HIS A ND1 1 
ATOM   1535 C  CD2 . HIS A 1 193 ? 6.298   5.510   -9.299  0.50 51.36 ? 193  HIS A CD2 1 
ATOM   1536 C  CE1 . HIS A 1 193 ? 4.724   4.253   -10.167 0.50 51.00 ? 193  HIS A CE1 1 
ATOM   1537 N  NE2 . HIS A 1 193 ? 5.028   5.492   -9.821  0.50 50.92 ? 193  HIS A NE2 1 
HETATM 1538 NI NI  . NI  B 2 .   ? 5.168   1.439   -2.689  1.00 31.53 ? 1194 NI  A NI  1 
HETATM 1539 O  O   . HOH C 3 .   ? 0.485   17.909  -13.119 1.00 45.08 ? 2001 HOH A O   1 
HETATM 1540 O  O   . HOH C 3 .   ? 5.203   12.487  -13.282 1.00 35.22 ? 2002 HOH A O   1 
HETATM 1541 O  O   . HOH C 3 .   ? 6.129   21.201  -10.275 1.00 42.26 ? 2003 HOH A O   1 
HETATM 1542 O  O   . HOH C 3 .   ? -0.678  14.320  -4.994  1.00 28.49 ? 2004 HOH A O   1 
HETATM 1543 O  O   . HOH C 3 .   ? 13.352  15.139  -11.115 1.00 40.18 ? 2005 HOH A O   1 
HETATM 1544 O  O   . HOH C 3 .   ? 5.299   9.736   0.904   1.00 30.61 ? 2006 HOH A O   1 
HETATM 1545 O  O   . HOH C 3 .   ? 7.206   17.648  -1.094  1.00 26.15 ? 2007 HOH A O   1 
HETATM 1546 O  O   . HOH C 3 .   ? -3.206  -12.135 -8.291  1.00 37.30 ? 2008 HOH A O   1 
HETATM 1547 O  O   . HOH C 3 .   ? 5.961   23.295  8.120   1.00 31.80 ? 2009 HOH A O   1 
HETATM 1548 O  O   . HOH C 3 .   ? 9.404   20.822  6.091   1.00 33.41 ? 2010 HOH A O   1 
HETATM 1549 O  O   . HOH C 3 .   ? 6.589   19.642  8.321   1.00 37.24 ? 2011 HOH A O   1 
HETATM 1550 O  O   . HOH C 3 .   ? 7.987   22.165  9.131   1.00 37.27 ? 2012 HOH A O   1 
HETATM 1551 O  O   . HOH C 3 .   ? 6.363   19.706  0.950   1.00 26.92 ? 2013 HOH A O   1 
HETATM 1552 O  O   . HOH C 3 .   ? 5.205   20.239  11.165  1.00 35.82 ? 2014 HOH A O   1 
HETATM 1553 O  O   . HOH C 3 .   ? -1.806  20.715  5.823   1.00 31.40 ? 2015 HOH A O   1 
HETATM 1554 O  O   . HOH C 3 .   ? -8.384  17.139  0.389   1.00 30.40 ? 2016 HOH A O   1 
HETATM 1555 O  O   . HOH C 3 .   ? -6.453  18.125  7.612   1.00 29.17 ? 2017 HOH A O   1 
HETATM 1556 O  O   . HOH C 3 .   ? -7.376  15.499  8.488   1.00 26.00 ? 2018 HOH A O   1 
HETATM 1557 O  O   . HOH C 3 .   ? -12.124 13.220  2.395   1.00 33.10 ? 2019 HOH A O   1 
HETATM 1558 O  O   . HOH C 3 .   ? -9.075  12.651  -2.825  1.00 27.59 ? 2020 HOH A O   1 
HETATM 1559 O  O   . HOH C 3 .   ? -13.846 8.981   1.430   1.00 22.06 ? 2021 HOH A O   1 
HETATM 1560 O  O   . HOH C 3 .   ? -7.832  4.831   -8.301  1.00 30.48 ? 2022 HOH A O   1 
HETATM 1561 O  O   . HOH C 3 .   ? -10.448 10.204  -6.487  1.00 24.80 ? 2023 HOH A O   1 
HETATM 1562 O  O   . HOH C 3 .   ? -6.872  -13.402 -7.942  1.00 36.63 ? 2024 HOH A O   1 
HETATM 1563 O  O   . HOH C 3 .   ? -15.345 -3.784  -6.345  1.00 31.61 ? 2025 HOH A O   1 
HETATM 1564 O  O   . HOH C 3 .   ? -15.082 4.744   -3.756  1.00 26.60 ? 2026 HOH A O   1 
HETATM 1565 O  O   . HOH C 3 .   ? -16.447 4.937   -7.303  1.00 35.37 ? 2027 HOH A O   1 
HETATM 1566 O  O   . HOH C 3 .   ? -13.452 7.239   -8.951  1.00 36.45 ? 2028 HOH A O   1 
HETATM 1567 O  O   . HOH C 3 .   ? -0.497  -10.748 -8.223  1.00 28.36 ? 2029 HOH A O   1 
HETATM 1568 O  O   . HOH C 3 .   ? -10.371 5.371   16.049  1.00 32.38 ? 2030 HOH A O   1 
HETATM 1569 O  O   . HOH C 3 .   ? 2.892   -17.909 2.638   1.00 36.44 ? 2031 HOH A O   1 
HETATM 1570 O  O   . HOH C 3 .   ? 6.475   6.723   13.757  1.00 36.27 ? 2032 HOH A O   1 
HETATM 1571 O  O   . HOH C 3 .   ? 10.136  -13.311 -6.136  1.00 18.66 ? 2033 HOH A O   1 
HETATM 1572 O  O   . HOH C 3 .   ? -0.566  -16.246 -1.920  1.00 33.42 ? 2034 HOH A O   1 
HETATM 1573 O  O   . HOH C 3 .   ? 10.141  -17.494 -4.353  1.00 29.82 ? 2035 HOH A O   1 
HETATM 1574 O  O   . HOH C 3 .   ? 14.118  -17.582 -5.889  1.00 25.72 ? 2036 HOH A O   1 
HETATM 1575 O  O   . HOH C 3 .   ? 16.376  -15.249 -9.015  1.00 37.46 ? 2037 HOH A O   1 
HETATM 1576 O  O   . HOH C 3 .   ? -7.943  2.846   21.429  1.00 39.36 ? 2038 HOH A O   1 
HETATM 1577 O  O   . HOH C 3 .   ? 20.311  -12.146 -14.671 1.00 28.94 ? 2039 HOH A O   1 
HETATM 1578 O  O   . HOH C 3 .   ? 21.725  -2.900  -9.742  1.00 27.62 ? 2040 HOH A O   1 
HETATM 1579 O  O   . HOH C 3 .   ? 19.097  -0.889  -3.934  1.00 29.12 ? 2041 HOH A O   1 
HETATM 1580 O  O   . HOH C 3 .   ? 24.231  -6.261  -2.084  1.00 7.96  ? 2042 HOH A O   1 
HETATM 1581 O  O   . HOH C 3 .   ? 26.185  -5.962  -3.405  1.00 30.88 ? 2043 HOH A O   1 
HETATM 1582 O  O   . HOH C 3 .   ? 25.784  -7.620  -5.582  1.00 23.50 ? 2044 HOH A O   1 
HETATM 1583 O  O   . HOH C 3 .   ? 24.095  1.633   0.098   1.00 39.39 ? 2045 HOH A O   1 
HETATM 1584 O  O   . HOH C 3 .   ? 26.252  -6.723  1.839   1.00 36.27 ? 2046 HOH A O   1 
HETATM 1585 O  O   . HOH C 3 .   ? 25.650  0.501   -1.848  1.00 20.96 ? 2047 HOH A O   1 
HETATM 1586 O  O   . HOH C 3 .   ? 26.117  -7.300  -0.749  1.00 35.82 ? 2048 HOH A O   1 
HETATM 1587 O  O   . HOH C 3 .   ? 22.088  -12.912 3.603   1.00 35.46 ? 2049 HOH A O   1 
HETATM 1588 O  O   . HOH C 3 .   ? 21.689  -13.417 0.303   1.00 33.18 ? 2050 HOH A O   1 
HETATM 1589 O  O   . HOH C 3 .   ? -8.800  -5.865  -16.285 1.00 43.40 ? 2051 HOH A O   1 
HETATM 1590 O  O   . HOH C 3 .   ? 24.505  -7.568  4.699   1.00 29.83 ? 2052 HOH A O   1 
HETATM 1591 O  O   . HOH C 3 .   ? 12.090  -16.008 3.022   1.00 47.95 ? 2053 HOH A O   1 
HETATM 1592 O  O   . HOH C 3 .   ? 9.323   -6.098  6.201   1.00 22.38 ? 2054 HOH A O   1 
HETATM 1593 O  O   . HOH C 3 .   ? 10.042  -0.878  6.277   1.00 37.42 ? 2055 HOH A O   1 
HETATM 1594 O  O   . HOH C 3 .   ? 5.903   -18.225 2.263   1.00 41.12 ? 2056 HOH A O   1 
HETATM 1595 O  O   . HOH C 3 .   ? 4.660   -10.653 7.544   1.00 24.17 ? 2057 HOH A O   1 
HETATM 1596 O  O   . HOH C 3 .   ? 0.917   -8.095  -0.926  1.00 21.54 ? 2058 HOH A O   1 
HETATM 1597 O  O   . HOH C 3 .   ? -1.716  -12.533 -1.354  1.00 21.42 ? 2059 HOH A O   1 
HETATM 1598 O  O   . HOH C 3 .   ? -5.363  -11.265 -7.722  1.00 32.07 ? 2060 HOH A O   1 
HETATM 1599 O  O   . HOH C 3 .   ? -14.667 -2.441  -8.138  1.00 38.19 ? 2061 HOH A O   1 
HETATM 1600 O  O   . HOH C 3 .   ? -17.910 -15.129 -0.386  1.00 43.50 ? 2062 HOH A O   1 
HETATM 1601 O  O   . HOH C 3 .   ? -12.070 -11.186 3.639   1.00 33.50 ? 2063 HOH A O   1 
HETATM 1602 O  O   . HOH C 3 .   ? -17.392 5.148   2.142   1.00 31.55 ? 2064 HOH A O   1 
HETATM 1603 O  O   . HOH C 3 .   ? -16.391 9.696   8.497   1.00 25.32 ? 2065 HOH A O   1 
HETATM 1604 O  O   . HOH C 3 .   ? -10.841 5.345   13.026  1.00 29.43 ? 2066 HOH A O   1 
HETATM 1605 O  O   . HOH C 3 .   ? -0.708  18.028  8.264   1.00 35.06 ? 2067 HOH A O   1 
HETATM 1606 O  O   . HOH C 3 .   ? -0.406  14.119  11.284  1.00 33.45 ? 2068 HOH A O   1 
HETATM 1607 O  O   . HOH C 3 .   ? 5.721   12.673  11.732  1.00 31.51 ? 2069 HOH A O   1 
HETATM 1608 O  O   . HOH C 3 .   ? 6.121   9.138   13.521  1.00 28.88 ? 2070 HOH A O   1 
HETATM 1609 O  O   . HOH C 3 .   ? 6.189   5.351   2.598   1.00 30.75 ? 2071 HOH A O   1 
HETATM 1610 O  O   . HOH C 3 .   ? 16.395  11.944  4.427   1.00 45.12 ? 2072 HOH A O   1 
HETATM 1611 O  O   . HOH C 3 .   ? 2.887   9.362   1.706   1.00 22.98 ? 2073 HOH A O   1 
HETATM 1612 O  O   . HOH C 3 .   ? -18.785 2.452   8.217   1.00 29.40 ? 2074 HOH A O   1 
HETATM 1613 O  O   . HOH C 3 .   ? -15.178 9.130   11.977  1.00 27.65 ? 2075 HOH A O   1 
HETATM 1614 O  O   . HOH C 3 .   ? -21.091 -1.320  4.779   1.00 30.65 ? 2076 HOH A O   1 
HETATM 1615 O  O   . HOH C 3 .   ? -18.694 -8.323  5.155   1.00 23.79 ? 2077 HOH A O   1 
HETATM 1616 O  O   . HOH C 3 .   ? -15.286 -10.143 12.507  1.00 49.55 ? 2078 HOH A O   1 
HETATM 1617 O  O   . HOH C 3 .   ? -15.792 -4.029  11.187  1.00 41.28 ? 2079 HOH A O   1 
HETATM 1618 O  O   . HOH C 3 .   ? -16.161 0.827   14.103  1.00 40.35 ? 2080 HOH A O   1 
HETATM 1619 O  O   . HOH C 3 .   ? -9.944  2.458   19.198  1.00 35.65 ? 2081 HOH A O   1 
HETATM 1620 O  O   . HOH C 3 .   ? 3.511   11.872  -4.421  1.00 26.71 ? 2082 HOH A O   1 
HETATM 1621 O  O   . HOH C 3 .   ? 6.399   7.303   0.345   1.00 40.78 ? 2083 HOH A O   1 
HETATM 1622 O  O   . HOH C 3 .   ? 0.186   7.981   1.125   1.00 26.33 ? 2084 HOH A O   1 
HETATM 1623 O  O   . HOH C 3 .   ? 1.680   13.686  -3.380  1.00 21.30 ? 2085 HOH A O   1 
HETATM 1624 O  O   . HOH C 3 .   ? -3.955  17.315  -5.420  1.00 28.09 ? 2086 HOH A O   1 
HETATM 1625 O  O   . HOH C 3 .   ? -5.063  11.609  -10.254 1.00 33.47 ? 2087 HOH A O   1 
HETATM 1626 O  O   . HOH C 3 .   ? 0.586   0.808   -11.411 1.00 32.08 ? 2088 HOH A O   1 
HETATM 1627 O  O   . HOH C 3 .   ? 1.066   4.965   -5.847  1.00 31.89 ? 2089 HOH A O   1 
HETATM 1628 O  O   . HOH C 3 .   ? 3.406   2.126   -8.897  1.00 37.25 ? 2090 HOH A O   1 
HETATM 1629 O  O   . HOH C 3 .   ? 7.169   -0.061  -2.647  1.00 27.37 ? 2091 HOH A O   1 
HETATM 1630 O  O   . HOH C 3 .   ? -5.870  -2.584  14.718  1.00 31.02 ? 2092 HOH A O   1 
HETATM 1631 O  O   . HOH C 3 .   ? -8.402  3.509   17.087  1.00 35.21 ? 2093 HOH A O   1 
HETATM 1632 O  O   . HOH C 3 .   ? -6.139  4.734   17.874  1.00 33.15 ? 2094 HOH A O   1 
HETATM 1633 O  O   . HOH C 3 .   ? -4.787  -2.821  19.812  1.00 57.11 ? 2095 HOH A O   1 
HETATM 1634 O  O   . HOH C 3 .   ? 1.096   -1.861  18.982  1.00 46.09 ? 2096 HOH A O   1 
HETATM 1635 O  O   . HOH C 3 .   ? 6.186   -3.603  13.137  1.00 38.86 ? 2097 HOH A O   1 
HETATM 1636 O  O   . HOH C 3 .   ? -4.061  -10.278 -12.159 1.00 36.12 ? 2098 HOH A O   1 
HETATM 1637 O  O   . HOH C 3 .   ? -7.060  -13.916 -10.676 1.00 34.23 ? 2099 HOH A O   1 
HETATM 1638 O  O   . HOH C 3 .   ? -9.010  -5.095  -13.902 1.00 30.92 ? 2100 HOH A O   1 
HETATM 1639 O  O   . HOH C 3 .   ? -3.973  -8.079  -18.488 1.00 36.84 ? 2101 HOH A O   1 
# 
